data_5FPS
#
_entry.id   5FPS
#
_cell.length_a   91.367
_cell.length_b   110.504
_cell.length_c   142.687
_cell.angle_alpha   90.00
_cell.angle_beta   90.00
_cell.angle_gamma   90.00
#
_symmetry.space_group_name_H-M   'P 21 21 21'
#
loop_
_entity.id
_entity.type
_entity.pdbx_description
1 polymer 'HEPATITIS C VIRUS FULL-LENGTH NS3 COMPLEX'
2 non-polymer '3-AMINOBENZENE-1,2-DICARBOXYLIC ACID'
3 water water
#
_entity_poly.entity_id   1
_entity_poly.type   'polypeptide(L)'
_entity_poly.pdbx_seq_one_letter_code
;MGSSHHHHHHSSGLVPRGSHMGSVVIVGRIILSGSGSITAYSQQTRGLLGCIITSLTGRDKNQVEGEVQVVSTATQSFLA
TCVNGVCWTVYHGAGSKTLAGPKGPITQMYTNVDQDLVGWQAPPGARSLTPCTCGSSDLYLVTRHADVIPVRRRGDSRGS
LLSPRPVSYLKGSSGGPLLCPSGHAVGIFRAAVCTRGVAKAVDFVPVESMETTMRSPVFTDNSSPPAVPQSFQVAHLHAP
TGSGKSTKVPAAYAAQGYKVLVLNPSVAATLGFGAYMSKAHGIDPNIRTGVRTITTGAPVTYSTYGKFLADGGCSGGAYD
IIICDECHSTDSTTILGIGTVLDQAETAGARLVVLATATPPGSVTVPHPNIEEVALSNTGEIPFYGKAIPIEAIRGGRHL
IFCHSKKKCDELAAKLSGLGINAVAYYRGLDVSVIPTIGDVVVVATDALMTGYTGDFDSVIDCNTCVTQTVDFSLDPTFT
IETTTVPQDAVSRSQRRGRTGRGRRGIYRFVTPGERPSGMFDSSVLCECYDAGCAWYELTPAETSVRLRAYLNTPGLPVC
QDHLEFWESVFTGLTHIDAHFLSQTKQAGDNFPYLVAYQATVCARAQAPPPSWDQMWKCLIRLKPTLHGPTPLLYRLGAV
QNEVTLTHPITKYIMACMSADLEVVT
;
_entity_poly.pdbx_strand_id   A,B
#
loop_
_chem_comp.id
_chem_comp.type
_chem_comp.name
_chem_comp.formula
UP8 non-polymer '3-AMINOBENZENE-1,2-DICARBOXYLIC ACID' 'C8 H7 N O4'
#
# COMPACT_ATOMS: atom_id res chain seq x y z
N GLY A 22 -1.71 20.79 -11.37
CA GLY A 22 -2.00 19.96 -10.20
C GLY A 22 -1.61 20.62 -8.89
N SER A 23 -2.52 21.44 -8.33
CA SER A 23 -2.28 22.13 -7.07
C SER A 23 -2.45 21.14 -5.92
N VAL A 24 -2.08 21.58 -4.68
CA VAL A 24 -2.33 20.96 -3.38
C VAL A 24 -3.64 21.57 -2.88
N VAL A 25 -4.57 20.74 -2.38
CA VAL A 25 -5.94 21.17 -1.98
C VAL A 25 -6.16 20.99 -0.52
N ILE A 26 -6.83 21.98 0.11
CA ILE A 26 -7.32 21.81 1.50
C ILE A 26 -8.63 21.01 1.43
N VAL A 27 -8.71 19.87 2.15
CA VAL A 27 -9.81 18.89 2.07
C VAL A 27 -10.55 18.76 3.43
N GLY A 28 -9.92 19.36 4.45
CA GLY A 28 -10.48 19.47 5.78
C GLY A 28 -9.53 20.25 6.65
N ARG A 29 -9.80 20.23 7.95
CA ARG A 29 -8.99 20.90 8.97
C ARG A 29 -9.05 20.17 10.34
N ILE A 30 -8.05 20.41 11.22
CA ILE A 30 -7.97 19.95 12.63
C ILE A 30 -8.12 21.22 13.52
N ILE A 31 -9.19 21.25 14.34
CA ILE A 31 -9.54 22.30 15.26
C ILE A 31 -8.98 21.96 16.62
N LEU A 32 -8.12 22.85 17.20
CA LEU A 32 -7.51 22.61 18.49
C LEU A 32 -8.32 23.22 19.61
N SER A 33 -8.15 22.72 20.85
CA SER A 33 -8.84 23.37 21.98
C SER A 33 -8.23 24.76 22.35
N GLY A 34 -9.03 25.58 23.04
CA GLY A 34 -8.65 26.93 23.46
C GLY A 34 -8.33 27.06 24.93
N SER A 35 -8.57 25.99 25.71
CA SER A 35 -8.33 25.96 27.15
C SER A 35 -8.05 24.57 27.65
N GLY A 36 -7.25 24.51 28.70
CA GLY A 36 -6.89 23.26 29.34
C GLY A 36 -6.02 22.41 28.43
N SER A 37 -6.21 21.08 28.54
CA SER A 37 -5.44 20.08 27.82
C SER A 37 -5.53 20.33 26.33
N ILE A 38 -4.45 20.03 25.62
CA ILE A 38 -4.51 20.08 24.16
C ILE A 38 -5.38 18.90 23.74
N THR A 39 -6.55 19.24 23.18
CA THR A 39 -7.43 18.28 22.51
C THR A 39 -7.61 18.76 21.08
N ALA A 40 -8.10 17.88 20.19
CA ALA A 40 -8.39 18.27 18.81
C ALA A 40 -9.54 17.44 18.26
N TYR A 41 -10.22 17.97 17.25
CA TYR A 41 -11.19 17.23 16.46
C TYR A 41 -11.00 17.57 14.99
N SER A 42 -11.31 16.63 14.10
CA SER A 42 -11.25 16.81 12.66
C SER A 42 -12.61 17.26 12.01
N GLN A 43 -12.48 17.97 10.87
CA GLN A 43 -13.61 18.37 10.02
C GLN A 43 -13.20 18.18 8.56
N GLN A 44 -13.95 17.36 7.83
CA GLN A 44 -13.74 17.12 6.40
C GLN A 44 -14.63 18.09 5.62
N THR A 45 -14.00 18.99 4.80
CA THR A 45 -14.67 20.09 4.08
C THR A 45 -14.83 19.78 2.58
N ARG A 46 -14.25 18.67 2.13
CA ARG A 46 -14.17 18.36 0.71
C ARG A 46 -14.11 16.86 0.48
N GLY A 47 -14.87 16.38 -0.49
CA GLY A 47 -14.76 15.01 -1.00
C GLY A 47 -13.76 14.86 -2.14
N LEU A 48 -13.60 13.60 -2.66
CA LEU A 48 -12.67 13.25 -3.75
C LEU A 48 -12.82 14.07 -5.05
N LEU A 49 -14.08 14.26 -5.50
CA LEU A 49 -14.38 15.02 -6.67
C LEU A 49 -13.99 16.51 -6.54
N GLY A 50 -14.41 17.14 -5.45
CA GLY A 50 -14.07 18.51 -5.09
C GLY A 50 -12.57 18.68 -5.11
N CYS A 51 -11.87 17.76 -4.41
CA CYS A 51 -10.41 17.72 -4.36
C CYS A 51 -9.78 17.71 -5.75
N ILE A 52 -10.10 16.71 -6.60
CA ILE A 52 -9.54 16.57 -7.96
C ILE A 52 -9.90 17.78 -8.83
N ILE A 53 -11.12 18.32 -8.73
CA ILE A 53 -11.47 19.53 -9.49
C ILE A 53 -10.62 20.74 -9.02
N THR A 54 -10.56 20.98 -7.68
CA THR A 54 -9.79 22.09 -7.08
C THR A 54 -8.25 21.95 -7.40
N SER A 55 -7.74 20.71 -7.43
CA SER A 55 -6.36 20.42 -7.79
C SER A 55 -6.06 20.87 -9.24
N LEU A 56 -7.05 20.73 -10.15
CA LEU A 56 -6.91 21.11 -11.55
C LEU A 56 -7.02 22.59 -11.78
N THR A 57 -8.03 23.25 -11.18
CA THR A 57 -8.30 24.67 -11.43
C THR A 57 -7.28 25.56 -10.72
N GLY A 58 -6.73 25.03 -9.63
CA GLY A 58 -5.93 25.79 -8.68
C GLY A 58 -6.76 26.79 -7.89
N ARG A 59 -8.10 26.77 -8.07
CA ARG A 59 -9.02 27.75 -7.50
C ARG A 59 -9.89 27.16 -6.37
N ASP A 60 -9.63 27.60 -5.13
CA ASP A 60 -10.41 27.22 -3.96
C ASP A 60 -11.07 28.45 -3.29
N LYS A 61 -12.35 28.63 -3.61
CA LYS A 61 -13.16 29.71 -3.05
C LYS A 61 -13.64 29.42 -1.60
N ASN A 62 -13.45 28.18 -1.11
CA ASN A 62 -13.83 27.82 0.25
C ASN A 62 -13.04 28.62 1.25
N GLN A 63 -13.75 29.06 2.29
CA GLN A 63 -13.22 29.86 3.39
C GLN A 63 -12.37 28.99 4.29
N VAL A 64 -11.10 29.38 4.39
CA VAL A 64 -10.17 28.82 5.37
C VAL A 64 -10.57 29.23 6.80
N GLU A 65 -10.68 28.25 7.69
CA GLU A 65 -10.80 28.44 9.13
C GLU A 65 -9.63 27.66 9.72
N GLY A 66 -9.30 27.89 10.99
CA GLY A 66 -8.27 27.12 11.68
C GLY A 66 -6.84 27.33 11.23
N GLU A 67 -5.89 26.80 12.05
CA GLU A 67 -4.43 26.96 11.94
C GLU A 67 -3.82 25.75 11.20
N VAL A 68 -4.49 24.58 11.31
CA VAL A 68 -4.05 23.28 10.85
C VAL A 68 -5.02 22.76 9.79
N GLN A 69 -4.45 22.64 8.61
CA GLN A 69 -5.15 22.26 7.41
C GLN A 69 -4.87 20.82 7.14
N VAL A 70 -5.90 20.12 6.65
CA VAL A 70 -5.69 18.83 6.04
C VAL A 70 -5.54 19.08 4.53
N VAL A 71 -4.43 18.67 3.97
CA VAL A 71 -4.06 18.98 2.58
C VAL A 71 -3.99 17.68 1.79
N SER A 72 -4.30 17.74 0.50
CA SER A 72 -4.16 16.57 -0.34
C SER A 72 -3.62 16.90 -1.73
N THR A 73 -2.71 16.04 -2.21
CA THR A 73 -2.44 15.89 -3.65
C THR A 73 -3.31 14.73 -4.17
N ALA A 74 -3.28 14.49 -5.50
CA ALA A 74 -3.99 13.37 -6.13
C ALA A 74 -3.53 12.01 -5.59
N THR A 75 -2.21 11.88 -5.26
CA THR A 75 -1.52 10.67 -4.84
C THR A 75 -1.42 10.50 -3.31
N GLN A 76 -1.31 11.59 -2.50
CA GLN A 76 -1.16 11.44 -1.03
C GLN A 76 -1.80 12.60 -0.21
N SER A 77 -2.13 12.33 1.07
CA SER A 77 -2.69 13.32 1.97
C SER A 77 -1.86 13.50 3.25
N PHE A 78 -1.75 14.74 3.76
CA PHE A 78 -0.84 15.07 4.87
C PHE A 78 -1.35 16.34 5.54
N LEU A 79 -0.57 16.96 6.41
CA LEU A 79 -1.05 18.16 7.10
C LEU A 79 -0.30 19.41 6.67
N ALA A 80 -0.84 20.59 7.08
CA ALA A 80 -0.15 21.87 6.95
C ALA A 80 -0.54 22.85 8.11
N THR A 81 0.43 23.63 8.63
CA THR A 81 0.23 24.45 9.83
C THR A 81 0.65 25.88 9.61
N CYS A 82 -0.26 26.84 9.78
CA CYS A 82 0.10 28.25 9.63
C CYS A 82 0.84 28.73 10.85
N VAL A 83 2.01 29.36 10.64
CA VAL A 83 2.86 29.98 11.69
C VAL A 83 3.43 31.27 11.08
N ASN A 84 3.24 32.41 11.78
CA ASN A 84 3.59 33.78 11.35
C ASN A 84 3.02 34.21 9.95
N GLY A 85 1.77 33.86 9.67
CA GLY A 85 1.10 34.19 8.42
C GLY A 85 1.49 33.35 7.23
N VAL A 86 2.33 32.33 7.45
CA VAL A 86 2.82 31.42 6.42
C VAL A 86 2.25 30.06 6.71
N CYS A 87 1.64 29.46 5.71
CA CYS A 87 1.05 28.15 5.81
C CYS A 87 2.11 27.11 5.45
N TRP A 88 2.55 26.37 6.45
CA TRP A 88 3.77 25.56 6.33
C TRP A 88 3.45 24.10 6.15
N THR A 89 4.22 23.39 5.29
CA THR A 89 4.21 21.93 5.16
C THR A 89 5.62 21.42 4.78
N VAL A 90 5.70 20.10 4.47
CA VAL A 90 6.94 19.40 4.16
C VAL A 90 7.19 19.35 2.69
N TYR A 91 8.43 19.56 2.27
CA TYR A 91 8.82 19.39 0.86
C TYR A 91 8.47 17.95 0.34
N HIS A 92 8.72 16.93 1.15
CA HIS A 92 8.58 15.57 0.62
C HIS A 92 7.07 15.20 0.26
N GLY A 93 6.12 16.03 0.68
CA GLY A 93 4.71 15.83 0.39
C GLY A 93 4.14 16.77 -0.65
N ALA A 94 4.60 18.07 -0.64
CA ALA A 94 4.07 19.16 -1.46
C ALA A 94 4.90 19.41 -2.75
N GLY A 95 6.13 18.90 -2.78
CA GLY A 95 7.08 19.29 -3.82
C GLY A 95 7.24 20.79 -3.86
N SER A 96 7.20 21.36 -5.08
CA SER A 96 7.10 22.81 -5.27
C SER A 96 5.73 23.17 -5.83
N LYS A 97 4.67 22.33 -5.53
CA LYS A 97 3.33 22.54 -6.09
C LYS A 97 2.79 23.76 -5.46
N THR A 98 1.87 24.39 -6.17
CA THR A 98 1.09 25.52 -5.74
C THR A 98 0.00 25.04 -4.78
N LEU A 99 -0.61 25.96 -4.01
CA LEU A 99 -1.77 25.70 -3.15
C LEU A 99 -2.97 26.28 -3.85
N ALA A 100 -4.05 25.50 -3.97
CA ALA A 100 -5.39 25.95 -4.39
C ALA A 100 -5.87 27.12 -3.53
N GLY A 101 -6.15 28.25 -4.16
CA GLY A 101 -6.51 29.46 -3.43
C GLY A 101 -7.70 30.23 -3.94
N PRO A 102 -8.14 31.29 -3.22
CA PRO A 102 -9.36 32.04 -3.64
C PRO A 102 -9.30 32.72 -5.01
N LYS A 103 -8.21 33.40 -5.31
CA LYS A 103 -8.00 34.03 -6.64
C LYS A 103 -7.27 33.07 -7.63
N GLY A 104 -6.80 31.93 -7.13
CA GLY A 104 -6.24 30.88 -7.94
C GLY A 104 -5.04 30.25 -7.28
N PRO A 105 -4.20 29.50 -8.04
CA PRO A 105 -3.02 28.90 -7.41
C PRO A 105 -2.06 29.90 -6.76
N ILE A 106 -1.72 29.60 -5.51
CA ILE A 106 -0.76 30.32 -4.74
C ILE A 106 0.59 29.58 -4.89
N THR A 107 1.55 30.27 -5.47
CA THR A 107 2.97 29.91 -5.51
C THR A 107 3.53 29.88 -4.10
N GLN A 108 4.51 29.01 -3.89
CA GLN A 108 5.33 28.91 -2.69
C GLN A 108 6.24 30.13 -2.47
N MET A 109 6.01 30.86 -1.36
CA MET A 109 6.98 31.88 -0.93
C MET A 109 8.28 31.29 -0.44
N TYR A 110 8.23 30.08 0.14
CA TYR A 110 9.42 29.46 0.70
C TYR A 110 9.46 28.05 0.25
N THR A 111 10.59 27.65 -0.38
CA THR A 111 10.94 26.25 -0.68
C THR A 111 12.32 26.03 -0.10
N ASN A 112 12.47 25.13 0.89
CA ASN A 112 13.76 24.74 1.46
C ASN A 112 13.80 23.22 1.52
N VAL A 113 14.52 22.62 0.55
CA VAL A 113 14.54 21.19 0.36
C VAL A 113 15.29 20.56 1.56
N ASP A 114 16.40 21.22 1.93
CA ASP A 114 17.30 20.84 3.01
C ASP A 114 16.66 20.79 4.39
N GLN A 115 15.79 21.74 4.72
CA GLN A 115 15.02 21.70 5.97
C GLN A 115 13.70 20.94 5.83
N ASP A 116 13.39 20.42 4.61
CA ASP A 116 12.16 19.70 4.26
C ASP A 116 10.89 20.53 4.50
N LEU A 117 10.91 21.80 4.13
CA LEU A 117 9.97 22.83 4.55
C LEU A 117 9.61 23.63 3.32
N VAL A 118 8.29 23.72 3.05
CA VAL A 118 7.73 24.67 2.09
C VAL A 118 6.62 25.44 2.78
N GLY A 119 6.36 26.64 2.26
CA GLY A 119 5.42 27.61 2.83
C GLY A 119 4.76 28.49 1.80
N TRP A 120 3.46 28.68 1.95
CA TRP A 120 2.65 29.58 1.13
C TRP A 120 2.18 30.77 1.98
N GLN A 121 2.13 31.99 1.41
CA GLN A 121 1.48 33.13 2.09
C GLN A 121 0.09 32.61 2.52
N ALA A 122 -0.23 32.66 3.84
CA ALA A 122 -1.55 32.17 4.29
C ALA A 122 -2.70 32.99 3.71
N PRO A 123 -3.76 32.29 3.22
CA PRO A 123 -4.86 32.99 2.55
C PRO A 123 -5.78 33.72 3.52
N PRO A 124 -6.71 34.57 3.01
CA PRO A 124 -7.68 35.22 3.93
C PRO A 124 -8.44 34.27 4.88
N GLY A 125 -8.45 34.65 6.16
CA GLY A 125 -9.14 33.93 7.23
C GLY A 125 -8.39 32.73 7.77
N ALA A 126 -7.11 32.56 7.39
CA ALA A 126 -6.26 31.59 8.05
C ALA A 126 -5.74 32.20 9.36
N ARG A 127 -5.64 31.39 10.43
CA ARG A 127 -5.09 31.83 11.72
C ARG A 127 -3.72 31.13 11.95
N SER A 128 -2.73 31.81 12.57
CA SER A 128 -1.40 31.22 12.85
C SER A 128 -1.27 30.71 14.25
N LEU A 129 -0.53 29.65 14.40
CA LEU A 129 0.01 29.31 15.70
C LEU A 129 1.19 30.22 16.00
N THR A 130 1.41 30.53 17.27
CA THR A 130 2.57 31.36 17.61
C THR A 130 3.72 30.49 18.11
N PRO A 131 4.99 30.92 17.92
CA PRO A 131 6.12 30.10 18.41
C PRO A 131 6.12 29.83 19.92
N CYS A 132 6.50 28.60 20.31
CA CYS A 132 6.65 28.18 21.69
C CYS A 132 7.78 28.96 22.28
N THR A 133 7.43 29.81 23.26
C THR A 133 10.17 30.73 24.51
N CYS A 134 9.40 30.09 25.41
CA CYS A 134 9.98 29.45 26.59
C CYS A 134 9.94 27.92 26.49
N GLY A 135 10.92 27.41 25.75
CA GLY A 135 11.18 26.02 25.47
C GLY A 135 10.84 25.03 26.59
N SER A 136 9.58 24.55 26.58
CA SER A 136 9.16 23.43 27.40
C SER A 136 9.60 22.15 26.68
N SER A 137 9.77 21.07 27.47
CA SER A 137 10.18 19.77 26.99
C SER A 137 9.03 18.77 26.99
N ASP A 138 7.87 19.17 27.53
CA ASP A 138 6.62 18.41 27.44
C ASP A 138 5.83 18.93 26.25
N LEU A 139 5.61 18.07 25.26
CA LEU A 139 5.18 18.42 23.91
C LEU A 139 4.01 17.58 23.43
N TYR A 140 3.34 18.01 22.36
CA TYR A 140 2.11 17.38 21.91
C TYR A 140 1.99 17.43 20.39
N LEU A 141 2.03 16.27 19.77
CA LEU A 141 1.94 16.08 18.33
C LEU A 141 0.48 15.93 17.98
N VAL A 142 -0.04 16.81 17.13
CA VAL A 142 -1.38 16.68 16.58
C VAL A 142 -1.33 15.88 15.26
N THR A 143 -2.03 14.70 15.29
CA THR A 143 -2.03 13.78 14.15
C THR A 143 -3.16 14.10 13.21
N ARG A 144 -3.12 13.50 12.00
CA ARG A 144 -4.10 13.75 10.97
C ARG A 144 -5.49 13.26 11.35
N HIS A 145 -5.59 12.25 12.25
CA HIS A 145 -6.89 11.82 12.78
C HIS A 145 -7.24 12.59 14.07
N ALA A 146 -6.61 13.75 14.25
CA ALA A 146 -6.82 14.69 15.36
C ALA A 146 -6.48 14.12 16.73
N ASP A 147 -5.67 13.05 16.79
CA ASP A 147 -5.10 12.57 18.05
C ASP A 147 -4.03 13.49 18.56
N VAL A 148 -3.95 13.62 19.87
CA VAL A 148 -2.96 14.47 20.50
C VAL A 148 -2.02 13.52 21.22
N ILE A 149 -0.80 13.33 20.69
CA ILE A 149 0.05 12.36 21.36
C ILE A 149 1.22 13.10 22.10
N PRO A 150 1.51 12.70 23.36
CA PRO A 150 2.61 13.37 24.11
C PRO A 150 4.03 12.96 23.68
N VAL A 151 4.87 13.98 23.48
CA VAL A 151 6.25 13.88 23.00
C VAL A 151 7.14 14.55 24.06
N ARG A 152 8.32 13.97 24.35
CA ARG A 152 9.31 14.60 25.25
C ARG A 152 10.45 15.20 24.41
N ARG A 153 10.69 16.53 24.48
CA ARG A 153 11.72 17.16 23.64
C ARG A 153 13.10 16.66 24.02
N ARG A 154 13.86 16.23 23.00
CA ARG A 154 15.13 15.48 23.17
C ARG A 154 16.32 16.17 22.59
N GLY A 155 16.08 17.08 21.65
CA GLY A 155 17.06 17.92 21.00
C GLY A 155 16.42 19.08 20.28
N ASP A 156 17.11 19.64 19.31
CA ASP A 156 16.57 20.79 18.60
C ASP A 156 15.41 20.33 17.71
N SER A 157 15.54 19.15 17.11
CA SER A 157 14.61 18.67 16.10
C SER A 157 14.01 17.28 16.44
N ARG A 158 14.23 16.80 17.67
CA ARG A 158 13.76 15.48 18.07
C ARG A 158 12.99 15.51 19.33
N GLY A 159 12.06 14.58 19.41
CA GLY A 159 11.32 14.28 20.62
C GLY A 159 11.05 12.79 20.73
N SER A 160 11.09 12.24 21.97
CA SER A 160 10.72 10.84 22.14
C SER A 160 9.24 10.69 22.48
N LEU A 161 8.61 9.72 21.80
CA LEU A 161 7.25 9.23 22.00
C LEU A 161 7.27 8.49 23.32
N LEU A 162 6.54 9.05 24.32
CA LEU A 162 6.38 8.46 25.66
C LEU A 162 5.89 6.99 25.56
N SER A 163 4.85 6.75 24.78
CA SER A 163 4.35 5.40 24.54
C SER A 163 4.67 5.11 23.09
N PRO A 164 5.70 4.27 22.77
CA PRO A 164 6.02 3.97 21.35
C PRO A 164 4.84 3.37 20.61
N ARG A 165 4.71 3.72 19.36
CA ARG A 165 3.53 3.35 18.58
C ARG A 165 3.97 2.75 17.25
N PRO A 166 3.16 1.95 16.54
CA PRO A 166 3.54 1.58 15.17
C PRO A 166 3.65 2.82 14.28
N VAL A 167 4.45 2.76 13.20
CA VAL A 167 4.68 3.94 12.34
C VAL A 167 3.46 4.30 11.48
N SER A 168 2.63 3.30 11.16
CA SER A 168 1.33 3.40 10.53
C SER A 168 0.45 4.41 11.25
N TYR A 169 0.61 4.55 12.57
CA TYR A 169 -0.17 5.48 13.39
C TYR A 169 0.09 6.93 13.01
N LEU A 170 1.30 7.23 12.50
CA LEU A 170 1.81 8.57 12.22
C LEU A 170 1.75 8.89 10.75
N LYS A 171 1.14 8.01 9.92
CA LYS A 171 1.28 8.21 8.47
C LYS A 171 0.22 9.20 7.93
N GLY A 172 0.70 10.12 7.11
CA GLY A 172 -0.10 11.26 6.65
C GLY A 172 -0.18 12.37 7.67
N SER A 173 0.64 12.31 8.74
CA SER A 173 0.73 13.35 9.76
C SER A 173 1.87 14.33 9.55
N SER A 174 2.65 14.17 8.44
CA SER A 174 3.68 15.13 8.09
C SER A 174 3.03 16.53 8.03
N GLY A 175 3.66 17.52 8.64
CA GLY A 175 3.16 18.89 8.63
C GLY A 175 2.29 19.22 9.83
N GLY A 176 2.03 18.24 10.66
CA GLY A 176 1.28 18.45 11.88
C GLY A 176 2.04 19.24 12.92
N PRO A 177 1.34 19.93 13.81
CA PRO A 177 2.07 20.70 14.82
C PRO A 177 2.61 19.90 16.00
N LEU A 178 3.78 20.31 16.54
CA LEU A 178 4.22 19.92 17.89
C LEU A 178 3.95 21.14 18.77
N LEU A 179 3.01 21.03 19.67
CA LEU A 179 2.56 22.11 20.51
C LEU A 179 3.15 21.88 21.86
N CYS A 180 3.61 22.93 22.51
CA CYS A 180 3.96 22.82 23.91
C CYS A 180 2.72 23.23 24.77
N PRO A 181 2.69 23.05 26.12
CA PRO A 181 1.39 23.02 26.85
C PRO A 181 0.49 24.26 26.71
N SER A 182 1.09 25.42 26.36
CA SER A 182 0.44 26.71 26.08
C SER A 182 -0.37 26.72 24.74
N GLY A 183 -0.19 25.70 23.90
CA GLY A 183 -0.73 25.70 22.55
C GLY A 183 0.15 26.40 21.50
N HIS A 184 1.33 26.92 21.91
CA HIS A 184 2.29 27.56 21.01
C HIS A 184 2.97 26.45 20.24
N ALA A 185 3.45 26.72 18.99
CA ALA A 185 4.10 25.75 18.10
C ALA A 185 5.59 25.71 18.30
N VAL A 186 6.10 24.50 18.51
CA VAL A 186 7.50 24.15 18.63
C VAL A 186 8.14 23.80 17.26
N GLY A 187 7.33 23.26 16.37
CA GLY A 187 7.80 22.73 15.09
C GLY A 187 6.69 21.97 14.38
N ILE A 188 6.98 21.51 13.16
CA ILE A 188 6.05 20.67 12.42
C ILE A 188 6.63 19.28 12.14
N PHE A 189 5.80 18.23 12.27
CA PHE A 189 6.25 16.85 12.17
C PHE A 189 6.76 16.54 10.75
N ARG A 190 7.95 15.88 10.59
CA ARG A 190 8.40 15.55 9.24
C ARG A 190 8.79 14.06 9.04
N ALA A 191 9.25 13.33 10.09
CA ALA A 191 9.62 11.90 10.00
C ALA A 191 9.58 11.14 11.35
N ALA A 192 9.21 9.86 11.31
CA ALA A 192 9.24 8.93 12.45
C ALA A 192 10.63 8.29 12.54
N VAL A 193 11.17 8.19 13.75
CA VAL A 193 12.40 7.45 14.06
C VAL A 193 12.02 6.01 14.50
N CYS A 194 12.45 4.96 13.72
CA CYS A 194 12.04 3.56 13.97
C CYS A 194 13.12 2.65 14.49
N THR A 195 12.66 1.67 15.28
CA THR A 195 13.39 0.54 15.82
C THR A 195 12.59 -0.63 15.38
N ARG A 196 13.07 -1.32 14.35
CA ARG A 196 12.50 -2.54 13.79
C ARG A 196 10.97 -2.40 13.64
N GLY A 197 10.54 -1.30 13.02
CA GLY A 197 9.12 -1.07 12.75
C GLY A 197 8.33 -0.26 13.78
N VAL A 198 8.87 -0.04 14.98
CA VAL A 198 8.14 0.74 15.98
C VAL A 198 8.68 2.20 16.08
N ALA A 199 7.80 3.20 15.92
CA ALA A 199 8.12 4.62 16.06
C ALA A 199 8.31 4.89 17.53
N LYS A 200 9.55 5.26 17.89
CA LYS A 200 9.99 5.51 19.26
C LYS A 200 10.20 7.02 19.45
N ALA A 201 10.28 7.75 18.36
CA ALA A 201 10.58 9.16 18.39
C ALA A 201 10.00 9.84 17.17
N VAL A 202 9.98 11.19 17.21
CA VAL A 202 9.56 12.02 16.09
C VAL A 202 10.65 12.98 15.80
N ASP A 203 10.89 13.15 14.49
CA ASP A 203 11.72 14.21 13.95
C ASP A 203 10.79 15.33 13.46
N PHE A 204 11.06 16.56 13.88
CA PHE A 204 10.30 17.72 13.42
C PHE A 204 11.16 18.83 12.80
N VAL A 205 10.53 19.68 11.96
CA VAL A 205 11.09 20.94 11.49
C VAL A 205 10.88 22.06 12.53
N PRO A 206 11.91 22.51 13.31
CA PRO A 206 11.62 23.53 14.35
C PRO A 206 11.05 24.83 13.82
N VAL A 207 10.30 25.54 14.67
CA VAL A 207 9.77 26.88 14.42
C VAL A 207 10.93 27.89 14.10
N GLU A 208 12.12 27.71 14.71
CA GLU A 208 13.32 28.52 14.46
C GLU A 208 13.80 28.43 13.01
N SER A 209 13.67 27.26 12.36
CA SER A 209 14.02 27.03 10.95
C SER A 209 13.09 27.80 10.02
N MET A 210 11.79 27.91 10.41
CA MET A 210 10.79 28.73 9.71
C MET A 210 11.21 30.20 9.74
N GLU A 211 11.62 30.70 10.92
CA GLU A 211 12.10 32.08 11.16
C GLU A 211 13.38 32.44 10.34
N THR A 212 14.34 31.49 10.27
CA THR A 212 15.56 31.55 9.48
C THR A 212 15.23 31.61 7.98
N THR A 213 14.35 30.72 7.51
CA THR A 213 13.81 30.67 6.14
C THR A 213 13.20 32.04 5.77
N MET A 214 12.29 32.57 6.61
CA MET A 214 11.63 33.89 6.43
C MET A 214 12.57 35.09 6.62
N ARG A 215 13.75 34.89 7.26
CA ARG A 215 14.68 35.98 7.58
C ARG A 215 15.98 35.93 6.77
N SER A 216 16.17 34.88 5.94
CA SER A 216 17.28 34.81 4.98
C SER A 216 17.07 35.85 3.86
N PRO A 217 18.15 36.58 3.44
CA PRO A 217 18.10 37.34 2.16
C PRO A 217 17.86 36.49 0.90
N THR A 220 19.59 36.82 -4.16
CA THR A 220 20.15 35.47 -4.07
C THR A 220 20.82 35.02 -5.43
N ASP A 221 20.03 34.36 -6.34
CA ASP A 221 20.20 34.20 -7.80
C ASP A 221 20.87 32.89 -8.26
N ASN A 222 22.24 32.81 -8.22
CA ASN A 222 23.07 31.65 -8.62
C ASN A 222 23.20 31.39 -10.17
N SER A 223 22.66 32.28 -11.00
CA SER A 223 22.72 32.13 -12.47
C SER A 223 24.08 32.45 -13.09
N SER A 224 24.94 33.19 -12.38
CA SER A 224 26.25 33.54 -12.94
C SER A 224 27.31 32.71 -12.26
N PRO A 225 28.40 32.36 -12.97
CA PRO A 225 29.56 31.77 -12.27
C PRO A 225 30.00 32.54 -11.01
N PRO A 226 30.18 31.84 -9.88
CA PRO A 226 30.74 32.53 -8.70
C PRO A 226 32.12 33.10 -8.93
N ALA A 227 32.39 34.32 -8.41
CA ALA A 227 33.74 34.85 -8.36
C ALA A 227 34.54 33.99 -7.42
N VAL A 228 35.83 33.86 -7.70
CA VAL A 228 36.76 33.14 -6.86
C VAL A 228 36.93 33.89 -5.51
N PRO A 229 36.51 33.23 -4.41
CA PRO A 229 36.62 33.88 -3.09
C PRO A 229 38.06 33.90 -2.58
N GLN A 230 38.30 34.77 -1.60
CA GLN A 230 39.57 34.99 -0.87
C GLN A 230 40.03 33.69 -0.13
N SER A 231 39.10 33.10 0.67
CA SER A 231 39.22 31.78 1.29
C SER A 231 38.16 30.74 0.75
N PHE A 232 38.44 29.42 0.95
CA PHE A 232 37.59 28.32 0.51
C PHE A 232 36.12 28.55 0.65
N GLN A 233 35.39 28.39 -0.44
CA GLN A 233 33.93 28.46 -0.43
C GLN A 233 33.37 27.39 -1.39
N VAL A 234 32.22 26.82 -1.00
CA VAL A 234 31.32 26.03 -1.85
C VAL A 234 30.28 27.02 -2.40
N ALA A 235 30.02 26.94 -3.70
CA ALA A 235 29.12 27.83 -4.39
C ALA A 235 28.25 27.07 -5.37
N HIS A 236 27.11 27.65 -5.78
CA HIS A 236 26.11 27.01 -6.66
C HIS A 236 26.03 27.72 -7.94
N LEU A 237 25.99 26.96 -9.04
CA LEU A 237 25.78 27.53 -10.34
C LEU A 237 24.54 26.86 -10.86
N HIS A 238 23.43 27.65 -10.91
CA HIS A 238 22.18 27.28 -11.59
C HIS A 238 22.12 28.01 -12.93
N ALA A 239 22.85 27.41 -13.87
CA ALA A 239 23.07 27.82 -15.22
C ALA A 239 21.84 27.48 -16.05
N PRO A 240 21.25 28.39 -16.84
CA PRO A 240 20.26 27.96 -17.86
C PRO A 240 20.89 27.08 -18.98
N THR A 241 20.04 26.34 -19.75
CA THR A 241 20.57 25.55 -20.87
C THR A 241 21.12 26.42 -21.97
N GLY A 242 22.29 26.04 -22.46
CA GLY A 242 22.97 26.74 -23.55
C GLY A 242 23.76 27.97 -23.11
N SER A 243 24.26 27.95 -21.87
CA SER A 243 25.02 29.09 -21.34
C SER A 243 26.49 28.73 -21.02
N GLY A 244 26.92 27.55 -21.49
CA GLY A 244 28.28 27.02 -21.45
C GLY A 244 28.87 26.73 -20.09
N LYS A 245 28.05 26.24 -19.14
CA LYS A 245 28.49 25.87 -17.79
C LYS A 245 29.71 24.91 -17.75
N SER A 246 29.90 24.08 -18.82
CA SER A 246 30.96 23.07 -18.84
C SER A 246 32.11 23.40 -19.83
N THR A 247 32.02 24.50 -20.56
CA THR A 247 33.03 24.86 -21.55
C THR A 247 33.40 26.32 -21.34
N LYS A 248 32.47 27.26 -21.66
CA LYS A 248 32.65 28.69 -21.39
C LYS A 248 33.02 28.99 -19.91
N VAL A 249 32.34 28.42 -18.88
CA VAL A 249 32.68 28.91 -17.52
C VAL A 249 34.09 28.38 -17.11
N PRO A 250 34.46 27.06 -17.21
CA PRO A 250 35.87 26.66 -16.99
C PRO A 250 36.91 27.35 -17.86
N ALA A 251 36.59 27.71 -19.13
CA ALA A 251 37.51 28.48 -19.97
C ALA A 251 37.77 29.86 -19.33
N ALA A 252 36.69 30.67 -19.11
CA ALA A 252 36.72 31.95 -18.37
C ALA A 252 37.56 31.89 -17.08
N TYR A 253 37.40 30.85 -16.24
CA TYR A 253 38.20 30.71 -15.02
C TYR A 253 39.64 30.64 -15.34
N ALA A 254 39.98 29.84 -16.38
CA ALA A 254 41.35 29.55 -16.76
C ALA A 254 42.02 30.77 -17.36
N ALA A 255 41.25 31.65 -18.05
CA ALA A 255 41.70 32.99 -18.51
C ALA A 255 42.15 33.89 -17.35
N GLN A 256 41.38 33.92 -16.22
CA GLN A 256 41.75 34.59 -14.96
C GLN A 256 43.00 33.98 -14.26
N GLY A 257 43.62 32.96 -14.88
CA GLY A 257 44.81 32.26 -14.41
C GLY A 257 44.55 31.21 -13.34
N TYR A 258 43.32 30.66 -13.31
CA TYR A 258 42.97 29.56 -12.40
C TYR A 258 43.18 28.19 -13.02
N LYS A 259 43.59 27.18 -12.18
CA LYS A 259 43.56 25.74 -12.47
C LYS A 259 42.18 25.16 -12.11
N VAL A 260 41.48 24.61 -13.11
CA VAL A 260 40.11 24.19 -12.90
C VAL A 260 39.94 22.69 -13.27
N LEU A 261 39.15 21.96 -12.48
CA LEU A 261 38.79 20.55 -12.67
C LEU A 261 37.30 20.45 -12.92
N VAL A 262 36.90 19.81 -14.04
CA VAL A 262 35.49 19.67 -14.40
C VAL A 262 35.13 18.20 -14.33
N LEU A 263 34.28 17.86 -13.33
CA LEU A 263 33.80 16.49 -13.07
C LEU A 263 32.44 16.30 -13.65
N ASN A 264 32.24 15.30 -14.54
CA ASN A 264 30.91 15.10 -15.13
C ASN A 264 30.51 13.64 -14.97
N PRO A 265 29.23 13.34 -14.73
CA PRO A 265 28.77 11.94 -14.78
C PRO A 265 29.04 11.10 -16.04
N SER A 266 29.42 11.67 -17.17
CA SER A 266 29.38 10.96 -18.44
C SER A 266 30.74 11.02 -19.14
N VAL A 267 31.20 9.87 -19.62
CA VAL A 267 32.40 9.79 -20.48
C VAL A 267 32.19 10.55 -21.80
N ALA A 268 31.03 10.33 -22.45
CA ALA A 268 30.68 10.94 -23.73
C ALA A 268 30.68 12.47 -23.59
N ALA A 269 30.00 13.02 -22.51
CA ALA A 269 30.09 14.46 -22.20
C ALA A 269 31.53 14.92 -21.96
N THR A 270 32.27 14.21 -21.05
CA THR A 270 33.66 14.58 -20.72
C THR A 270 34.54 14.65 -21.96
N LEU A 271 34.42 13.69 -22.90
CA LEU A 271 35.28 13.74 -24.10
C LEU A 271 34.88 14.87 -25.06
N GLY A 272 33.58 15.06 -25.27
CA GLY A 272 33.03 16.14 -26.10
C GLY A 272 33.45 17.53 -25.65
N PHE A 273 33.53 17.75 -24.29
CA PHE A 273 34.07 18.99 -23.76
C PHE A 273 35.51 19.11 -24.11
N GLY A 274 36.30 18.10 -23.80
CA GLY A 274 37.72 18.08 -24.17
C GLY A 274 37.97 18.49 -25.61
N ALA A 275 37.31 17.80 -26.54
CA ALA A 275 37.32 18.02 -27.98
C ALA A 275 36.91 19.44 -28.37
N TYR A 276 35.79 19.97 -27.82
CA TYR A 276 35.31 21.32 -28.07
C TYR A 276 36.27 22.37 -27.50
N MET A 277 36.87 22.08 -26.37
CA MET A 277 37.69 23.06 -25.70
C MET A 277 39.05 23.17 -26.35
N SER A 278 39.60 22.03 -26.86
CA SER A 278 40.81 22.02 -27.69
C SER A 278 40.63 22.77 -29.00
N LYS A 279 39.46 22.59 -29.66
CA LYS A 279 39.07 23.15 -30.97
C LYS A 279 38.72 24.67 -30.94
N ALA A 280 37.88 25.09 -29.97
CA ALA A 280 37.29 26.44 -29.95
C ALA A 280 38.02 27.46 -29.03
N HIS A 281 38.21 27.14 -27.72
CA HIS A 281 38.78 28.09 -26.74
C HIS A 281 40.33 28.01 -26.58
N GLY A 282 41.01 27.20 -27.40
CA GLY A 282 42.47 27.22 -27.52
C GLY A 282 43.22 26.21 -26.67
N ILE A 283 42.95 26.19 -25.34
CA ILE A 283 43.42 25.21 -24.35
C ILE A 283 43.18 23.76 -24.86
N ASP A 284 44.20 22.89 -24.83
CA ASP A 284 44.06 21.44 -25.06
C ASP A 284 43.97 20.80 -23.68
N PRO A 285 42.78 20.61 -23.09
CA PRO A 285 42.74 20.22 -21.68
C PRO A 285 43.22 18.79 -21.43
N ASN A 286 43.68 18.50 -20.21
CA ASN A 286 43.90 17.12 -19.76
C ASN A 286 42.54 16.44 -19.69
N ILE A 287 42.47 15.16 -20.09
CA ILE A 287 41.27 14.31 -20.10
C ILE A 287 41.58 13.16 -19.20
N ARG A 288 40.63 12.74 -18.37
CA ARG A 288 40.79 11.62 -17.45
C ARG A 288 39.46 10.85 -17.45
N THR A 289 39.43 9.75 -18.19
CA THR A 289 38.35 8.77 -18.23
C THR A 289 39.02 7.43 -18.29
N GLY A 290 38.21 6.36 -18.09
CA GLY A 290 38.64 4.98 -18.26
C GLY A 290 39.18 4.75 -19.64
N VAL A 291 38.35 5.00 -20.67
CA VAL A 291 38.67 4.76 -22.10
C VAL A 291 39.81 5.69 -22.62
N ARG A 292 39.90 6.96 -22.14
CA ARG A 292 40.87 7.97 -22.62
C ARG A 292 41.41 8.92 -21.51
N THR A 293 42.73 8.97 -21.36
CA THR A 293 43.47 9.83 -20.44
C THR A 293 44.62 10.39 -21.25
N ILE A 294 44.89 11.71 -21.09
CA ILE A 294 45.90 12.51 -21.79
C ILE A 294 46.29 13.52 -20.75
N THR A 295 47.59 13.78 -20.61
CA THR A 295 48.08 14.91 -19.84
C THR A 295 48.81 15.87 -20.79
N THR A 296 48.35 17.13 -20.83
CA THR A 296 48.97 18.21 -21.61
C THR A 296 49.63 19.25 -20.70
N GLY A 297 49.27 19.23 -19.41
CA GLY A 297 49.72 20.21 -18.44
C GLY A 297 49.04 21.56 -18.58
N ALA A 298 47.88 21.57 -19.29
CA ALA A 298 47.01 22.73 -19.47
C ALA A 298 46.32 23.02 -18.12
N PRO A 299 45.82 24.27 -17.88
CA PRO A 299 45.28 24.56 -16.53
C PRO A 299 43.93 23.88 -16.28
N VAL A 300 43.21 23.45 -17.33
CA VAL A 300 41.91 22.76 -17.29
C VAL A 300 41.99 21.22 -17.46
N THR A 301 41.17 20.51 -16.69
CA THR A 301 41.07 19.06 -16.74
C THR A 301 39.60 18.69 -16.73
N TYR A 302 39.20 17.89 -17.72
CA TYR A 302 37.92 17.24 -17.71
C TYR A 302 38.03 15.78 -17.24
N SER A 303 37.34 15.45 -16.12
CA SER A 303 37.27 14.08 -15.59
C SER A 303 35.84 13.59 -15.35
N THR A 304 35.65 12.27 -15.25
CA THR A 304 34.39 11.68 -14.78
C THR A 304 34.51 11.65 -13.29
N TYR A 305 33.39 11.52 -12.56
CA TYR A 305 33.43 11.28 -11.12
C TYR A 305 34.05 9.87 -10.80
N GLY A 306 33.79 8.88 -11.68
CA GLY A 306 34.39 7.55 -11.56
C GLY A 306 35.91 7.51 -11.66
N LYS A 307 36.49 8.22 -12.70
CA LYS A 307 37.96 8.22 -12.88
C LYS A 307 38.62 8.95 -11.73
N PHE A 308 38.01 10.06 -11.25
CA PHE A 308 38.40 10.89 -10.12
C PHE A 308 38.50 10.06 -8.85
N LEU A 309 37.47 9.21 -8.59
CA LEU A 309 37.42 8.30 -7.44
C LEU A 309 38.46 7.18 -7.56
N ALA A 310 38.55 6.54 -8.75
CA ALA A 310 39.62 5.58 -9.12
C ALA A 310 41.01 6.14 -8.93
N ASP A 311 41.20 7.45 -9.16
CA ASP A 311 42.48 8.13 -8.97
C ASP A 311 42.77 8.47 -7.53
N GLY A 312 41.84 8.16 -6.64
CA GLY A 312 41.97 8.40 -5.20
C GLY A 312 41.67 9.81 -4.74
N GLY A 313 40.65 10.43 -5.36
CA GLY A 313 40.15 11.75 -5.00
C GLY A 313 41.05 12.93 -5.33
N CYS A 314 41.17 13.86 -4.38
CA CYS A 314 41.89 15.14 -4.53
C CYS A 314 43.41 14.96 -4.39
N SER A 315 44.16 15.50 -5.36
CA SER A 315 45.65 15.46 -5.33
C SER A 315 46.27 16.82 -4.93
N GLY A 316 47.42 16.75 -4.27
CA GLY A 316 48.19 17.86 -3.73
C GLY A 316 48.26 19.13 -4.57
N GLY A 317 47.29 20.02 -4.32
CA GLY A 317 47.26 21.38 -4.85
C GLY A 317 47.18 21.51 -6.37
N ALA A 318 46.62 20.49 -7.03
CA ALA A 318 46.57 20.46 -8.49
C ALA A 318 45.53 21.42 -9.03
N TYR A 319 44.47 21.69 -8.24
CA TYR A 319 43.33 22.47 -8.69
C TYR A 319 42.99 23.60 -7.75
N ASP A 320 42.68 24.76 -8.33
CA ASP A 320 42.12 25.93 -7.66
C ASP A 320 40.62 25.83 -7.60
N ILE A 321 39.93 25.46 -8.71
CA ILE A 321 38.45 25.40 -8.82
C ILE A 321 37.99 24.01 -9.23
N ILE A 322 37.00 23.46 -8.51
CA ILE A 322 36.39 22.19 -8.85
C ILE A 322 34.93 22.43 -9.27
N ILE A 323 34.67 22.32 -10.60
CA ILE A 323 33.32 22.31 -11.12
C ILE A 323 32.78 20.87 -11.05
N CYS A 324 31.83 20.68 -10.11
CA CYS A 324 31.07 19.45 -9.95
C CYS A 324 29.87 19.64 -10.85
N ASP A 325 29.99 19.14 -12.08
CA ASP A 325 28.99 19.35 -13.12
C ASP A 325 27.87 18.32 -12.99
N GLU A 326 26.65 18.68 -13.45
CA GLU A 326 25.43 17.85 -13.30
C GLU A 326 25.20 17.43 -11.86
N CYS A 327 25.36 18.36 -10.88
CA CYS A 327 25.26 18.00 -9.47
C CYS A 327 23.84 17.56 -9.02
N HIS A 328 22.89 17.55 -9.96
CA HIS A 328 21.54 17.02 -9.76
C HIS A 328 21.49 15.49 -9.82
N SER A 329 22.53 14.85 -10.44
CA SER A 329 22.66 13.41 -10.56
C SER A 329 22.60 12.66 -9.21
N THR A 330 21.77 11.61 -9.14
CA THR A 330 21.62 10.83 -7.89
C THR A 330 22.15 9.40 -8.05
N ASP A 331 22.93 9.16 -9.14
CA ASP A 331 23.67 7.90 -9.22
C ASP A 331 24.79 7.90 -8.17
N SER A 332 25.16 6.70 -7.69
CA SER A 332 26.03 6.52 -6.52
C SER A 332 27.45 7.13 -6.72
N THR A 333 27.96 7.10 -7.98
CA THR A 333 29.30 7.57 -8.36
C THR A 333 29.36 9.14 -8.26
N THR A 334 28.30 9.86 -8.73
CA THR A 334 28.19 11.32 -8.56
C THR A 334 28.12 11.70 -7.08
N ILE A 335 27.22 11.05 -6.28
CA ILE A 335 27.13 11.29 -4.84
C ILE A 335 28.44 10.99 -4.15
N LEU A 336 29.08 9.87 -4.48
CA LEU A 336 30.36 9.54 -3.83
C LEU A 336 31.40 10.57 -4.22
N GLY A 337 31.44 10.91 -5.52
CA GLY A 337 32.40 11.84 -6.12
C GLY A 337 32.36 13.24 -5.54
N ILE A 338 31.13 13.80 -5.45
CA ILE A 338 30.82 15.10 -4.90
C ILE A 338 31.18 15.11 -3.44
N GLY A 339 30.81 14.03 -2.74
CA GLY A 339 31.12 13.80 -1.34
C GLY A 339 32.60 13.92 -1.04
N THR A 340 33.43 13.23 -1.86
CA THR A 340 34.89 13.19 -1.81
C THR A 340 35.42 14.61 -1.98
N VAL A 341 34.95 15.31 -3.05
CA VAL A 341 35.30 16.73 -3.33
C VAL A 341 35.06 17.56 -2.12
N LEU A 342 33.86 17.54 -1.56
CA LEU A 342 33.51 18.38 -0.40
C LEU A 342 34.36 18.08 0.87
N ASP A 343 34.65 16.83 1.12
CA ASP A 343 35.45 16.46 2.29
C ASP A 343 36.97 16.80 2.08
N GLN A 344 37.44 16.69 0.85
CA GLN A 344 38.86 16.77 0.57
C GLN A 344 39.36 18.10 0.01
N ALA A 345 38.49 18.87 -0.64
CA ALA A 345 38.90 19.97 -1.50
C ALA A 345 39.71 21.04 -0.76
N GLU A 346 39.14 21.66 0.31
CA GLU A 346 39.80 22.75 1.05
C GLU A 346 41.20 22.41 1.47
N THR A 347 41.37 21.22 2.13
CA THR A 347 42.65 20.66 2.62
C THR A 347 43.65 20.48 1.48
N ALA A 348 43.17 20.28 0.25
CA ALA A 348 44.04 20.12 -0.91
C ALA A 348 44.28 21.46 -1.65
N GLY A 349 43.91 22.57 -1.01
CA GLY A 349 44.18 23.92 -1.47
C GLY A 349 43.26 24.52 -2.52
N ALA A 350 42.13 23.87 -2.84
CA ALA A 350 41.12 24.47 -3.70
C ALA A 350 40.63 25.79 -3.09
N ARG A 351 40.36 26.77 -3.92
CA ARG A 351 39.85 28.05 -3.46
C ARG A 351 38.35 28.02 -3.52
N LEU A 352 37.80 27.30 -4.51
CA LEU A 352 36.38 27.33 -4.81
C LEU A 352 35.86 25.98 -5.34
N VAL A 353 34.72 25.50 -4.79
CA VAL A 353 33.94 24.33 -5.29
C VAL A 353 32.61 24.81 -5.86
N VAL A 354 32.36 24.50 -7.12
CA VAL A 354 31.12 24.91 -7.79
C VAL A 354 30.21 23.70 -7.95
N LEU A 355 28.98 23.82 -7.44
CA LEU A 355 27.97 22.80 -7.66
C LEU A 355 27.01 23.26 -8.75
N ALA A 356 27.28 22.81 -9.99
CA ALA A 356 26.63 23.23 -11.25
C ALA A 356 25.54 22.25 -11.81
N THR A 357 24.35 22.82 -12.05
CA THR A 357 23.18 22.15 -12.62
C THR A 357 22.19 23.15 -13.23
N ALA A 358 21.56 22.75 -14.33
CA ALA A 358 20.44 23.55 -14.85
C ALA A 358 19.19 23.36 -13.94
N THR A 359 19.12 22.21 -13.20
CA THR A 359 17.95 21.76 -12.46
C THR A 359 18.23 21.44 -10.98
N PRO A 360 18.44 22.45 -10.10
CA PRO A 360 18.66 22.14 -8.68
C PRO A 360 17.42 21.56 -7.93
N PRO A 361 17.60 21.11 -6.66
CA PRO A 361 16.44 20.69 -5.84
C PRO A 361 15.34 21.72 -5.70
N GLY A 362 14.10 21.31 -5.90
CA GLY A 362 12.92 22.18 -5.80
C GLY A 362 12.52 22.86 -7.10
N SER A 363 13.35 22.73 -8.13
CA SER A 363 13.15 23.47 -9.37
C SER A 363 12.14 22.68 -10.17
N VAL A 364 11.37 23.36 -11.05
CA VAL A 364 10.24 22.76 -11.79
C VAL A 364 10.32 23.08 -13.32
N THR A 365 9.84 22.14 -14.16
CA THR A 365 9.89 22.29 -15.61
C THR A 365 8.89 23.36 -16.04
N VAL A 366 9.38 24.38 -16.76
CA VAL A 366 8.57 25.52 -17.24
C VAL A 366 8.71 25.56 -18.77
N PRO A 367 7.82 26.24 -19.54
CA PRO A 367 7.93 26.20 -21.01
C PRO A 367 9.24 26.72 -21.57
N HIS A 368 9.67 26.13 -22.69
CA HIS A 368 10.87 26.49 -23.42
C HIS A 368 10.47 27.09 -24.81
N PRO A 369 11.09 28.19 -25.26
CA PRO A 369 10.55 28.87 -26.47
C PRO A 369 10.85 28.15 -27.79
N ASN A 370 11.86 27.27 -27.80
CA ASN A 370 12.23 26.48 -28.97
C ASN A 370 11.54 25.13 -28.97
N ILE A 371 10.63 24.84 -28.01
CA ILE A 371 10.04 23.49 -27.82
C ILE A 371 8.44 23.51 -27.83
N GLU A 372 7.83 22.99 -28.90
CA GLU A 372 6.37 22.79 -28.89
C GLU A 372 6.07 21.50 -28.08
N GLU A 373 5.31 21.65 -26.97
CA GLU A 373 4.94 20.54 -26.09
C GLU A 373 3.56 19.98 -26.41
N VAL A 374 3.51 18.74 -26.97
CA VAL A 374 2.28 18.14 -27.53
C VAL A 374 1.81 16.83 -26.79
N ALA A 375 0.69 16.91 -26.06
CA ALA A 375 0.07 15.72 -25.46
C ALA A 375 -0.29 14.69 -26.50
N LEU A 376 0.33 13.51 -26.37
CA LEU A 376 0.06 12.30 -27.13
C LEU A 376 -1.39 11.80 -26.78
N SER A 377 -2.27 11.64 -27.80
CA SER A 377 -3.67 11.18 -27.67
C SER A 377 -3.81 9.66 -27.85
N ASN A 378 -5.07 9.14 -27.98
CA ASN A 378 -5.29 7.72 -28.31
C ASN A 378 -5.25 7.41 -29.84
N THR A 379 -5.38 8.44 -30.72
CA THR A 379 -5.26 8.24 -32.17
C THR A 379 -3.78 8.30 -32.63
N GLY A 380 -3.37 7.25 -33.35
CA GLY A 380 -2.00 6.94 -33.78
C GLY A 380 -1.85 5.44 -34.03
N GLU A 381 -0.96 5.05 -34.96
CA GLU A 381 -0.77 3.65 -35.40
C GLU A 381 0.20 2.85 -34.49
N ILE A 382 0.92 3.56 -33.61
CA ILE A 382 1.90 2.97 -32.70
C ILE A 382 1.41 3.11 -31.25
N PRO A 383 1.04 1.99 -30.59
CA PRO A 383 0.60 2.10 -29.20
C PRO A 383 1.81 2.39 -28.33
N PHE A 384 1.68 3.42 -27.49
CA PHE A 384 2.75 3.85 -26.60
C PHE A 384 2.16 4.22 -25.24
N TYR A 385 2.48 3.42 -24.22
CA TYR A 385 2.16 3.71 -22.82
C TYR A 385 0.66 4.13 -22.57
N GLY A 386 -0.26 3.38 -23.18
CA GLY A 386 -1.70 3.61 -23.11
C GLY A 386 -2.25 4.67 -24.04
N LYS A 387 -1.34 5.50 -24.62
CA LYS A 387 -1.72 6.49 -25.63
C LYS A 387 -1.16 6.01 -27.00
N ALA A 388 -0.96 6.89 -27.96
CA ALA A 388 -0.55 6.46 -29.31
C ALA A 388 0.27 7.49 -30.04
N ILE A 389 1.37 7.02 -30.65
CA ILE A 389 2.21 7.82 -31.56
C ILE A 389 1.74 7.65 -33.01
N PRO A 390 1.37 8.75 -33.72
CA PRO A 390 1.18 8.66 -35.19
C PRO A 390 2.49 8.43 -35.97
N ILE A 391 2.50 7.54 -37.01
CA ILE A 391 3.69 7.24 -37.84
C ILE A 391 4.29 8.50 -38.52
N GLU A 392 3.41 9.43 -38.93
CA GLU A 392 3.75 10.69 -39.59
C GLU A 392 4.44 11.71 -38.65
N ALA A 393 4.43 11.46 -37.33
CA ALA A 393 5.16 12.30 -36.37
C ALA A 393 6.64 11.92 -36.36
N ILE A 394 6.95 10.65 -36.68
CA ILE A 394 8.30 10.06 -36.71
C ILE A 394 8.70 9.50 -38.09
N ARG A 395 7.87 9.77 -39.14
CA ARG A 395 8.13 9.39 -40.53
C ARG A 395 9.32 10.17 -41.04
N GLY A 396 9.28 11.50 -40.86
CA GLY A 396 10.34 12.38 -41.33
C GLY A 396 11.23 12.98 -40.26
N GLY A 397 12.51 12.59 -40.30
CA GLY A 397 13.56 13.20 -39.47
C GLY A 397 14.33 12.29 -38.54
N ARG A 398 15.02 12.90 -37.55
CA ARG A 398 15.70 12.18 -36.48
C ARG A 398 14.95 12.37 -35.18
N HIS A 399 14.57 11.24 -34.54
CA HIS A 399 13.68 11.25 -33.36
C HIS A 399 14.15 10.35 -32.25
N LEU A 400 13.95 10.82 -30.99
CA LEU A 400 14.26 10.05 -29.75
C LEU A 400 13.00 9.72 -28.95
N ILE A 401 12.86 8.43 -28.60
CA ILE A 401 11.73 7.94 -27.81
C ILE A 401 12.28 7.30 -26.58
N PHE A 402 11.94 7.87 -25.40
CA PHE A 402 12.28 7.30 -24.10
C PHE A 402 11.31 6.25 -23.64
N CYS A 403 11.84 5.09 -23.30
CA CYS A 403 11.10 3.99 -22.68
C CYS A 403 11.68 3.61 -21.35
N HIS A 404 10.84 3.16 -20.40
CA HIS A 404 11.33 2.85 -19.05
C HIS A 404 12.32 1.62 -19.01
N SER A 405 12.29 0.73 -20.02
CA SER A 405 12.89 -0.61 -19.88
C SER A 405 13.49 -1.16 -21.17
N LYS A 406 14.44 -2.13 -21.05
CA LYS A 406 15.05 -2.86 -22.20
C LYS A 406 14.03 -3.54 -23.09
N LYS A 407 13.11 -4.33 -22.49
CA LYS A 407 12.09 -5.10 -23.22
C LYS A 407 11.31 -4.18 -24.16
N LYS A 408 10.67 -3.12 -23.61
CA LYS A 408 9.91 -2.11 -24.34
C LYS A 408 10.68 -1.49 -25.51
N CYS A 409 11.99 -1.21 -25.33
CA CYS A 409 12.87 -0.72 -26.42
C CYS A 409 12.99 -1.73 -27.54
N ASP A 410 13.33 -2.99 -27.20
CA ASP A 410 13.43 -4.10 -28.15
C ASP A 410 12.10 -4.39 -28.88
N GLU A 411 10.96 -4.27 -28.14
CA GLU A 411 9.61 -4.37 -28.69
C GLU A 411 9.33 -3.26 -29.69
N LEU A 412 9.38 -1.98 -29.22
CA LEU A 412 9.07 -0.80 -30.01
C LEU A 412 9.91 -0.71 -31.28
N ALA A 413 11.24 -0.90 -31.18
CA ALA A 413 12.18 -0.87 -32.31
C ALA A 413 11.83 -1.90 -33.38
N ALA A 414 11.39 -3.10 -32.97
CA ALA A 414 10.89 -4.15 -33.87
C ALA A 414 9.55 -3.75 -34.54
N LYS A 415 8.57 -3.25 -33.73
CA LYS A 415 7.27 -2.76 -34.24
C LYS A 415 7.50 -1.66 -35.28
N LEU A 416 8.40 -0.70 -34.97
CA LEU A 416 8.64 0.46 -35.82
C LEU A 416 9.32 0.16 -37.14
N SER A 417 10.39 -0.67 -37.11
CA SER A 417 11.11 -1.12 -38.31
C SER A 417 10.21 -1.93 -39.22
N GLY A 418 9.32 -2.75 -38.63
CA GLY A 418 8.26 -3.47 -39.33
C GLY A 418 7.37 -2.58 -40.18
N LEU A 419 7.23 -1.31 -39.77
CA LEU A 419 6.46 -0.29 -40.46
C LEU A 419 7.35 0.55 -41.39
N GLY A 420 8.59 0.09 -41.63
CA GLY A 420 9.56 0.72 -42.49
C GLY A 420 10.23 1.98 -41.94
N ILE A 421 10.47 2.01 -40.61
CA ILE A 421 11.12 3.13 -39.92
C ILE A 421 12.53 2.67 -39.54
N ASN A 422 13.59 3.50 -39.79
CA ASN A 422 14.92 3.12 -39.32
C ASN A 422 15.02 3.30 -37.77
N ALA A 423 14.61 2.23 -37.06
CA ALA A 423 14.54 2.19 -35.61
C ALA A 423 15.75 1.45 -35.05
N VAL A 424 16.46 2.11 -34.11
CA VAL A 424 17.55 1.53 -33.35
C VAL A 424 17.22 1.59 -31.88
N ALA A 425 17.51 0.51 -31.16
CA ALA A 425 17.40 0.45 -29.72
C ALA A 425 18.74 0.80 -29.06
N TYR A 426 18.74 1.80 -28.17
CA TYR A 426 19.88 1.97 -27.28
C TYR A 426 19.48 1.77 -25.81
N TYR A 427 20.32 1.03 -25.07
CA TYR A 427 20.24 0.81 -23.62
C TYR A 427 21.59 0.35 -23.09
N ARG A 428 21.75 0.13 -21.76
CA ARG A 428 23.06 -0.26 -21.17
C ARG A 428 23.51 -1.64 -21.68
N GLY A 429 24.82 -1.82 -21.82
CA GLY A 429 25.39 -3.08 -22.32
C GLY A 429 25.59 -3.14 -23.83
N LEU A 430 25.20 -2.06 -24.54
CA LEU A 430 25.25 -1.87 -25.99
C LEU A 430 26.26 -0.77 -26.30
N ASP A 431 26.83 -0.76 -27.52
CA ASP A 431 27.69 0.34 -27.96
C ASP A 431 26.94 1.39 -28.79
N VAL A 432 27.25 2.67 -28.52
CA VAL A 432 26.65 3.91 -29.04
C VAL A 432 26.70 4.04 -30.56
N SER A 433 27.71 3.40 -31.20
CA SER A 433 27.90 3.36 -32.66
C SER A 433 26.66 2.84 -33.41
N VAL A 434 25.75 2.08 -32.71
CA VAL A 434 24.42 1.69 -33.20
C VAL A 434 23.60 2.91 -33.65
N ILE A 435 23.61 4.01 -32.85
CA ILE A 435 22.97 5.28 -33.26
C ILE A 435 23.81 5.95 -34.34
N PRO A 436 23.26 6.21 -35.53
CA PRO A 436 24.02 6.97 -36.54
C PRO A 436 24.15 8.45 -36.19
N THR A 437 25.27 9.06 -36.58
CA THR A 437 25.44 10.53 -36.54
C THR A 437 24.68 11.17 -37.72
N ILE A 438 24.61 10.44 -38.85
CA ILE A 438 24.21 10.97 -40.15
C ILE A 438 22.69 11.22 -40.26
N GLY A 439 21.92 10.28 -40.83
CA GLY A 439 20.61 10.55 -41.41
C GLY A 439 19.39 10.17 -40.61
N ASP A 440 18.26 9.85 -41.32
CA ASP A 440 16.97 9.48 -40.73
C ASP A 440 17.13 8.34 -39.75
N VAL A 441 16.52 8.51 -38.56
CA VAL A 441 16.57 7.60 -37.40
C VAL A 441 15.41 7.82 -36.42
N VAL A 442 15.01 6.71 -35.75
CA VAL A 442 14.23 6.72 -34.52
C VAL A 442 15.02 5.92 -33.49
N VAL A 443 15.61 6.61 -32.50
CA VAL A 443 16.29 5.87 -31.45
C VAL A 443 15.29 5.68 -30.30
N VAL A 444 15.19 4.43 -29.85
CA VAL A 444 14.34 4.04 -28.74
C VAL A 444 15.32 3.65 -27.65
N ALA A 445 15.37 4.48 -26.60
CA ALA A 445 16.41 4.46 -25.59
C ALA A 445 15.83 4.59 -24.21
N THR A 446 16.56 3.98 -23.22
CA THR A 446 16.33 4.12 -21.77
C THR A 446 17.02 5.41 -21.34
N ASP A 447 17.10 5.73 -20.05
CA ASP A 447 17.86 6.91 -19.60
C ASP A 447 19.35 6.75 -19.84
N ALA A 448 19.82 5.49 -20.14
CA ALA A 448 21.22 5.17 -20.47
C ALA A 448 21.74 6.08 -21.57
N LEU A 449 20.88 6.40 -22.58
CA LEU A 449 21.10 7.35 -23.66
C LEU A 449 21.89 8.58 -23.22
N MET A 450 21.53 9.11 -22.07
CA MET A 450 21.95 10.44 -21.74
C MET A 450 23.39 10.53 -21.25
N THR A 451 23.92 9.46 -20.62
CA THR A 451 25.36 9.40 -20.31
C THR A 451 26.14 8.70 -21.41
N GLY A 452 25.42 8.05 -22.32
CA GLY A 452 26.03 7.28 -23.39
C GLY A 452 26.27 8.05 -24.68
N TYR A 453 25.49 9.13 -24.91
CA TYR A 453 25.34 9.76 -26.23
C TYR A 453 25.04 11.27 -26.08
N THR A 454 25.71 12.12 -26.89
CA THR A 454 25.66 13.60 -26.75
C THR A 454 24.73 14.33 -27.78
N GLY A 455 24.19 13.59 -28.73
CA GLY A 455 23.40 14.20 -29.79
C GLY A 455 21.99 14.62 -29.44
N ASP A 456 21.50 15.58 -30.23
CA ASP A 456 20.16 16.16 -30.14
C ASP A 456 19.27 15.62 -31.28
N PHE A 457 17.95 15.98 -31.26
CA PHE A 457 16.90 15.41 -32.13
C PHE A 457 15.78 16.40 -32.45
N ASP A 458 14.97 16.08 -33.48
CA ASP A 458 13.94 16.97 -34.03
C ASP A 458 12.69 16.99 -33.17
N SER A 459 12.42 15.85 -32.49
CA SER A 459 11.45 15.67 -31.42
C SER A 459 11.96 14.60 -30.48
N VAL A 460 11.49 14.67 -29.22
CA VAL A 460 11.62 13.67 -28.17
C VAL A 460 10.19 13.23 -27.83
N ILE A 461 9.98 11.91 -27.60
CA ILE A 461 8.72 11.30 -27.14
C ILE A 461 9.02 10.58 -25.84
N ASP A 462 8.31 10.96 -24.79
CA ASP A 462 8.69 10.64 -23.42
C ASP A 462 7.55 9.89 -22.77
N CYS A 463 7.83 8.67 -22.33
CA CYS A 463 6.92 7.85 -21.56
C CYS A 463 6.60 8.42 -20.12
N ASN A 464 7.41 9.37 -19.62
CA ASN A 464 7.28 10.09 -18.34
C ASN A 464 7.35 9.16 -17.13
N THR A 465 7.80 7.94 -17.34
CA THR A 465 8.13 7.01 -16.29
C THR A 465 9.61 6.61 -16.36
N CYS A 466 10.08 6.08 -15.25
CA CYS A 466 11.42 5.55 -15.11
C CYS A 466 11.43 4.48 -14.02
N VAL A 467 12.40 3.58 -14.14
CA VAL A 467 12.75 2.58 -13.15
C VAL A 467 13.58 3.21 -12.02
N THR A 468 13.22 2.89 -10.76
CA THR A 468 13.95 3.28 -9.57
C THR A 468 14.05 2.09 -8.64
N GLN A 469 15.01 2.15 -7.71
CA GLN A 469 15.13 1.22 -6.59
C GLN A 469 14.85 1.88 -5.33
N THR A 470 14.22 1.12 -4.43
CA THR A 470 13.69 1.56 -3.15
C THR A 470 14.05 0.48 -2.16
N VAL A 471 14.52 0.88 -1.00
CA VAL A 471 14.78 -0.02 0.12
C VAL A 471 13.52 -0.12 0.91
N ASP A 472 13.30 -1.32 1.48
CA ASP A 472 12.27 -1.58 2.42
C ASP A 472 12.85 -2.33 3.60
N PHE A 473 12.70 -1.74 4.80
CA PHE A 473 13.13 -2.38 6.02
C PHE A 473 12.08 -3.45 6.43
N SER A 474 12.08 -4.54 5.67
CA SER A 474 10.99 -5.49 5.62
C SER A 474 11.08 -6.54 6.69
N LEU A 475 12.26 -6.59 7.39
CA LEU A 475 12.58 -7.47 8.54
C LEU A 475 12.29 -8.95 8.31
N ASP A 476 12.42 -9.43 7.03
CA ASP A 476 12.13 -10.79 6.52
C ASP A 476 13.36 -11.44 5.85
N PRO A 477 14.56 -11.55 6.47
CA PRO A 477 14.97 -11.18 7.84
C PRO A 477 15.43 -9.71 8.03
N THR A 478 15.73 -8.97 6.93
CA THR A 478 16.54 -7.77 7.05
C THR A 478 15.91 -6.65 6.26
N PHE A 479 16.32 -6.53 4.98
CA PHE A 479 15.86 -5.48 4.07
C PHE A 479 15.66 -6.04 2.68
N THR A 480 14.95 -5.27 1.86
CA THR A 480 14.69 -5.60 0.46
C THR A 480 15.13 -4.40 -0.33
N ILE A 481 15.90 -4.58 -1.42
CA ILE A 481 15.99 -3.57 -2.49
C ILE A 481 14.96 -3.97 -3.51
N GLU A 482 13.95 -3.12 -3.69
CA GLU A 482 12.76 -3.27 -4.51
C GLU A 482 12.93 -2.45 -5.80
N THR A 483 12.78 -3.06 -6.99
CA THR A 483 12.81 -2.27 -8.26
C THR A 483 11.40 -1.88 -8.70
N THR A 484 11.15 -0.61 -9.00
CA THR A 484 9.79 -0.13 -9.34
C THR A 484 9.78 0.89 -10.48
N THR A 485 8.65 0.99 -11.18
CA THR A 485 8.42 2.07 -12.14
C THR A 485 7.70 3.21 -11.42
N VAL A 486 8.27 4.43 -11.50
CA VAL A 486 7.66 5.63 -10.92
C VAL A 486 7.37 6.74 -11.96
N PRO A 487 6.36 7.61 -11.72
CA PRO A 487 6.38 8.96 -12.32
C PRO A 487 7.76 9.56 -12.37
N GLN A 488 8.12 10.14 -13.52
CA GLN A 488 9.34 10.97 -13.64
C GLN A 488 9.26 12.26 -12.81
N ASP A 489 10.42 12.80 -12.47
CA ASP A 489 10.52 14.05 -11.71
C ASP A 489 10.88 15.20 -12.66
N ALA A 490 10.91 16.41 -12.10
CA ALA A 490 11.23 17.66 -12.77
C ALA A 490 12.58 17.60 -13.50
N VAL A 491 13.58 16.98 -12.87
CA VAL A 491 14.92 16.85 -13.42
C VAL A 491 14.91 15.92 -14.63
N SER A 492 14.29 14.73 -14.51
CA SER A 492 14.01 13.83 -15.62
C SER A 492 13.33 14.54 -16.80
N ARG A 493 12.17 15.20 -16.54
CA ARG A 493 11.37 15.76 -17.63
C ARG A 493 12.21 16.68 -18.38
N SER A 494 12.81 17.66 -17.68
CA SER A 494 13.58 18.75 -18.29
C SER A 494 14.82 18.29 -19.07
N GLN A 495 15.59 17.31 -18.52
CA GLN A 495 16.76 16.71 -19.17
C GLN A 495 16.37 16.01 -20.49
N ARG A 496 15.37 15.09 -20.46
CA ARG A 496 14.79 14.36 -21.61
C ARG A 496 14.18 15.35 -22.63
N ARG A 497 13.32 16.29 -22.18
CA ARG A 497 12.80 17.35 -23.05
C ARG A 497 13.89 18.21 -23.73
N GLY A 498 14.98 18.48 -23.00
CA GLY A 498 16.16 19.20 -23.49
C GLY A 498 16.99 18.47 -24.53
N ARG A 499 16.71 17.19 -24.83
CA ARG A 499 17.37 16.50 -25.98
C ARG A 499 16.86 16.99 -27.37
N THR A 500 15.92 17.99 -27.33
CA THR A 500 15.32 18.70 -28.45
C THR A 500 15.24 20.19 -28.11
N GLY A 501 15.03 21.01 -29.15
CA GLY A 501 15.00 22.47 -29.09
C GLY A 501 16.34 23.16 -28.82
N ARG A 502 17.47 22.45 -29.03
CA ARG A 502 18.81 23.01 -28.81
C ARG A 502 19.21 23.95 -29.99
N GLY A 503 19.15 25.26 -29.72
CA GLY A 503 19.48 26.31 -30.68
C GLY A 503 18.44 26.54 -31.76
N ARG A 504 17.83 25.46 -32.23
CA ARG A 504 16.76 25.43 -33.23
C ARG A 504 15.43 25.12 -32.53
N ARG A 505 14.35 24.95 -33.32
CA ARG A 505 13.01 24.52 -32.90
C ARG A 505 12.96 22.97 -32.76
N GLY A 506 12.20 22.46 -31.79
CA GLY A 506 12.00 21.03 -31.54
C GLY A 506 10.58 20.73 -31.10
N ILE A 507 10.15 19.48 -31.15
CA ILE A 507 8.86 19.06 -30.55
C ILE A 507 9.07 18.11 -29.34
N TYR A 508 8.29 18.30 -28.25
CA TYR A 508 8.31 17.34 -27.13
C TYR A 508 6.93 16.70 -26.94
N ARG A 509 6.85 15.39 -27.14
CA ARG A 509 5.60 14.63 -27.06
C ARG A 509 5.61 13.71 -25.83
N PHE A 510 4.53 13.77 -25.00
CA PHE A 510 4.43 13.14 -23.66
C PHE A 510 3.13 12.31 -23.42
N VAL A 511 3.17 11.39 -22.43
CA VAL A 511 2.05 10.57 -21.99
C VAL A 511 1.31 11.27 -20.82
N THR A 512 2.07 11.84 -19.88
CA THR A 512 1.50 12.57 -18.74
C THR A 512 2.12 13.93 -18.64
N PRO A 513 1.35 15.00 -18.29
CA PRO A 513 2.01 16.23 -17.77
C PRO A 513 2.41 16.03 -16.31
N GLY A 514 3.06 17.03 -15.75
CA GLY A 514 3.30 17.07 -14.32
C GLY A 514 4.35 16.10 -13.86
N GLU A 515 5.15 16.53 -12.87
CA GLU A 515 6.22 15.71 -12.43
C GLU A 515 6.11 15.45 -10.93
N ARG A 516 6.81 14.41 -10.47
CA ARG A 516 7.04 14.25 -9.05
C ARG A 516 8.19 15.25 -8.65
N PRO A 517 8.28 15.72 -7.39
CA PRO A 517 9.32 16.73 -7.05
C PRO A 517 10.79 16.34 -7.27
N SER A 518 11.62 17.33 -7.51
CA SER A 518 13.03 17.14 -7.80
C SER A 518 13.86 17.19 -6.53
N GLY A 519 15.06 16.61 -6.58
CA GLY A 519 16.08 16.86 -5.58
C GLY A 519 16.04 15.94 -4.41
N MET A 520 15.32 14.80 -4.52
CA MET A 520 15.22 13.80 -3.44
C MET A 520 15.66 12.43 -3.96
N PHE A 521 16.42 11.64 -3.15
CA PHE A 521 16.70 10.23 -3.55
C PHE A 521 16.49 9.20 -2.42
N ASP A 522 16.37 7.92 -2.78
CA ASP A 522 16.11 6.85 -1.81
C ASP A 522 17.41 6.44 -1.01
N SER A 523 17.20 5.89 0.19
CA SER A 523 18.24 5.33 1.04
C SER A 523 18.95 4.17 0.35
N SER A 524 18.27 3.50 -0.56
CA SER A 524 18.81 2.55 -1.56
C SER A 524 20.10 3.04 -2.22
N VAL A 525 20.22 4.36 -2.48
CA VAL A 525 21.33 4.92 -3.23
C VAL A 525 22.52 4.99 -2.25
N LEU A 526 22.22 5.22 -0.94
CA LEU A 526 23.28 5.28 0.04
C LEU A 526 23.96 3.91 0.08
N CYS A 527 23.14 2.81 0.24
CA CYS A 527 23.57 1.41 0.17
C CYS A 527 24.51 1.21 -1.02
N GLU A 528 24.19 1.88 -2.13
CA GLU A 528 24.80 1.69 -3.43
C GLU A 528 26.14 2.36 -3.47
N CYS A 529 26.35 3.45 -2.69
CA CYS A 529 27.60 4.15 -2.51
C CYS A 529 28.57 3.29 -1.72
N TYR A 530 28.07 2.60 -0.66
CA TYR A 530 28.87 1.67 0.15
C TYR A 530 29.32 0.47 -0.65
N ASP A 531 28.39 -0.06 -1.46
CA ASP A 531 28.62 -1.16 -2.41
C ASP A 531 29.79 -0.79 -3.32
N ALA A 532 29.70 0.40 -4.01
CA ALA A 532 30.76 0.94 -4.90
C ALA A 532 32.05 1.26 -4.19
N GLY A 533 31.98 1.90 -3.02
CA GLY A 533 33.13 2.13 -2.15
C GLY A 533 33.95 0.85 -2.04
N CYS A 534 33.26 -0.23 -1.69
CA CYS A 534 33.71 -1.58 -1.51
C CYS A 534 34.10 -2.29 -2.82
N ALA A 535 33.27 -2.29 -3.88
CA ALA A 535 33.56 -3.00 -5.13
C ALA A 535 34.60 -2.34 -5.99
N TRP A 536 34.57 -1.00 -6.14
CA TRP A 536 35.33 -0.27 -7.17
C TRP A 536 36.47 0.62 -6.68
N TYR A 537 36.31 1.28 -5.51
CA TYR A 537 37.14 2.41 -5.07
C TYR A 537 37.94 2.16 -3.79
N GLU A 538 37.99 0.92 -3.34
CA GLU A 538 38.85 0.46 -2.24
C GLU A 538 38.65 1.28 -0.97
N LEU A 539 37.40 1.67 -0.71
CA LEU A 539 36.99 2.46 0.43
C LEU A 539 36.41 1.54 1.49
N THR A 540 36.87 1.70 2.73
CA THR A 540 36.22 1.02 3.83
C THR A 540 34.83 1.65 4.01
N PRO A 541 33.88 0.91 4.63
CA PRO A 541 32.61 1.54 5.01
C PRO A 541 32.79 2.84 5.77
N ALA A 542 33.79 2.90 6.69
CA ALA A 542 34.10 4.11 7.51
C ALA A 542 34.45 5.32 6.61
N GLU A 543 35.41 5.10 5.67
CA GLU A 543 35.85 6.04 4.63
C GLU A 543 34.76 6.62 3.79
N THR A 544 33.77 5.82 3.36
CA THR A 544 32.58 6.19 2.57
C THR A 544 31.63 7.03 3.43
N SER A 545 31.44 6.68 4.72
CA SER A 545 30.60 7.50 5.60
C SER A 545 31.10 8.98 5.70
N VAL A 546 32.44 9.19 5.75
CA VAL A 546 33.03 10.54 5.81
C VAL A 546 32.61 11.37 4.55
N ARG A 547 32.73 10.74 3.37
CA ARG A 547 32.37 11.34 2.09
C ARG A 547 30.88 11.63 1.92
N LEU A 548 30.04 10.67 2.31
CA LEU A 548 28.59 10.79 2.21
C LEU A 548 28.06 11.83 3.17
N ARG A 549 28.59 11.86 4.38
CA ARG A 549 28.34 12.86 5.39
C ARG A 549 28.63 14.26 4.77
N ALA A 550 29.84 14.44 4.12
CA ALA A 550 30.21 15.72 3.45
C ALA A 550 29.11 16.13 2.51
N TYR A 551 28.63 15.16 1.66
CA TYR A 551 27.49 15.36 0.77
C TYR A 551 26.17 15.76 1.48
N LEU A 552 25.83 15.15 2.63
CA LEU A 552 24.53 15.42 3.28
C LEU A 552 24.54 16.72 4.04
N ASN A 553 25.60 16.97 4.77
CA ASN A 553 25.83 18.22 5.49
C ASN A 553 25.91 19.47 4.62
N THR A 554 26.31 19.35 3.32
CA THR A 554 26.28 20.48 2.38
C THR A 554 24.86 20.77 1.86
N PRO A 555 24.38 22.01 2.05
CA PRO A 555 23.04 22.35 1.52
C PRO A 555 22.97 22.65 0.01
N GLY A 556 21.77 22.53 -0.54
CA GLY A 556 21.50 22.86 -1.95
C GLY A 556 21.73 21.71 -2.93
N LEU A 557 22.19 20.54 -2.43
CA LEU A 557 22.41 19.31 -3.21
C LEU A 557 21.19 18.42 -3.04
N PRO A 558 20.95 17.38 -3.90
CA PRO A 558 19.86 16.43 -3.61
C PRO A 558 19.92 15.86 -2.19
N VAL A 559 18.78 15.49 -1.63
CA VAL A 559 18.63 15.12 -0.21
C VAL A 559 18.15 13.70 0.01
N CYS A 560 18.53 13.13 1.17
CA CYS A 560 18.23 11.74 1.50
C CYS A 560 18.06 11.64 2.94
N GLN A 561 17.25 10.67 3.42
CA GLN A 561 17.24 10.24 4.83
C GLN A 561 18.65 9.78 5.20
N ASP A 562 19.16 10.24 6.35
CA ASP A 562 20.49 9.89 6.84
C ASP A 562 20.48 8.46 7.43
N HIS A 563 20.85 7.46 6.59
CA HIS A 563 20.94 6.07 7.00
C HIS A 563 22.38 5.61 6.96
N LEU A 564 23.32 6.58 7.06
CA LEU A 564 24.78 6.42 7.01
C LEU A 564 25.30 5.48 8.03
N GLU A 565 24.89 5.63 9.34
CA GLU A 565 25.28 4.69 10.40
C GLU A 565 24.72 3.32 10.10
N PHE A 566 23.44 3.23 9.66
CA PHE A 566 22.82 1.96 9.32
C PHE A 566 23.63 1.24 8.29
N TRP A 567 23.78 1.86 7.11
CA TRP A 567 24.46 1.23 5.97
C TRP A 567 25.91 0.90 6.28
N GLU A 568 26.66 1.77 6.95
CA GLU A 568 28.03 1.45 7.35
C GLU A 568 28.09 0.17 8.18
N SER A 569 27.20 0.04 9.18
CA SER A 569 27.11 -1.17 9.98
C SER A 569 26.83 -2.45 9.12
N VAL A 570 25.97 -2.35 8.10
CA VAL A 570 25.75 -3.50 7.23
C VAL A 570 27.07 -3.88 6.51
N PHE A 571 27.69 -2.91 5.82
CA PHE A 571 28.84 -3.27 5.02
C PHE A 571 30.08 -3.70 5.85
N THR A 572 30.22 -3.19 7.08
CA THR A 572 31.31 -3.53 8.02
C THR A 572 31.38 -5.05 8.30
N GLY A 573 30.22 -5.73 8.29
CA GLY A 573 30.16 -7.15 8.61
C GLY A 573 30.33 -8.07 7.42
N LEU A 574 30.39 -7.50 6.23
CA LEU A 574 30.53 -8.30 5.00
C LEU A 574 32.00 -8.39 4.72
N THR A 575 32.65 -9.37 5.35
CA THR A 575 34.10 -9.55 5.29
C THR A 575 34.48 -10.80 4.48
N HIS A 576 35.72 -10.87 3.99
CA HIS A 576 36.27 -12.03 3.26
C HIS A 576 35.34 -12.51 2.14
N ILE A 577 34.77 -11.53 1.41
CA ILE A 577 34.17 -11.75 0.09
C ILE A 577 35.14 -12.55 -0.83
N ASP A 578 34.55 -13.44 -1.65
CA ASP A 578 35.23 -14.15 -2.73
C ASP A 578 35.59 -13.12 -3.80
N ALA A 579 36.91 -12.93 -4.05
CA ALA A 579 37.45 -12.08 -5.11
C ALA A 579 36.90 -12.40 -6.48
N HIS A 580 36.68 -13.70 -6.76
CA HIS A 580 36.30 -14.13 -8.08
C HIS A 580 34.87 -13.76 -8.38
N PHE A 581 33.91 -14.11 -7.51
CA PHE A 581 32.53 -13.67 -7.66
C PHE A 581 32.40 -12.15 -7.82
N LEU A 582 33.17 -11.37 -7.05
CA LEU A 582 33.14 -9.91 -7.14
C LEU A 582 33.62 -9.40 -8.51
N SER A 583 34.73 -9.91 -9.06
CA SER A 583 35.13 -9.57 -10.42
C SER A 583 34.02 -9.82 -11.48
N GLN A 584 33.34 -10.96 -11.40
CA GLN A 584 32.18 -11.34 -12.21
C GLN A 584 31.00 -10.35 -12.12
N THR A 585 30.39 -10.17 -10.94
CA THR A 585 29.35 -9.17 -10.74
C THR A 585 29.76 -7.77 -11.19
N LYS A 586 31.04 -7.37 -10.95
CA LYS A 586 31.57 -6.07 -11.41
C LYS A 586 31.53 -5.94 -12.95
N GLN A 587 32.12 -6.96 -13.64
CA GLN A 587 32.19 -7.03 -15.10
C GLN A 587 30.80 -7.10 -15.75
N ALA A 588 29.87 -7.81 -15.11
CA ALA A 588 28.52 -7.96 -15.60
C ALA A 588 27.66 -6.65 -15.46
N GLY A 589 28.21 -5.64 -14.77
CA GLY A 589 27.64 -4.30 -14.67
C GLY A 589 26.27 -4.10 -14.05
N ASP A 590 25.80 -5.07 -13.29
CA ASP A 590 24.50 -4.99 -12.67
C ASP A 590 24.54 -4.28 -11.32
N ASN A 591 23.37 -3.93 -10.80
CA ASN A 591 23.27 -3.17 -9.55
C ASN A 591 23.69 -3.99 -8.35
N PHE A 592 24.48 -3.37 -7.47
CA PHE A 592 24.92 -3.94 -6.19
C PHE A 592 25.93 -5.10 -6.40
N PRO A 593 27.03 -4.93 -7.20
CA PRO A 593 27.95 -6.06 -7.42
C PRO A 593 28.48 -6.67 -6.11
N TYR A 594 28.78 -5.82 -5.08
CA TYR A 594 29.23 -6.25 -3.74
C TYR A 594 28.22 -7.14 -3.02
N LEU A 595 26.99 -6.66 -2.86
CA LEU A 595 25.89 -7.41 -2.28
C LEU A 595 25.58 -8.70 -3.01
N VAL A 596 25.69 -8.71 -4.34
CA VAL A 596 25.44 -9.98 -5.07
C VAL A 596 26.62 -10.99 -4.87
N ALA A 597 27.86 -10.61 -5.19
CA ALA A 597 29.05 -11.45 -4.95
C ALA A 597 29.05 -11.91 -3.49
N TYR A 598 28.56 -11.05 -2.58
CA TYR A 598 28.63 -11.36 -1.17
C TYR A 598 27.65 -12.42 -0.80
N GLN A 599 26.44 -12.39 -1.39
CA GLN A 599 25.46 -13.43 -1.11
C GLN A 599 25.97 -14.72 -1.68
N ALA A 600 26.51 -14.66 -2.93
CA ALA A 600 27.08 -15.79 -3.68
C ALA A 600 28.16 -16.51 -2.89
N THR A 601 29.04 -15.73 -2.25
CA THR A 601 30.14 -16.17 -1.38
C THR A 601 29.59 -17.05 -0.29
N VAL A 602 28.60 -16.53 0.48
CA VAL A 602 27.91 -17.25 1.58
C VAL A 602 27.25 -18.59 1.06
N CYS A 603 26.59 -18.54 -0.10
CA CYS A 603 26.02 -19.67 -0.80
C CYS A 603 27.07 -20.73 -1.11
N ALA A 604 28.12 -20.37 -1.94
CA ALA A 604 29.20 -21.27 -2.31
C ALA A 604 29.90 -21.85 -1.06
N ARG A 605 30.31 -20.99 -0.09
CA ARG A 605 30.94 -21.44 1.16
C ARG A 605 30.07 -22.44 1.95
N ALA A 606 28.72 -22.39 1.81
CA ALA A 606 27.73 -23.28 2.51
C ALA A 606 27.25 -24.39 1.62
N GLN A 607 27.76 -24.42 0.36
CA GLN A 607 27.27 -25.23 -0.78
C GLN A 607 25.75 -25.20 -0.91
N ALA A 608 25.19 -23.99 -0.74
CA ALA A 608 23.77 -23.72 -0.71
C ALA A 608 23.42 -23.07 -2.06
N PRO A 609 22.17 -23.25 -2.59
CA PRO A 609 21.82 -22.61 -3.88
C PRO A 609 21.60 -21.11 -3.73
N PRO A 610 21.69 -20.32 -4.82
CA PRO A 610 21.30 -18.91 -4.71
C PRO A 610 19.81 -18.72 -4.41
N PRO A 611 19.37 -17.51 -3.96
CA PRO A 611 17.93 -17.29 -3.66
C PRO A 611 16.98 -17.68 -4.82
N SER A 612 17.48 -17.58 -6.04
CA SER A 612 16.84 -18.07 -7.24
C SER A 612 17.93 -18.31 -8.31
N TRP A 613 17.52 -18.64 -9.54
CA TRP A 613 18.46 -18.80 -10.65
C TRP A 613 18.25 -17.72 -11.74
N ASP A 614 17.78 -16.50 -11.31
CA ASP A 614 17.69 -15.28 -12.11
C ASP A 614 19.08 -14.98 -12.68
N GLN A 615 19.18 -14.15 -13.72
CA GLN A 615 20.47 -13.74 -14.31
C GLN A 615 21.45 -13.18 -13.24
N MET A 616 20.90 -12.57 -12.15
CA MET A 616 21.67 -12.01 -11.03
C MET A 616 22.67 -13.00 -10.46
N TRP A 617 22.31 -14.32 -10.43
CA TRP A 617 23.07 -15.35 -9.73
C TRP A 617 23.89 -16.25 -10.67
N LYS A 618 24.21 -15.74 -11.87
CA LYS A 618 24.89 -16.50 -12.93
C LYS A 618 26.29 -16.94 -12.58
N CYS A 619 27.05 -16.16 -11.75
CA CYS A 619 28.36 -16.55 -11.19
C CYS A 619 28.36 -17.95 -10.55
N LEU A 620 27.20 -18.39 -10.12
CA LEU A 620 27.03 -19.65 -9.42
C LEU A 620 26.69 -20.82 -10.36
N ILE A 621 26.43 -20.57 -11.69
CA ILE A 621 25.88 -21.57 -12.62
C ILE A 621 26.79 -22.81 -12.76
N ARG A 622 28.13 -22.64 -12.83
CA ARG A 622 29.13 -23.72 -12.83
C ARG A 622 28.91 -24.65 -11.65
N LEU A 623 28.55 -24.07 -10.49
CA LEU A 623 28.49 -24.78 -9.22
C LEU A 623 27.20 -25.48 -9.01
N LYS A 624 26.15 -25.09 -9.76
CA LYS A 624 24.75 -25.57 -9.63
C LYS A 624 24.63 -27.09 -9.21
N PRO A 625 25.28 -28.09 -9.89
CA PRO A 625 25.13 -29.51 -9.44
C PRO A 625 25.56 -29.80 -8.00
N THR A 626 26.40 -28.95 -7.42
CA THR A 626 27.04 -29.16 -6.12
C THR A 626 26.24 -28.49 -5.01
N LEU A 627 25.26 -27.61 -5.37
CA LEU A 627 24.58 -26.70 -4.43
C LEU A 627 23.18 -27.19 -4.10
N HIS A 628 22.85 -27.30 -2.79
CA HIS A 628 21.66 -28.01 -2.31
C HIS A 628 21.26 -27.47 -0.98
N GLY A 629 19.96 -27.51 -0.71
CA GLY A 629 19.43 -27.13 0.60
C GLY A 629 18.97 -25.70 0.64
N PRO A 630 18.58 -25.16 1.82
CA PRO A 630 18.10 -23.77 1.84
C PRO A 630 19.22 -22.76 1.69
N THR A 631 18.95 -21.67 1.02
CA THR A 631 19.88 -20.56 0.89
C THR A 631 19.96 -19.77 2.19
N PRO A 632 21.20 -19.49 2.64
CA PRO A 632 21.38 -18.65 3.81
C PRO A 632 21.19 -17.22 3.31
N LEU A 633 19.97 -16.70 3.43
CA LEU A 633 19.52 -15.44 2.86
C LEU A 633 20.02 -14.27 3.65
N LEU A 634 20.71 -13.33 3.00
CA LEU A 634 21.31 -12.17 3.71
C LEU A 634 20.36 -10.94 3.73
N TYR A 635 19.51 -10.85 2.69
CA TYR A 635 18.74 -9.68 2.29
C TYR A 635 18.02 -10.06 1.03
N ARG A 636 17.09 -9.25 0.56
CA ARG A 636 16.37 -9.59 -0.66
C ARG A 636 16.70 -8.59 -1.72
N LEU A 637 17.12 -9.09 -2.88
CA LEU A 637 17.59 -8.29 -4.02
C LEU A 637 16.75 -8.61 -5.24
N GLY A 638 15.77 -9.43 -5.03
CA GLY A 638 14.80 -9.87 -6.02
C GLY A 638 13.91 -10.93 -5.40
N ALA A 639 13.23 -11.72 -6.27
CA ALA A 639 12.39 -12.83 -5.82
C ALA A 639 13.26 -13.90 -5.19
N VAL A 640 12.84 -14.46 -4.03
CA VAL A 640 13.48 -15.62 -3.44
C VAL A 640 12.54 -16.77 -3.76
N GLN A 641 13.02 -17.73 -4.56
CA GLN A 641 12.26 -18.92 -4.98
C GLN A 641 12.63 -20.17 -4.21
N ASN A 642 13.90 -20.27 -3.74
CA ASN A 642 14.37 -21.44 -2.96
C ASN A 642 13.99 -21.28 -1.50
N GLU A 643 13.90 -22.38 -0.76
CA GLU A 643 13.62 -22.38 0.69
C GLU A 643 14.70 -21.60 1.43
N VAL A 644 14.42 -21.11 2.62
CA VAL A 644 15.43 -20.27 3.25
C VAL A 644 15.80 -20.72 4.65
N THR A 645 17.08 -20.47 5.00
CA THR A 645 17.61 -20.55 6.36
C THR A 645 18.13 -19.20 6.85
N LEU A 646 17.79 -18.90 8.11
CA LEU A 646 18.08 -17.62 8.74
C LEU A 646 19.12 -17.81 9.89
N THR A 647 19.79 -18.99 9.91
CA THR A 647 20.71 -19.45 10.95
C THR A 647 22.15 -18.92 10.80
N HIS A 648 22.56 -18.45 9.56
CA HIS A 648 23.94 -18.07 9.23
C HIS A 648 24.39 -16.85 10.07
N PRO A 649 25.67 -16.85 10.53
CA PRO A 649 26.17 -15.71 11.29
C PRO A 649 25.94 -14.34 10.63
N ILE A 650 26.05 -14.26 9.28
CA ILE A 650 25.98 -12.97 8.60
C ILE A 650 24.52 -12.48 8.49
N THR A 651 23.57 -13.37 8.20
CA THR A 651 22.13 -13.04 8.31
C THR A 651 21.87 -12.46 9.69
N LYS A 652 22.19 -13.22 10.75
CA LYS A 652 22.05 -12.80 12.15
C LYS A 652 22.70 -11.40 12.36
N TYR A 653 23.98 -11.19 11.87
CA TYR A 653 24.65 -9.90 12.05
C TYR A 653 23.85 -8.79 11.45
N ILE A 654 23.32 -9.00 10.18
CA ILE A 654 22.54 -8.00 9.44
C ILE A 654 21.19 -7.82 10.13
N MET A 655 20.56 -8.90 10.70
CA MET A 655 19.32 -8.81 11.50
C MET A 655 19.55 -7.88 12.69
N ALA A 656 20.68 -8.08 13.43
CA ALA A 656 21.09 -7.20 14.55
C ALA A 656 21.27 -5.71 14.12
N CYS A 657 21.83 -5.42 12.93
CA CYS A 657 21.97 -4.03 12.45
C CYS A 657 20.65 -3.34 12.36
N MET A 658 19.55 -4.08 12.05
CA MET A 658 18.17 -3.58 11.82
C MET A 658 17.59 -2.89 13.05
N SER A 659 18.29 -2.98 14.19
CA SER A 659 17.95 -2.35 15.46
C SER A 659 18.31 -0.87 15.45
N ALA A 660 19.23 -0.46 14.56
CA ALA A 660 19.58 0.96 14.29
C ALA A 660 18.34 1.90 14.21
N ASP A 661 18.48 3.16 14.73
CA ASP A 661 17.44 4.17 14.50
C ASP A 661 17.38 4.42 13.03
N LEU A 662 16.21 4.24 12.45
CA LEU A 662 16.00 4.50 11.04
C LEU A 662 14.97 5.61 10.97
N GLU A 663 15.38 6.78 10.52
CA GLU A 663 14.43 7.89 10.31
C GLU A 663 13.77 7.69 8.96
N VAL A 664 12.46 7.50 8.99
CA VAL A 664 11.61 7.28 7.81
C VAL A 664 10.47 8.32 7.75
N VAL A 665 10.15 8.78 6.53
CA VAL A 665 8.97 9.64 6.35
C VAL A 665 7.64 8.84 6.54
N THR A 666 6.52 9.54 6.77
CA THR A 666 5.25 8.87 7.16
C THR A 666 4.03 9.42 6.43
N GLY B 22 -21.68 4.88 -6.91
CA GLY B 22 -20.43 4.21 -7.26
C GLY B 22 -20.62 3.12 -8.31
N SER B 23 -20.44 3.45 -9.61
CA SER B 23 -20.48 2.41 -10.65
C SER B 23 -19.07 1.96 -10.87
N VAL B 24 -18.87 0.77 -11.49
CA VAL B 24 -17.58 0.38 -12.09
C VAL B 24 -17.47 1.14 -13.46
N VAL B 25 -16.24 1.47 -13.87
CA VAL B 25 -15.94 2.37 -14.96
C VAL B 25 -14.87 1.78 -15.82
N ILE B 26 -15.19 1.61 -17.14
CA ILE B 26 -14.19 1.26 -18.15
C ILE B 26 -13.30 2.52 -18.26
N VAL B 27 -12.02 2.37 -17.92
CA VAL B 27 -11.03 3.45 -17.98
C VAL B 27 -9.99 3.15 -19.08
N GLY B 28 -10.14 2.03 -19.74
CA GLY B 28 -9.17 1.57 -20.71
C GLY B 28 -9.58 0.23 -21.27
N ARG B 29 -8.73 -0.37 -22.09
CA ARG B 29 -8.98 -1.64 -22.74
C ARG B 29 -7.68 -2.38 -23.10
N ILE B 30 -7.73 -3.74 -23.21
CA ILE B 30 -6.57 -4.54 -23.64
C ILE B 30 -6.84 -5.18 -24.98
N ILE B 31 -6.32 -4.58 -26.06
CA ILE B 31 -6.54 -5.09 -27.41
C ILE B 31 -5.76 -6.36 -27.64
N LEU B 32 -6.44 -7.40 -28.19
CA LEU B 32 -5.82 -8.69 -28.52
C LEU B 32 -5.49 -8.86 -30.03
N SER B 33 -4.38 -9.56 -30.36
CA SER B 33 -3.98 -9.95 -31.71
C SER B 33 -5.01 -10.87 -32.41
N SER B 37 -0.09 -16.27 -33.10
CA SER B 37 0.68 -15.79 -31.94
C SER B 37 -0.08 -14.75 -31.06
N ILE B 38 -0.30 -15.08 -29.75
CA ILE B 38 -1.06 -14.22 -28.84
C ILE B 38 -0.18 -13.10 -28.28
N THR B 39 -0.51 -11.87 -28.70
CA THR B 39 0.05 -10.62 -28.18
C THR B 39 -1.08 -9.67 -27.83
N ALA B 40 -0.77 -8.72 -26.92
CA ALA B 40 -1.68 -7.72 -26.40
C ALA B 40 -0.99 -6.34 -26.28
N TYR B 41 -1.76 -5.25 -26.48
CA TYR B 41 -1.36 -3.89 -26.15
C TYR B 41 -2.55 -3.18 -25.49
N SER B 42 -2.25 -2.24 -24.58
CA SER B 42 -3.25 -1.51 -23.80
C SER B 42 -3.44 -0.05 -24.25
N GLN B 43 -4.71 0.41 -24.19
CA GLN B 43 -5.09 1.79 -24.39
C GLN B 43 -5.82 2.38 -23.14
N GLN B 44 -5.36 3.55 -22.63
CA GLN B 44 -6.05 4.24 -21.55
C GLN B 44 -7.04 5.22 -22.16
N THR B 45 -8.33 5.05 -21.86
CA THR B 45 -9.40 5.85 -22.51
C THR B 45 -9.99 6.87 -21.56
N ARG B 46 -9.61 6.84 -20.24
CA ARG B 46 -10.09 7.75 -19.19
C ARG B 46 -9.05 8.11 -18.15
N GLY B 47 -9.07 9.37 -17.68
CA GLY B 47 -8.32 9.88 -16.52
C GLY B 47 -9.06 9.73 -15.20
N LEU B 48 -8.47 10.26 -14.11
CA LEU B 48 -9.01 10.12 -12.75
C LEU B 48 -10.32 10.91 -12.57
N LEU B 49 -10.34 12.16 -13.06
CA LEU B 49 -11.54 13.00 -13.04
C LEU B 49 -12.72 12.29 -13.76
N GLY B 50 -12.55 12.00 -15.07
CA GLY B 50 -13.48 11.22 -15.89
C GLY B 50 -13.97 9.97 -15.19
N CYS B 51 -13.03 9.17 -14.64
CA CYS B 51 -13.39 8.04 -13.82
C CYS B 51 -14.32 8.47 -12.65
N ILE B 52 -13.91 9.43 -11.76
CA ILE B 52 -14.77 9.87 -10.63
C ILE B 52 -16.17 10.31 -11.10
N ILE B 53 -16.22 11.21 -12.11
CA ILE B 53 -17.47 11.78 -12.64
C ILE B 53 -18.35 10.63 -13.24
N THR B 54 -17.74 9.72 -14.02
CA THR B 54 -18.42 8.56 -14.62
C THR B 54 -18.94 7.61 -13.54
N SER B 55 -18.10 7.26 -12.58
CA SER B 55 -18.47 6.50 -11.38
C SER B 55 -19.65 7.10 -10.58
N LEU B 56 -19.82 8.42 -10.59
CA LEU B 56 -20.92 9.08 -9.90
C LEU B 56 -22.24 9.09 -10.68
N THR B 57 -22.16 9.31 -11.99
CA THR B 57 -23.33 9.38 -12.85
C THR B 57 -23.82 7.97 -13.29
N GLY B 58 -22.87 7.09 -13.60
CA GLY B 58 -23.19 5.86 -14.30
C GLY B 58 -23.39 6.06 -15.79
N ARG B 59 -23.22 7.30 -16.32
CA ARG B 59 -23.25 7.46 -17.77
C ARG B 59 -21.85 7.55 -18.32
N ASP B 60 -21.50 6.58 -19.18
CA ASP B 60 -20.24 6.45 -19.92
C ASP B 60 -20.62 6.37 -21.38
N LYS B 61 -20.70 7.54 -22.00
CA LYS B 61 -21.13 7.69 -23.39
C LYS B 61 -19.95 7.43 -24.37
N ASN B 62 -18.73 7.16 -23.82
CA ASN B 62 -17.61 6.61 -24.59
C ASN B 62 -17.98 5.26 -25.16
N GLN B 63 -17.66 5.04 -26.45
CA GLN B 63 -17.88 3.78 -27.16
C GLN B 63 -17.02 2.69 -26.59
N VAL B 64 -17.63 1.54 -26.25
CA VAL B 64 -16.86 0.37 -25.81
C VAL B 64 -16.21 -0.31 -27.03
N GLU B 65 -14.92 -0.66 -26.91
CA GLU B 65 -14.25 -1.51 -27.91
C GLU B 65 -13.53 -2.64 -27.19
N GLY B 66 -12.88 -3.52 -27.96
CA GLY B 66 -12.21 -4.73 -27.48
C GLY B 66 -13.12 -5.75 -26.81
N GLU B 67 -12.51 -6.80 -26.26
CA GLU B 67 -13.14 -7.84 -25.47
C GLU B 67 -12.59 -7.88 -24.04
N VAL B 68 -11.35 -7.37 -23.84
CA VAL B 68 -10.81 -7.07 -22.50
C VAL B 68 -10.94 -5.56 -22.19
N GLN B 69 -11.67 -5.26 -21.11
CA GLN B 69 -11.81 -3.91 -20.55
C GLN B 69 -10.92 -3.81 -19.32
N VAL B 70 -10.31 -2.62 -19.15
CA VAL B 70 -9.67 -2.18 -17.92
C VAL B 70 -10.74 -1.35 -17.22
N VAL B 71 -11.02 -1.68 -15.96
CA VAL B 71 -12.09 -1.11 -15.14
C VAL B 71 -11.58 -0.64 -13.77
N SER B 72 -12.37 0.22 -13.09
CA SER B 72 -11.96 0.88 -11.86
C SER B 72 -13.12 1.19 -10.97
N THR B 73 -12.92 0.95 -9.66
CA THR B 73 -13.69 1.53 -8.56
C THR B 73 -12.87 2.73 -8.04
N ALA B 74 -13.25 3.30 -6.87
CA ALA B 74 -12.55 4.43 -6.25
C ALA B 74 -11.14 4.00 -5.76
N THR B 75 -11.08 2.76 -5.29
CA THR B 75 -10.00 2.11 -4.60
C THR B 75 -9.20 1.19 -5.54
N GLN B 76 -9.89 0.37 -6.33
CA GLN B 76 -9.25 -0.70 -7.04
C GLN B 76 -9.31 -0.51 -8.55
N SER B 77 -8.44 -1.24 -9.23
CA SER B 77 -8.38 -1.35 -10.67
C SER B 77 -8.13 -2.79 -11.00
N PHE B 78 -8.87 -3.31 -12.00
CA PHE B 78 -8.82 -4.71 -12.43
C PHE B 78 -9.27 -4.82 -13.90
N LEU B 79 -9.60 -6.02 -14.33
CA LEU B 79 -9.98 -6.24 -15.71
C LEU B 79 -11.39 -6.88 -15.83
N ALA B 80 -12.04 -6.69 -17.00
CA ALA B 80 -13.27 -7.39 -17.35
C ALA B 80 -13.06 -8.03 -18.71
N THR B 81 -13.56 -9.25 -18.91
CA THR B 81 -13.48 -10.00 -20.19
C THR B 81 -14.90 -10.27 -20.63
N CYS B 82 -15.23 -9.95 -21.91
CA CYS B 82 -16.53 -10.30 -22.51
C CYS B 82 -16.50 -11.72 -23.14
N VAL B 83 -17.38 -12.64 -22.63
CA VAL B 83 -17.68 -13.95 -23.24
C VAL B 83 -19.21 -14.08 -23.28
N ASN B 84 -19.76 -14.57 -24.44
CA ASN B 84 -21.19 -14.86 -24.68
C ASN B 84 -22.11 -13.67 -24.42
N GLY B 85 -21.71 -12.51 -24.95
CA GLY B 85 -22.42 -11.25 -24.82
C GLY B 85 -22.46 -10.72 -23.41
N VAL B 86 -21.66 -11.32 -22.50
CA VAL B 86 -21.65 -10.91 -21.10
C VAL B 86 -20.25 -10.48 -20.74
N CYS B 87 -20.15 -9.27 -20.19
CA CYS B 87 -18.94 -8.62 -19.74
C CYS B 87 -18.66 -9.05 -18.28
N TRP B 88 -17.73 -10.00 -18.11
CA TRP B 88 -17.47 -10.69 -16.86
C TRP B 88 -16.24 -10.13 -16.12
N THR B 89 -16.28 -10.17 -14.78
CA THR B 89 -15.20 -9.95 -13.80
C THR B 89 -15.52 -10.57 -12.42
N VAL B 90 -14.62 -10.36 -11.45
CA VAL B 90 -14.61 -10.89 -10.07
C VAL B 90 -15.53 -10.14 -9.17
N TYR B 91 -16.22 -10.90 -8.31
CA TYR B 91 -17.03 -10.35 -7.25
C TYR B 91 -16.13 -9.55 -6.26
N HIS B 92 -14.97 -10.13 -5.85
CA HIS B 92 -14.08 -9.46 -4.87
C HIS B 92 -13.57 -8.09 -5.33
N GLY B 93 -13.58 -7.85 -6.64
CA GLY B 93 -13.29 -6.53 -7.19
C GLY B 93 -14.49 -5.63 -7.29
N ALA B 94 -15.57 -6.12 -7.97
CA ALA B 94 -16.70 -5.30 -8.45
C ALA B 94 -17.90 -5.27 -7.51
N GLY B 95 -17.88 -6.09 -6.47
CA GLY B 95 -19.02 -6.27 -5.58
C GLY B 95 -20.32 -6.53 -6.29
N SER B 96 -21.35 -5.78 -5.92
CA SER B 96 -22.67 -5.79 -6.60
C SER B 96 -22.86 -4.51 -7.41
N LYS B 97 -21.75 -3.79 -7.69
CA LYS B 97 -21.81 -2.47 -8.32
C LYS B 97 -22.34 -2.56 -9.73
N THR B 98 -23.18 -1.58 -10.08
CA THR B 98 -23.55 -1.31 -11.47
C THR B 98 -22.27 -0.93 -12.25
N LEU B 99 -22.31 -1.04 -13.58
CA LEU B 99 -21.29 -0.65 -14.57
C LEU B 99 -21.81 0.64 -15.22
N ALA B 100 -21.02 1.75 -15.21
CA ALA B 100 -21.36 2.94 -16.01
C ALA B 100 -21.52 2.48 -17.41
N GLY B 101 -22.54 2.98 -18.06
CA GLY B 101 -22.82 2.57 -19.43
C GLY B 101 -23.60 3.61 -20.20
N PRO B 102 -23.90 3.30 -21.48
CA PRO B 102 -24.33 4.37 -22.40
C PRO B 102 -25.55 5.11 -21.93
N LYS B 103 -26.63 4.39 -21.59
CA LYS B 103 -27.90 5.04 -21.21
C LYS B 103 -28.11 5.04 -19.66
N GLY B 104 -27.01 5.13 -18.92
CA GLY B 104 -26.98 5.11 -17.47
C GLY B 104 -26.34 3.85 -16.90
N PRO B 105 -26.50 3.59 -15.57
CA PRO B 105 -25.79 2.45 -14.96
C PRO B 105 -26.44 1.09 -15.15
N ILE B 106 -25.65 0.17 -15.71
CA ILE B 106 -26.06 -1.21 -15.98
C ILE B 106 -26.03 -2.03 -14.70
N THR B 107 -27.19 -2.48 -14.19
CA THR B 107 -27.17 -3.38 -13.04
C THR B 107 -26.70 -4.75 -13.52
N GLN B 108 -25.96 -5.45 -12.65
CA GLN B 108 -25.41 -6.79 -12.92
C GLN B 108 -26.53 -7.78 -13.21
N MET B 109 -26.33 -8.54 -14.28
CA MET B 109 -27.19 -9.65 -14.64
C MET B 109 -26.82 -10.94 -13.86
N TYR B 110 -25.54 -11.17 -13.61
CA TYR B 110 -25.15 -12.35 -12.85
C TYR B 110 -24.31 -11.97 -11.69
N THR B 111 -24.55 -12.64 -10.52
CA THR B 111 -23.75 -12.54 -9.31
C THR B 111 -23.59 -13.92 -8.74
N ASN B 112 -22.35 -14.41 -8.65
CA ASN B 112 -22.03 -15.74 -8.09
C ASN B 112 -20.85 -15.59 -7.16
N VAL B 113 -21.13 -15.26 -5.88
CA VAL B 113 -20.14 -15.05 -4.82
C VAL B 113 -19.31 -16.30 -4.64
N ASP B 114 -19.95 -17.47 -4.66
CA ASP B 114 -19.26 -18.76 -4.55
C ASP B 114 -18.20 -19.01 -5.61
N GLN B 115 -18.40 -18.51 -6.84
CA GLN B 115 -17.49 -18.67 -7.98
C GLN B 115 -16.61 -17.44 -8.16
N ASP B 116 -16.94 -16.38 -7.39
CA ASP B 116 -16.26 -15.09 -7.42
C ASP B 116 -16.51 -14.39 -8.76
N LEU B 117 -17.76 -14.37 -9.21
CA LEU B 117 -18.07 -14.02 -10.60
C LEU B 117 -19.25 -13.09 -10.75
N VAL B 118 -19.02 -11.97 -11.46
CA VAL B 118 -20.10 -11.05 -11.84
C VAL B 118 -20.12 -10.81 -13.35
N GLY B 119 -21.30 -10.58 -13.89
CA GLY B 119 -21.51 -10.28 -15.29
C GLY B 119 -22.50 -9.14 -15.43
N TRP B 120 -22.24 -8.25 -16.39
CA TRP B 120 -23.18 -7.24 -16.88
C TRP B 120 -23.37 -7.58 -18.29
N GLN B 121 -24.57 -7.35 -18.81
CA GLN B 121 -24.89 -7.55 -20.22
C GLN B 121 -23.97 -6.62 -20.98
N ALA B 122 -23.13 -7.17 -21.90
CA ALA B 122 -22.14 -6.39 -22.65
C ALA B 122 -22.78 -5.23 -23.36
N PRO B 123 -22.25 -4.00 -23.15
CA PRO B 123 -22.76 -2.83 -23.91
C PRO B 123 -22.68 -2.98 -25.43
N PRO B 124 -23.66 -2.42 -26.20
CA PRO B 124 -23.60 -2.50 -27.68
C PRO B 124 -22.33 -1.86 -28.20
N GLY B 125 -21.77 -2.47 -29.24
CA GLY B 125 -20.39 -2.25 -29.64
C GLY B 125 -19.50 -2.60 -28.47
N ALA B 126 -19.26 -3.93 -28.30
CA ALA B 126 -18.29 -4.58 -27.38
C ALA B 126 -18.29 -6.05 -27.73
N ARG B 127 -17.20 -6.50 -28.36
CA ARG B 127 -17.05 -7.87 -28.82
C ARG B 127 -16.87 -8.85 -27.66
N SER B 128 -17.48 -10.03 -27.79
CA SER B 128 -17.20 -11.15 -26.89
C SER B 128 -16.13 -12.06 -27.50
N LEU B 129 -15.41 -12.78 -26.64
CA LEU B 129 -14.55 -13.92 -26.99
C LEU B 129 -15.39 -15.22 -26.95
N THR B 130 -15.08 -16.12 -27.85
CA THR B 130 -15.77 -17.39 -27.91
C THR B 130 -15.11 -18.32 -26.88
N PRO B 131 -15.92 -19.14 -26.19
CA PRO B 131 -15.36 -20.13 -25.28
C PRO B 131 -14.46 -21.17 -25.92
N CYS B 132 -13.51 -21.67 -25.13
CA CYS B 132 -12.57 -22.71 -25.52
C CYS B 132 -13.14 -24.06 -25.19
N THR B 133 -13.31 -24.86 -26.23
CA THR B 133 -13.90 -26.19 -26.12
C THR B 133 -12.77 -27.20 -26.12
N CYS B 134 -12.04 -27.31 -27.27
CA CYS B 134 -10.83 -28.11 -27.41
C CYS B 134 -9.89 -27.82 -26.24
N GLY B 135 -9.91 -28.73 -25.27
CA GLY B 135 -9.13 -28.68 -24.04
C GLY B 135 -7.64 -28.76 -24.30
N SER B 136 -7.08 -27.70 -24.94
CA SER B 136 -5.66 -27.39 -24.99
C SER B 136 -5.22 -27.00 -23.58
N SER B 137 -4.05 -27.50 -23.18
CA SER B 137 -3.48 -27.40 -21.83
C SER B 137 -2.32 -26.39 -21.81
N ASP B 138 -2.02 -25.79 -22.98
CA ASP B 138 -1.11 -24.66 -23.10
C ASP B 138 -1.99 -23.42 -23.14
N LEU B 139 -1.88 -22.59 -22.12
CA LEU B 139 -2.74 -21.43 -21.84
C LEU B 139 -1.89 -20.16 -21.79
N TYR B 140 -2.53 -19.00 -21.97
CA TYR B 140 -1.90 -17.68 -21.99
C TYR B 140 -2.72 -16.69 -21.19
N LEU B 141 -2.15 -16.24 -20.07
CA LEU B 141 -2.74 -15.22 -19.22
C LEU B 141 -2.38 -13.82 -19.73
N VAL B 142 -3.42 -12.96 -19.86
CA VAL B 142 -3.34 -11.56 -20.26
C VAL B 142 -3.38 -10.66 -19.00
N THR B 143 -2.32 -9.88 -18.74
CA THR B 143 -2.28 -9.01 -17.56
C THR B 143 -2.87 -7.63 -17.89
N ARG B 144 -3.03 -6.79 -16.85
CA ARG B 144 -3.50 -5.40 -17.02
C ARG B 144 -2.49 -4.48 -17.67
N HIS B 145 -1.22 -4.95 -17.79
CA HIS B 145 -0.12 -4.31 -18.50
C HIS B 145 0.07 -4.90 -19.92
N ALA B 146 -0.91 -5.71 -20.39
CA ALA B 146 -0.92 -6.28 -21.75
C ALA B 146 0.22 -7.31 -21.99
N ASP B 147 0.68 -7.99 -20.92
CA ASP B 147 1.70 -9.04 -21.02
C ASP B 147 1.04 -10.38 -21.13
N VAL B 148 1.70 -11.33 -21.80
CA VAL B 148 1.07 -12.60 -22.16
C VAL B 148 1.88 -13.75 -21.55
N ILE B 149 1.58 -14.05 -20.27
CA ILE B 149 2.23 -15.04 -19.39
C ILE B 149 1.85 -16.49 -19.86
N PRO B 150 2.78 -17.35 -20.37
CA PRO B 150 2.42 -18.78 -20.61
C PRO B 150 2.07 -19.53 -19.32
N VAL B 151 1.03 -20.36 -19.35
CA VAL B 151 0.42 -20.96 -18.15
C VAL B 151 0.04 -22.38 -18.57
N ARG B 152 0.40 -23.40 -17.77
CA ARG B 152 0.08 -24.78 -18.14
C ARG B 152 -1.12 -25.24 -17.32
N ARG B 153 -2.26 -25.58 -17.97
CA ARG B 153 -3.50 -26.00 -17.30
C ARG B 153 -3.24 -27.22 -16.43
N ARG B 154 -3.73 -27.22 -15.18
CA ARG B 154 -3.50 -28.34 -14.26
C ARG B 154 -4.80 -29.09 -13.95
N GLY B 155 -5.81 -28.34 -13.52
CA GLY B 155 -7.18 -28.84 -13.38
C GLY B 155 -8.20 -27.92 -14.04
N ASP B 156 -9.40 -27.90 -13.47
CA ASP B 156 -10.50 -27.07 -13.99
C ASP B 156 -10.26 -25.58 -13.71
N SER B 157 -9.87 -25.22 -12.48
CA SER B 157 -9.68 -23.85 -12.02
C SER B 157 -8.21 -23.41 -11.88
N ARG B 158 -7.22 -24.30 -12.16
CA ARG B 158 -5.79 -23.96 -11.93
C ARG B 158 -4.88 -24.11 -13.12
N GLY B 159 -3.99 -23.16 -13.30
CA GLY B 159 -2.89 -23.28 -14.25
C GLY B 159 -1.56 -22.94 -13.60
N SER B 160 -0.51 -23.73 -13.87
CA SER B 160 0.81 -23.41 -13.33
C SER B 160 1.53 -22.45 -14.23
N LEU B 161 2.07 -21.39 -13.62
CA LEU B 161 2.84 -20.37 -14.29
C LEU B 161 4.18 -21.02 -14.73
N LEU B 162 4.52 -20.94 -16.04
CA LEU B 162 5.75 -21.53 -16.60
C LEU B 162 7.06 -20.94 -16.06
N SER B 163 6.99 -19.75 -15.44
CA SER B 163 8.11 -19.01 -14.87
C SER B 163 7.51 -18.29 -13.66
N PRO B 164 7.63 -18.92 -12.46
CA PRO B 164 7.26 -18.25 -11.21
C PRO B 164 7.60 -16.77 -11.11
N ARG B 165 6.64 -15.97 -10.66
CA ARG B 165 6.77 -14.52 -10.67
C ARG B 165 6.37 -13.92 -9.33
N PRO B 166 6.96 -12.79 -8.90
CA PRO B 166 6.49 -12.15 -7.66
C PRO B 166 5.01 -11.85 -7.76
N VAL B 167 4.26 -12.03 -6.67
CA VAL B 167 2.81 -11.81 -6.64
C VAL B 167 2.40 -10.44 -7.23
N SER B 168 3.25 -9.41 -7.07
CA SER B 168 2.93 -8.01 -7.39
C SER B 168 2.79 -7.77 -8.88
N TYR B 169 3.45 -8.60 -9.70
CA TYR B 169 3.39 -8.60 -11.15
C TYR B 169 1.95 -8.85 -11.61
N LEU B 170 1.18 -9.69 -10.86
CA LEU B 170 -0.14 -10.10 -11.21
C LEU B 170 -1.21 -9.21 -10.63
N LYS B 171 -0.80 -8.19 -9.81
CA LYS B 171 -1.74 -7.24 -9.18
C LYS B 171 -2.46 -6.41 -10.22
N GLY B 172 -3.76 -6.28 -10.02
CA GLY B 172 -4.62 -5.53 -10.94
C GLY B 172 -5.13 -6.32 -12.11
N SER B 173 -4.96 -7.65 -12.13
CA SER B 173 -5.23 -8.52 -13.31
C SER B 173 -6.41 -9.47 -13.12
N SER B 174 -7.01 -9.48 -11.92
CA SER B 174 -8.34 -10.08 -11.72
C SER B 174 -9.28 -9.75 -12.94
N GLY B 175 -9.96 -10.77 -13.47
CA GLY B 175 -10.94 -10.60 -14.55
C GLY B 175 -10.33 -10.58 -15.94
N GLY B 176 -9.03 -10.75 -16.00
CA GLY B 176 -8.29 -10.86 -17.24
C GLY B 176 -8.38 -12.26 -17.77
N PRO B 177 -8.27 -12.41 -19.10
CA PRO B 177 -8.52 -13.72 -19.72
C PRO B 177 -7.39 -14.73 -19.63
N LEU B 178 -7.79 -16.01 -19.47
CA LEU B 178 -6.91 -17.16 -19.72
C LEU B 178 -7.24 -17.63 -21.13
N LEU B 179 -6.30 -17.51 -22.08
CA LEU B 179 -6.55 -17.82 -23.49
C LEU B 179 -5.89 -19.10 -23.88
N CYS B 180 -6.55 -19.89 -24.70
CA CYS B 180 -5.89 -21.03 -25.34
C CYS B 180 -5.31 -20.56 -26.72
N PRO B 181 -4.40 -21.33 -27.37
CA PRO B 181 -3.75 -20.83 -28.61
C PRO B 181 -4.68 -20.30 -29.71
N SER B 182 -5.94 -20.75 -29.71
CA SER B 182 -7.01 -20.34 -30.63
C SER B 182 -7.27 -18.84 -30.55
N GLY B 183 -6.98 -18.26 -29.39
CA GLY B 183 -7.44 -16.95 -28.96
C GLY B 183 -8.75 -17.02 -28.19
N HIS B 184 -9.28 -18.24 -27.98
CA HIS B 184 -10.55 -18.51 -27.29
C HIS B 184 -10.38 -18.54 -25.75
N ALA B 185 -11.36 -17.96 -25.03
CA ALA B 185 -11.35 -17.86 -23.56
C ALA B 185 -11.47 -19.23 -22.87
N VAL B 186 -10.51 -19.58 -22.00
CA VAL B 186 -10.57 -20.72 -21.08
C VAL B 186 -11.33 -20.33 -19.78
N GLY B 187 -11.00 -19.16 -19.24
CA GLY B 187 -11.66 -18.57 -18.07
C GLY B 187 -11.08 -17.22 -17.77
N ILE B 188 -11.41 -16.63 -16.58
CA ILE B 188 -10.89 -15.30 -16.13
C ILE B 188 -10.07 -15.45 -14.86
N PHE B 189 -8.93 -14.73 -14.76
CA PHE B 189 -8.03 -14.76 -13.61
C PHE B 189 -8.75 -14.29 -12.33
N ARG B 190 -8.58 -14.99 -11.16
CA ARG B 190 -9.23 -14.51 -9.93
C ARG B 190 -8.29 -14.52 -8.69
N ALA B 191 -7.18 -15.26 -8.73
CA ALA B 191 -6.28 -15.45 -7.59
C ALA B 191 -4.88 -16.04 -7.97
N ALA B 192 -3.85 -15.69 -7.18
CA ALA B 192 -2.47 -16.18 -7.28
C ALA B 192 -2.30 -17.28 -6.25
N VAL B 193 -1.56 -18.32 -6.61
CA VAL B 193 -1.17 -19.39 -5.71
C VAL B 193 0.30 -19.21 -5.37
N CYS B 194 0.55 -18.69 -4.14
CA CYS B 194 1.85 -18.28 -3.58
C CYS B 194 2.58 -19.32 -2.78
N THR B 195 3.90 -19.42 -3.06
CA THR B 195 4.89 -19.98 -2.14
C THR B 195 5.80 -18.82 -1.68
N ARG B 196 5.73 -18.46 -0.39
CA ARG B 196 6.57 -17.41 0.25
C ARG B 196 6.77 -16.19 -0.64
N GLY B 197 5.65 -15.66 -1.16
CA GLY B 197 5.55 -14.39 -1.88
C GLY B 197 5.68 -14.45 -3.39
N VAL B 198 5.92 -15.65 -3.93
CA VAL B 198 6.13 -15.92 -5.36
C VAL B 198 4.92 -16.71 -5.91
N ALA B 199 4.27 -16.16 -6.94
CA ALA B 199 3.18 -16.82 -7.66
C ALA B 199 3.74 -17.87 -8.63
N LYS B 200 3.51 -19.11 -8.32
CA LYS B 200 3.98 -20.26 -9.07
C LYS B 200 2.80 -20.84 -9.89
N ALA B 201 1.54 -20.60 -9.43
CA ALA B 201 0.31 -20.99 -10.12
C ALA B 201 -0.77 -19.87 -10.05
N VAL B 202 -1.76 -19.92 -10.96
CA VAL B 202 -2.96 -19.06 -10.98
C VAL B 202 -4.24 -19.85 -10.74
N ASP B 203 -5.17 -19.22 -10.02
CA ASP B 203 -6.57 -19.64 -9.92
C ASP B 203 -7.47 -18.77 -10.86
N PHE B 204 -8.43 -19.43 -11.52
CA PHE B 204 -9.30 -18.75 -12.47
C PHE B 204 -10.74 -19.28 -12.46
N VAL B 205 -11.73 -18.41 -12.72
CA VAL B 205 -13.13 -18.76 -12.96
C VAL B 205 -13.24 -19.37 -14.39
N PRO B 206 -13.41 -20.71 -14.55
CA PRO B 206 -13.54 -21.30 -15.90
C PRO B 206 -14.84 -20.92 -16.65
N VAL B 207 -14.79 -21.06 -17.99
CA VAL B 207 -15.84 -20.66 -18.94
C VAL B 207 -17.13 -21.45 -18.70
N GLU B 208 -16.99 -22.70 -18.25
CA GLU B 208 -18.10 -23.58 -17.89
C GLU B 208 -18.90 -23.05 -16.69
N SER B 209 -18.24 -22.39 -15.71
CA SER B 209 -18.92 -21.74 -14.57
C SER B 209 -19.78 -20.54 -15.01
N MET B 210 -19.30 -19.81 -16.02
CA MET B 210 -20.03 -18.71 -16.62
C MET B 210 -21.31 -19.21 -17.25
N GLU B 211 -21.22 -20.28 -18.08
CA GLU B 211 -22.39 -20.93 -18.66
C GLU B 211 -23.32 -21.41 -17.58
N THR B 212 -22.81 -22.00 -16.50
CA THR B 212 -23.69 -22.48 -15.44
C THR B 212 -24.50 -21.34 -14.83
N THR B 213 -23.82 -20.29 -14.39
CA THR B 213 -24.36 -19.03 -13.89
C THR B 213 -25.36 -18.43 -14.89
N MET B 214 -25.05 -18.51 -16.19
CA MET B 214 -25.90 -17.98 -17.26
C MET B 214 -27.19 -18.75 -17.34
N ARG B 215 -27.05 -20.09 -17.38
CA ARG B 215 -28.09 -21.12 -17.46
C ARG B 215 -28.92 -21.18 -16.19
N SER B 216 -28.53 -20.45 -15.14
CA SER B 216 -29.19 -20.48 -13.83
C SER B 216 -30.41 -19.57 -13.78
N PRO B 217 -31.48 -19.95 -13.04
CA PRO B 217 -32.61 -19.00 -12.85
C PRO B 217 -32.19 -17.74 -12.07
N VAL B 218 -32.32 -16.58 -12.75
CA VAL B 218 -31.90 -15.25 -12.26
C VAL B 218 -32.52 -14.89 -10.88
N PHE B 219 -33.80 -15.24 -10.68
CA PHE B 219 -34.42 -15.12 -9.36
C PHE B 219 -35.15 -16.40 -8.96
N THR B 220 -34.68 -17.00 -7.85
CA THR B 220 -35.13 -18.20 -7.17
C THR B 220 -35.82 -17.76 -5.85
N ASP B 221 -37.06 -18.26 -5.52
CA ASP B 221 -37.75 -17.81 -4.30
C ASP B 221 -37.29 -18.53 -3.01
N ASN B 222 -36.55 -17.78 -2.17
CA ASN B 222 -36.07 -18.22 -0.86
C ASN B 222 -36.81 -17.47 0.26
N SER B 223 -37.87 -16.71 -0.10
CA SER B 223 -38.74 -15.96 0.81
C SER B 223 -39.46 -16.87 1.83
N SER B 224 -40.09 -17.97 1.34
CA SER B 224 -40.87 -18.85 2.21
C SER B 224 -40.05 -20.04 2.78
N PRO B 225 -40.30 -20.45 4.05
CA PRO B 225 -39.60 -21.64 4.59
C PRO B 225 -39.83 -22.89 3.74
N PRO B 226 -38.82 -23.73 3.50
CA PRO B 226 -39.03 -24.88 2.61
C PRO B 226 -39.85 -25.96 3.28
N ALA B 227 -40.47 -26.83 2.47
CA ALA B 227 -41.02 -28.09 2.95
C ALA B 227 -39.89 -28.97 3.47
N VAL B 228 -40.17 -29.73 4.53
CA VAL B 228 -39.23 -30.71 5.09
C VAL B 228 -39.18 -31.85 4.06
N PRO B 229 -38.03 -32.08 3.40
CA PRO B 229 -37.98 -33.18 2.42
C PRO B 229 -37.95 -34.58 3.03
N GLN B 230 -38.14 -35.62 2.17
CA GLN B 230 -38.03 -37.03 2.56
C GLN B 230 -36.55 -37.38 2.82
N SER B 231 -35.64 -36.85 1.98
CA SER B 231 -34.20 -37.00 2.14
C SER B 231 -33.59 -35.65 2.52
N PHE B 232 -32.53 -35.69 3.35
CA PHE B 232 -31.71 -34.55 3.75
C PHE B 232 -31.45 -33.56 2.63
N GLN B 233 -31.70 -32.28 2.92
CA GLN B 233 -31.36 -31.17 2.07
C GLN B 233 -30.98 -29.98 2.94
N VAL B 234 -30.06 -29.13 2.40
CA VAL B 234 -29.70 -27.83 2.93
C VAL B 234 -30.45 -26.78 2.11
N ALA B 235 -31.24 -25.92 2.76
CA ALA B 235 -32.03 -24.89 2.08
C ALA B 235 -31.68 -23.51 2.63
N HIS B 236 -32.02 -22.46 1.85
CA HIS B 236 -31.81 -21.06 2.19
C HIS B 236 -33.09 -20.35 2.45
N LEU B 237 -33.08 -19.51 3.48
CA LEU B 237 -34.23 -18.70 3.84
C LEU B 237 -33.78 -17.27 3.87
N HIS B 238 -34.20 -16.55 2.80
CA HIS B 238 -33.93 -15.13 2.63
C HIS B 238 -35.24 -14.46 2.85
N ALA B 239 -35.50 -14.11 4.10
CA ALA B 239 -36.77 -13.54 4.51
C ALA B 239 -36.59 -12.11 5.03
N PRO B 240 -37.58 -11.21 4.77
CA PRO B 240 -37.38 -9.79 5.12
C PRO B 240 -37.31 -9.60 6.61
N THR B 241 -36.63 -8.53 7.03
CA THR B 241 -36.67 -8.04 8.41
C THR B 241 -38.20 -7.86 8.83
N GLY B 242 -38.62 -8.61 9.86
CA GLY B 242 -39.98 -8.62 10.37
C GLY B 242 -40.78 -9.89 10.18
N SER B 243 -40.29 -10.85 9.37
CA SER B 243 -41.07 -11.99 8.90
C SER B 243 -40.99 -13.24 9.80
N GLY B 244 -40.46 -13.06 11.02
CA GLY B 244 -40.40 -14.08 12.06
C GLY B 244 -39.75 -15.40 11.68
N LYS B 245 -38.54 -15.35 11.06
CA LYS B 245 -37.80 -16.56 10.68
C LYS B 245 -37.30 -17.34 11.93
N SER B 246 -37.35 -16.70 13.12
CA SER B 246 -36.82 -17.29 14.35
C SER B 246 -37.95 -17.59 15.33
N THR B 247 -39.19 -17.22 14.99
CA THR B 247 -40.33 -17.45 15.86
C THR B 247 -41.45 -18.14 15.07
N LYS B 248 -41.99 -17.43 14.08
CA LYS B 248 -43.14 -17.93 13.37
C LYS B 248 -42.76 -19.18 12.55
N VAL B 249 -41.55 -19.19 11.90
CA VAL B 249 -41.19 -20.35 11.07
C VAL B 249 -40.85 -21.58 12.01
N PRO B 250 -39.98 -21.54 13.08
CA PRO B 250 -39.88 -22.73 13.98
C PRO B 250 -41.19 -23.15 14.61
N ALA B 251 -42.05 -22.19 14.97
CA ALA B 251 -43.37 -22.50 15.47
C ALA B 251 -44.17 -23.30 14.42
N ALA B 252 -44.28 -22.82 13.16
CA ALA B 252 -45.04 -23.52 12.10
C ALA B 252 -44.62 -24.99 11.91
N TYR B 253 -43.30 -25.23 11.76
CA TYR B 253 -42.68 -26.55 11.73
C TYR B 253 -43.11 -27.45 12.92
N ALA B 254 -43.02 -26.94 14.14
CA ALA B 254 -43.33 -27.74 15.33
C ALA B 254 -44.82 -28.15 15.33
N ALA B 255 -45.70 -27.26 14.82
CA ALA B 255 -47.12 -27.51 14.62
C ALA B 255 -47.35 -28.73 13.70
N GLN B 256 -46.42 -28.95 12.78
CA GLN B 256 -46.40 -30.12 11.88
C GLN B 256 -45.82 -31.40 12.56
N GLY B 257 -45.50 -31.31 13.85
CA GLY B 257 -44.91 -32.41 14.62
C GLY B 257 -43.44 -32.67 14.34
N TYR B 258 -42.65 -31.61 14.02
CA TYR B 258 -41.18 -31.68 13.86
C TYR B 258 -40.43 -31.12 15.08
N LYS B 259 -39.23 -31.67 15.38
CA LYS B 259 -38.31 -31.16 16.41
C LYS B 259 -37.28 -30.20 15.78
N VAL B 260 -37.26 -28.94 16.30
CA VAL B 260 -36.53 -27.81 15.66
C VAL B 260 -35.41 -27.28 16.59
N LEU B 261 -34.16 -27.19 16.05
CA LEU B 261 -33.10 -26.44 16.72
C LEU B 261 -32.90 -25.10 16.01
N VAL B 262 -33.03 -23.99 16.75
CA VAL B 262 -32.79 -22.66 16.22
C VAL B 262 -31.50 -22.16 16.85
N LEU B 263 -30.50 -21.91 16.00
CA LEU B 263 -29.19 -21.39 16.40
C LEU B 263 -29.08 -19.91 16.06
N ASN B 264 -28.66 -19.06 17.03
CA ASN B 264 -28.48 -17.63 16.80
C ASN B 264 -27.12 -17.19 17.31
N PRO B 265 -26.45 -16.20 16.69
CA PRO B 265 -25.21 -15.67 17.30
C PRO B 265 -25.33 -15.07 18.72
N SER B 266 -26.50 -14.53 19.11
CA SER B 266 -26.71 -13.66 20.28
C SER B 266 -27.34 -14.36 21.48
N VAL B 267 -26.67 -14.28 22.65
CA VAL B 267 -27.25 -14.76 23.92
C VAL B 267 -28.56 -14.00 24.19
N ALA B 268 -28.56 -12.66 24.02
CA ALA B 268 -29.74 -11.80 24.21
C ALA B 268 -30.92 -12.14 23.31
N ALA B 269 -30.66 -12.49 22.04
CA ALA B 269 -31.73 -12.83 21.12
C ALA B 269 -32.24 -14.22 21.45
N THR B 270 -31.32 -15.19 21.71
CA THR B 270 -31.67 -16.57 22.09
C THR B 270 -32.64 -16.56 23.26
N LEU B 271 -32.26 -15.96 24.42
CA LEU B 271 -33.20 -15.80 25.56
C LEU B 271 -34.51 -15.10 25.17
N GLY B 272 -34.40 -14.00 24.44
CA GLY B 272 -35.53 -13.24 23.93
C GLY B 272 -36.56 -14.01 23.11
N PHE B 273 -36.11 -14.98 22.26
CA PHE B 273 -37.02 -15.81 21.47
C PHE B 273 -37.82 -16.79 22.33
N GLY B 274 -37.17 -17.35 23.34
CA GLY B 274 -37.84 -18.21 24.31
C GLY B 274 -38.88 -17.50 25.16
N ALA B 275 -38.61 -16.23 25.43
CA ALA B 275 -39.52 -15.34 26.14
C ALA B 275 -40.80 -15.04 25.30
N TYR B 276 -40.67 -15.01 23.93
CA TYR B 276 -41.73 -14.67 22.96
C TYR B 276 -42.58 -15.87 22.53
N MET B 277 -42.00 -17.08 22.45
CA MET B 277 -42.78 -18.27 22.08
C MET B 277 -43.73 -18.64 23.18
N SER B 278 -43.28 -18.56 24.46
CA SER B 278 -44.09 -18.77 25.67
C SER B 278 -45.40 -17.99 25.59
N LYS B 279 -45.31 -16.72 25.11
CA LYS B 279 -46.43 -15.79 24.92
C LYS B 279 -47.28 -16.13 23.67
N ALA B 280 -46.72 -15.89 22.47
CA ALA B 280 -47.44 -15.83 21.21
C ALA B 280 -47.55 -17.13 20.43
N HIS B 281 -46.96 -18.25 20.89
CA HIS B 281 -47.13 -19.52 20.16
C HIS B 281 -47.43 -20.73 21.07
N GLY B 282 -47.42 -20.50 22.39
CA GLY B 282 -47.79 -21.52 23.37
C GLY B 282 -46.77 -22.63 23.52
N ILE B 283 -45.52 -22.39 23.03
CA ILE B 283 -44.41 -23.30 23.18
C ILE B 283 -43.47 -22.66 24.20
N ASP B 284 -43.22 -23.37 25.29
CA ASP B 284 -42.16 -22.97 26.21
C ASP B 284 -40.91 -23.76 25.78
N PRO B 285 -40.03 -23.17 24.94
CA PRO B 285 -38.97 -23.97 24.33
C PRO B 285 -37.82 -24.23 25.30
N ASN B 286 -37.01 -25.27 25.01
CA ASN B 286 -35.70 -25.44 25.64
C ASN B 286 -34.84 -24.26 25.23
N ILE B 287 -34.05 -23.72 26.17
CA ILE B 287 -33.13 -22.59 25.97
C ILE B 287 -31.73 -23.01 26.38
N ARG B 288 -30.76 -22.86 25.47
CA ARG B 288 -29.36 -23.15 25.77
C ARG B 288 -28.41 -21.97 25.45
N THR B 289 -27.79 -21.41 26.49
CA THR B 289 -26.79 -20.33 26.39
C THR B 289 -25.70 -20.64 27.41
N GLY B 290 -24.53 -20.04 27.24
CA GLY B 290 -23.48 -20.05 28.25
C GLY B 290 -24.05 -19.79 29.63
N VAL B 291 -24.60 -18.58 29.81
CA VAL B 291 -25.14 -18.06 31.07
C VAL B 291 -26.30 -18.91 31.67
N ARG B 292 -27.19 -19.48 30.85
CA ARG B 292 -28.51 -19.95 31.30
C ARG B 292 -29.03 -21.10 30.42
N THR B 293 -29.35 -22.26 31.02
CA THR B 293 -30.08 -23.29 30.29
C THR B 293 -31.39 -23.61 30.98
N ILE B 294 -32.44 -23.82 30.16
CA ILE B 294 -33.77 -24.31 30.52
C ILE B 294 -34.08 -25.54 29.62
N THR B 295 -34.42 -26.67 30.25
CA THR B 295 -34.94 -27.86 29.58
C THR B 295 -36.35 -28.06 30.04
N THR B 296 -37.31 -27.77 29.14
CA THR B 296 -38.76 -27.92 29.25
C THR B 296 -39.24 -29.25 28.63
N GLY B 297 -38.35 -29.90 27.89
CA GLY B 297 -38.61 -31.07 27.09
C GLY B 297 -39.35 -30.81 25.78
N ALA B 298 -39.63 -29.52 25.46
CA ALA B 298 -40.40 -29.07 24.28
C ALA B 298 -39.84 -29.53 22.91
N PRO B 299 -40.68 -29.51 21.82
CA PRO B 299 -40.15 -29.81 20.47
C PRO B 299 -39.28 -28.74 19.81
N VAL B 300 -39.17 -27.54 20.40
CA VAL B 300 -38.31 -26.47 19.92
C VAL B 300 -37.22 -26.21 20.97
N THR B 301 -35.93 -26.08 20.49
CA THR B 301 -34.79 -25.61 21.27
C THR B 301 -34.23 -24.32 20.63
N TYR B 302 -33.93 -23.31 21.44
CA TYR B 302 -33.15 -22.16 21.05
C TYR B 302 -31.84 -22.26 21.70
N SER B 303 -30.77 -22.34 20.90
CA SER B 303 -29.40 -22.35 21.41
C SER B 303 -28.57 -21.34 20.70
N THR B 304 -27.56 -20.78 21.39
CA THR B 304 -26.51 -20.02 20.70
C THR B 304 -25.61 -21.00 19.92
N TYR B 305 -24.84 -20.48 18.97
CA TYR B 305 -23.86 -21.28 18.25
C TYR B 305 -22.81 -21.84 19.20
N GLY B 306 -22.30 -21.00 20.12
CA GLY B 306 -21.22 -21.35 21.03
C GLY B 306 -21.65 -22.41 22.01
N LYS B 307 -22.88 -22.29 22.51
CA LYS B 307 -23.43 -23.30 23.42
C LYS B 307 -23.62 -24.62 22.68
N PHE B 308 -24.11 -24.57 21.41
CA PHE B 308 -24.29 -25.72 20.53
C PHE B 308 -22.96 -26.43 20.35
N LEU B 309 -21.86 -25.65 20.22
CA LEU B 309 -20.47 -26.13 20.14
C LEU B 309 -19.99 -26.70 21.45
N ALA B 310 -20.23 -26.00 22.56
CA ALA B 310 -19.84 -26.44 23.90
C ALA B 310 -20.45 -27.77 24.21
N ASP B 311 -21.69 -27.99 23.74
CA ASP B 311 -22.47 -29.22 23.97
C ASP B 311 -21.92 -30.43 23.23
N GLY B 312 -21.18 -30.17 22.14
CA GLY B 312 -20.53 -31.17 21.29
C GLY B 312 -21.19 -31.37 19.93
N GLY B 313 -21.79 -30.30 19.38
CA GLY B 313 -22.50 -30.35 18.11
C GLY B 313 -23.81 -31.10 18.09
N CYS B 314 -24.03 -31.89 17.03
CA CYS B 314 -25.29 -32.59 16.74
C CYS B 314 -25.40 -33.92 17.48
N SER B 315 -26.43 -34.06 18.32
CA SER B 315 -26.78 -35.34 18.97
C SER B 315 -27.81 -36.05 18.09
N GLY B 316 -27.56 -37.33 17.81
CA GLY B 316 -28.37 -38.15 16.92
C GLY B 316 -29.83 -38.22 17.32
N GLY B 317 -30.69 -37.97 16.34
CA GLY B 317 -32.13 -38.03 16.51
C GLY B 317 -32.73 -37.04 17.48
N ALA B 318 -31.96 -36.01 17.86
CA ALA B 318 -32.49 -34.95 18.70
C ALA B 318 -33.35 -33.99 17.86
N TYR B 319 -32.91 -33.68 16.63
CA TYR B 319 -33.64 -32.72 15.79
C TYR B 319 -33.84 -33.15 14.32
N ASP B 320 -35.04 -32.80 13.79
CA ASP B 320 -35.49 -32.96 12.41
C ASP B 320 -35.08 -31.79 11.52
N ILE B 321 -35.31 -30.52 11.98
CA ILE B 321 -34.91 -29.24 11.34
C ILE B 321 -33.87 -28.52 12.23
N ILE B 322 -32.77 -28.04 11.60
CA ILE B 322 -31.85 -27.08 12.21
C ILE B 322 -31.94 -25.77 11.41
N ILE B 323 -32.37 -24.68 12.06
CA ILE B 323 -32.43 -23.35 11.48
C ILE B 323 -31.21 -22.63 12.01
N CYS B 324 -30.27 -22.31 11.12
CA CYS B 324 -29.10 -21.51 11.47
C CYS B 324 -29.44 -20.02 11.18
N ASP B 325 -29.87 -19.32 12.23
CA ASP B 325 -30.26 -17.94 12.16
C ASP B 325 -29.07 -17.04 12.02
N GLU B 326 -29.28 -15.87 11.39
CA GLU B 326 -28.23 -14.87 11.19
C GLU B 326 -26.99 -15.55 10.59
N CYS B 327 -27.18 -16.21 9.45
CA CYS B 327 -26.16 -17.05 8.85
C CYS B 327 -25.21 -16.30 7.93
N HIS B 328 -25.37 -14.97 7.82
CA HIS B 328 -24.50 -13.97 7.17
C HIS B 328 -23.42 -13.52 8.15
N SER B 329 -23.54 -13.92 9.42
CA SER B 329 -22.66 -13.49 10.49
C SER B 329 -21.29 -14.20 10.31
N THR B 330 -20.18 -13.43 10.35
CA THR B 330 -18.86 -14.00 10.06
C THR B 330 -17.94 -13.92 11.27
N ASP B 331 -18.52 -14.00 12.47
CA ASP B 331 -17.69 -14.26 13.63
C ASP B 331 -17.24 -15.75 13.62
N SER B 332 -16.13 -16.04 14.31
CA SER B 332 -15.53 -17.39 14.35
C SER B 332 -16.55 -18.48 14.81
N THR B 333 -17.40 -18.12 15.81
CA THR B 333 -18.32 -19.06 16.50
C THR B 333 -19.45 -19.52 15.61
N THR B 334 -20.10 -18.56 14.89
CA THR B 334 -21.17 -18.79 13.93
C THR B 334 -20.61 -19.64 12.77
N ILE B 335 -19.38 -19.30 12.23
CA ILE B 335 -18.79 -20.06 11.11
C ILE B 335 -18.53 -21.50 11.50
N LEU B 336 -17.95 -21.70 12.69
CA LEU B 336 -17.67 -23.03 13.30
C LEU B 336 -18.96 -23.77 13.61
N GLY B 337 -19.92 -23.10 14.24
CA GLY B 337 -21.26 -23.62 14.52
C GLY B 337 -22.01 -24.09 13.29
N ILE B 338 -22.01 -23.27 12.22
CA ILE B 338 -22.67 -23.63 10.95
C ILE B 338 -21.98 -24.84 10.27
N GLY B 339 -20.64 -24.83 10.14
CA GLY B 339 -19.85 -25.95 9.62
C GLY B 339 -20.12 -27.27 10.32
N THR B 340 -20.17 -27.25 11.67
CA THR B 340 -20.57 -28.36 12.56
C THR B 340 -21.93 -28.93 12.19
N VAL B 341 -22.95 -28.07 11.98
CA VAL B 341 -24.26 -28.49 11.47
C VAL B 341 -24.11 -29.15 10.09
N LEU B 342 -23.53 -28.46 9.11
CA LEU B 342 -23.41 -29.01 7.76
C LEU B 342 -22.68 -30.38 7.73
N ASP B 343 -21.64 -30.52 8.54
CA ASP B 343 -20.94 -31.78 8.65
C ASP B 343 -21.71 -32.91 9.42
N GLN B 344 -22.50 -32.57 10.44
CA GLN B 344 -23.05 -33.56 11.38
C GLN B 344 -24.57 -33.80 11.28
N ALA B 345 -25.32 -32.85 10.64
CA ALA B 345 -26.78 -32.88 10.69
C ALA B 345 -27.43 -34.13 10.07
N GLU B 346 -27.04 -34.53 8.84
CA GLU B 346 -27.63 -35.70 8.18
C GLU B 346 -27.45 -36.97 8.99
N THR B 347 -26.23 -37.14 9.58
CA THR B 347 -25.86 -38.35 10.31
C THR B 347 -26.53 -38.44 11.67
N ALA B 348 -27.20 -37.35 12.07
CA ALA B 348 -27.89 -37.14 13.33
C ALA B 348 -29.39 -37.16 13.11
N GLY B 349 -29.79 -37.75 11.98
CA GLY B 349 -31.19 -38.03 11.69
C GLY B 349 -32.06 -36.84 11.32
N ALA B 350 -31.42 -35.67 11.03
CA ALA B 350 -32.13 -34.47 10.58
C ALA B 350 -32.46 -34.64 9.15
N ARG B 351 -33.57 -34.01 8.72
CA ARG B 351 -33.98 -34.01 7.31
C ARG B 351 -33.78 -32.65 6.63
N LEU B 352 -33.81 -31.54 7.39
CA LEU B 352 -33.64 -30.20 6.82
C LEU B 352 -32.64 -29.32 7.60
N VAL B 353 -31.80 -28.57 6.85
CA VAL B 353 -30.99 -27.47 7.39
C VAL B 353 -31.42 -26.19 6.69
N VAL B 354 -31.84 -25.20 7.48
CA VAL B 354 -32.22 -23.89 6.96
C VAL B 354 -31.13 -22.87 7.27
N LEU B 355 -30.47 -22.35 6.22
CA LEU B 355 -29.52 -21.23 6.39
C LEU B 355 -30.31 -19.97 6.22
N ALA B 356 -30.58 -19.26 7.35
CA ALA B 356 -31.53 -18.14 7.44
C ALA B 356 -30.86 -16.79 7.62
N THR B 357 -31.20 -15.81 6.75
CA THR B 357 -30.67 -14.43 6.81
C THR B 357 -31.51 -13.47 5.98
N ALA B 358 -31.62 -12.20 6.42
CA ALA B 358 -32.20 -11.12 5.59
C ALA B 358 -31.13 -10.55 4.64
N THR B 359 -29.85 -10.70 5.00
CA THR B 359 -28.75 -10.18 4.20
C THR B 359 -27.87 -11.32 3.64
N PRO B 360 -28.27 -12.05 2.59
CA PRO B 360 -27.39 -13.09 2.05
C PRO B 360 -26.17 -12.50 1.30
N PRO B 361 -25.07 -13.26 1.04
CA PRO B 361 -23.93 -12.65 0.33
C PRO B 361 -24.37 -12.10 -1.06
N GLY B 362 -23.84 -10.95 -1.42
CA GLY B 362 -24.22 -10.27 -2.63
C GLY B 362 -25.37 -9.32 -2.46
N SER B 363 -26.00 -9.29 -1.29
CA SER B 363 -27.17 -8.44 -1.05
C SER B 363 -26.76 -6.99 -0.93
N VAL B 364 -27.61 -6.08 -1.45
CA VAL B 364 -27.33 -4.64 -1.39
C VAL B 364 -28.31 -3.92 -0.54
N THR B 365 -27.83 -2.90 0.16
CA THR B 365 -28.72 -2.05 0.96
C THR B 365 -29.72 -1.38 0.04
N VAL B 366 -30.97 -1.34 0.54
CA VAL B 366 -32.15 -0.88 -0.19
C VAL B 366 -32.99 0.05 0.68
N PRO B 367 -33.75 1.00 0.09
CA PRO B 367 -34.73 1.76 0.89
C PRO B 367 -35.60 0.90 1.83
N HIS B 368 -35.76 1.41 3.07
CA HIS B 368 -36.74 0.92 4.05
C HIS B 368 -37.83 1.98 4.17
N PRO B 369 -39.12 1.60 3.96
CA PRO B 369 -40.20 2.60 4.02
C PRO B 369 -40.40 3.30 5.38
N ASN B 370 -39.87 2.69 6.46
CA ASN B 370 -39.90 3.23 7.82
C ASN B 370 -38.71 4.09 8.19
N ILE B 371 -37.69 4.16 7.35
CA ILE B 371 -36.45 4.81 7.75
C ILE B 371 -36.19 6.04 6.86
N GLU B 372 -36.32 7.25 7.46
CA GLU B 372 -35.85 8.45 6.78
C GLU B 372 -34.31 8.47 6.86
N GLU B 373 -33.62 8.43 5.71
CA GLU B 373 -32.12 8.41 5.70
C GLU B 373 -31.56 9.78 5.38
N VAL B 374 -30.73 10.34 6.23
CA VAL B 374 -30.28 11.72 6.08
C VAL B 374 -28.77 11.84 6.30
N ALA B 375 -28.04 12.39 5.30
CA ALA B 375 -26.60 12.53 5.45
C ALA B 375 -26.23 13.65 6.39
N LEU B 376 -25.25 13.39 7.23
CA LEU B 376 -24.69 14.39 8.10
C LEU B 376 -24.03 15.48 7.27
N SER B 377 -24.29 16.75 7.60
CA SER B 377 -23.60 17.91 7.01
C SER B 377 -22.39 18.30 7.88
N ASN B 378 -21.72 19.41 7.56
CA ASN B 378 -20.69 19.97 8.43
C ASN B 378 -21.25 20.90 9.49
N THR B 379 -22.56 21.19 9.44
CA THR B 379 -23.22 22.04 10.47
C THR B 379 -23.78 21.14 11.61
N GLY B 380 -23.46 21.52 12.84
CA GLY B 380 -23.75 20.76 14.05
C GLY B 380 -22.65 20.97 15.07
N GLU B 381 -23.00 20.98 16.38
CA GLU B 381 -22.08 21.36 17.46
C GLU B 381 -21.28 20.19 18.03
N ILE B 382 -21.54 18.99 17.52
CA ILE B 382 -20.91 17.73 17.93
C ILE B 382 -20.12 17.21 16.73
N PRO B 383 -18.81 17.42 16.72
CA PRO B 383 -18.00 16.73 15.69
C PRO B 383 -18.19 15.23 15.73
N PHE B 384 -18.41 14.62 14.57
CA PHE B 384 -18.55 13.17 14.43
C PHE B 384 -17.91 12.78 13.09
N TYR B 385 -16.73 12.13 13.12
CA TYR B 385 -16.07 11.47 11.98
C TYR B 385 -15.81 12.39 10.76
N GLY B 386 -15.51 13.64 11.05
CA GLY B 386 -15.26 14.64 10.02
C GLY B 386 -16.49 15.45 9.66
N LYS B 387 -17.67 14.90 9.94
CA LYS B 387 -18.96 15.59 9.80
C LYS B 387 -19.44 16.09 11.19
N ALA B 388 -20.69 16.53 11.28
CA ALA B 388 -21.19 17.04 12.55
C ALA B 388 -22.60 16.54 12.84
N ILE B 389 -22.95 16.40 14.15
CA ILE B 389 -24.31 16.08 14.61
C ILE B 389 -24.91 17.36 15.22
N PRO B 390 -26.08 17.81 14.76
CA PRO B 390 -26.78 18.90 15.48
C PRO B 390 -27.25 18.38 16.83
N ILE B 391 -27.24 19.23 17.84
CA ILE B 391 -27.78 18.87 19.13
C ILE B 391 -29.33 18.69 19.06
N GLU B 392 -30.03 19.38 18.13
CA GLU B 392 -31.47 19.21 17.91
C GLU B 392 -31.81 17.80 17.38
N ALA B 393 -30.82 17.11 16.80
CA ALA B 393 -31.00 15.75 16.30
C ALA B 393 -31.21 14.72 17.42
N ILE B 394 -30.58 14.92 18.60
CA ILE B 394 -30.44 13.95 19.70
C ILE B 394 -30.91 14.48 21.08
N ARG B 395 -31.30 15.77 21.16
CA ARG B 395 -31.89 16.36 22.35
C ARG B 395 -33.34 15.87 22.34
N GLY B 396 -33.70 15.10 23.36
CA GLY B 396 -34.99 14.39 23.41
C GLY B 396 -34.96 13.12 22.58
N GLY B 397 -35.64 12.11 23.07
CA GLY B 397 -35.77 10.86 22.36
C GLY B 397 -34.67 9.92 22.75
N ARG B 398 -34.70 8.71 22.18
CA ARG B 398 -33.74 7.65 22.41
C ARG B 398 -33.02 7.30 21.09
N HIS B 399 -31.70 7.59 21.07
CA HIS B 399 -30.86 7.44 19.89
C HIS B 399 -29.67 6.53 20.14
N LEU B 400 -29.24 5.85 19.07
CA LEU B 400 -28.08 4.97 19.03
C LEU B 400 -27.05 5.53 18.04
N ILE B 401 -25.81 5.78 18.53
CA ILE B 401 -24.70 6.30 17.76
C ILE B 401 -23.61 5.27 17.81
N PHE B 402 -23.28 4.79 16.62
CA PHE B 402 -22.30 3.77 16.36
C PHE B 402 -20.94 4.40 16.08
N CYS B 403 -19.94 4.04 16.90
CA CYS B 403 -18.52 4.31 16.71
C CYS B 403 -17.73 3.03 16.50
N HIS B 404 -16.57 3.15 15.82
CA HIS B 404 -15.68 2.02 15.54
C HIS B 404 -14.87 1.56 16.74
N SER B 405 -14.57 2.45 17.69
CA SER B 405 -13.75 2.10 18.86
C SER B 405 -14.42 2.56 20.12
N LYS B 406 -14.06 1.91 21.23
CA LYS B 406 -14.49 2.32 22.57
C LYS B 406 -13.90 3.67 23.02
N LYS B 407 -12.72 4.06 22.51
CA LYS B 407 -12.12 5.35 22.84
C LYS B 407 -13.07 6.44 22.30
N LYS B 408 -13.43 6.36 21.01
CA LYS B 408 -14.40 7.22 20.33
C LYS B 408 -15.77 7.22 21.08
N CYS B 409 -16.28 6.01 21.45
CA CYS B 409 -17.44 5.84 22.35
C CYS B 409 -17.35 6.68 23.67
N ASP B 410 -16.21 6.66 24.36
CA ASP B 410 -15.96 7.39 25.61
C ASP B 410 -15.83 8.93 25.35
N GLU B 411 -15.05 9.32 24.33
CA GLU B 411 -14.96 10.74 23.97
C GLU B 411 -16.35 11.31 23.75
N LEU B 412 -17.14 10.62 22.91
CA LEU B 412 -18.46 11.10 22.49
C LEU B 412 -19.46 11.17 23.65
N ALA B 413 -19.48 10.13 24.51
CA ALA B 413 -20.38 10.04 25.67
C ALA B 413 -20.03 11.16 26.68
N ALA B 414 -18.71 11.45 26.84
CA ALA B 414 -18.22 12.50 27.74
C ALA B 414 -18.65 13.83 27.19
N LYS B 415 -18.44 14.06 25.84
CA LYS B 415 -18.80 15.31 25.17
C LYS B 415 -20.31 15.60 25.34
N LEU B 416 -21.15 14.60 25.01
CA LEU B 416 -22.61 14.70 25.07
C LEU B 416 -23.12 14.92 26.50
N SER B 417 -22.47 14.29 27.53
CA SER B 417 -22.85 14.51 28.95
C SER B 417 -22.52 15.92 29.46
N GLY B 418 -21.47 16.52 28.90
CA GLY B 418 -21.14 17.92 29.11
C GLY B 418 -22.22 18.83 28.57
N LEU B 419 -22.65 18.57 27.33
CA LEU B 419 -23.71 19.25 26.59
C LEU B 419 -25.14 19.13 27.21
N GLY B 420 -25.29 18.38 28.32
CA GLY B 420 -26.59 18.16 28.96
C GLY B 420 -27.39 16.97 28.43
N ILE B 421 -26.88 16.31 27.37
CA ILE B 421 -27.45 15.04 26.92
C ILE B 421 -27.17 13.98 28.00
N ASN B 422 -28.14 13.09 28.25
CA ASN B 422 -28.00 11.87 29.03
C ASN B 422 -27.43 10.78 28.06
N ALA B 423 -26.10 10.77 27.84
CA ALA B 423 -25.47 9.78 26.99
C ALA B 423 -24.90 8.65 27.81
N VAL B 424 -24.64 7.48 27.17
CA VAL B 424 -24.12 6.26 27.79
C VAL B 424 -23.29 5.55 26.72
N ALA B 425 -22.06 5.12 27.08
CA ALA B 425 -21.23 4.26 26.21
C ALA B 425 -21.58 2.81 26.40
N TYR B 426 -21.59 2.03 25.33
CA TYR B 426 -21.67 0.58 25.47
C TYR B 426 -20.68 -0.18 24.51
N TYR B 427 -19.90 -1.15 25.06
CA TYR B 427 -18.95 -1.99 24.29
C TYR B 427 -18.61 -3.31 25.08
N ARG B 428 -17.78 -4.22 24.46
CA ARG B 428 -17.18 -5.40 25.14
C ARG B 428 -16.60 -4.96 26.43
N GLY B 429 -17.07 -5.57 27.51
CA GLY B 429 -16.60 -5.29 28.85
C GLY B 429 -17.75 -4.84 29.70
N LEU B 430 -18.53 -3.93 29.15
CA LEU B 430 -19.59 -3.24 29.86
C LEU B 430 -20.79 -4.14 30.00
N ASP B 431 -21.58 -3.92 31.08
CA ASP B 431 -22.83 -4.60 31.23
C ASP B 431 -23.98 -3.78 30.71
N VAL B 432 -24.80 -4.43 29.87
CA VAL B 432 -25.95 -3.89 29.16
C VAL B 432 -26.97 -3.15 30.07
N SER B 433 -26.89 -3.33 31.40
CA SER B 433 -27.69 -2.60 32.37
C SER B 433 -27.33 -1.09 32.43
N VAL B 434 -26.19 -0.68 31.78
CA VAL B 434 -25.77 0.73 31.55
C VAL B 434 -26.81 1.44 30.71
N ILE B 435 -27.42 0.72 29.72
CA ILE B 435 -28.46 1.28 28.87
C ILE B 435 -29.82 1.28 29.58
N PRO B 436 -30.39 2.48 29.85
CA PRO B 436 -31.74 2.52 30.46
C PRO B 436 -32.82 2.04 29.48
N THR B 437 -33.71 1.14 29.94
CA THR B 437 -34.78 0.58 29.11
C THR B 437 -35.87 1.67 28.87
N ILE B 438 -35.85 2.73 29.67
CA ILE B 438 -36.85 3.77 29.60
C ILE B 438 -36.21 5.12 29.65
N GLY B 439 -36.91 6.10 29.10
CA GLY B 439 -36.53 7.50 29.20
C GLY B 439 -35.50 7.90 28.17
N ASP B 440 -35.42 9.21 27.94
CA ASP B 440 -34.46 9.75 27.00
C ASP B 440 -33.04 9.21 27.31
N VAL B 441 -32.32 8.82 26.26
CA VAL B 441 -30.90 8.44 26.31
C VAL B 441 -30.30 8.58 24.93
N VAL B 442 -28.98 8.92 24.85
CA VAL B 442 -28.15 8.64 23.67
C VAL B 442 -27.18 7.49 24.04
N VAL B 443 -27.28 6.35 23.36
CA VAL B 443 -26.34 5.23 23.51
C VAL B 443 -25.25 5.41 22.46
N VAL B 444 -24.00 5.48 22.95
CA VAL B 444 -22.82 5.51 22.10
C VAL B 444 -22.16 4.14 22.16
N ALA B 445 -22.32 3.35 21.08
CA ALA B 445 -21.92 1.95 21.12
C ALA B 445 -21.06 1.51 19.97
N THR B 446 -20.31 0.43 20.18
CA THR B 446 -19.67 -0.31 19.11
C THR B 446 -20.66 -1.38 18.64
N ASP B 447 -20.27 -2.19 17.60
CA ASP B 447 -21.09 -3.30 17.10
C ASP B 447 -21.32 -4.35 18.14
N ALA B 448 -20.72 -4.23 19.33
CA ALA B 448 -20.96 -5.14 20.43
C ALA B 448 -22.40 -5.05 20.90
N LEU B 449 -23.05 -3.87 20.68
CA LEU B 449 -24.48 -3.63 20.94
C LEU B 449 -25.35 -4.73 20.29
N MET B 450 -24.98 -5.15 19.07
CA MET B 450 -25.73 -6.11 18.26
C MET B 450 -26.08 -7.43 18.95
N THR B 451 -25.12 -8.07 19.63
CA THR B 451 -25.32 -9.34 20.34
C THR B 451 -25.71 -9.16 21.81
N GLY B 452 -25.50 -7.97 22.36
CA GLY B 452 -25.70 -7.75 23.79
C GLY B 452 -27.03 -7.16 24.18
N TYR B 453 -27.62 -6.32 23.31
CA TYR B 453 -28.84 -5.55 23.55
C TYR B 453 -29.85 -5.76 22.41
N THR B 454 -31.13 -5.78 22.75
CA THR B 454 -32.20 -6.16 21.83
C THR B 454 -33.09 -5.00 21.37
N GLY B 455 -33.17 -3.92 22.16
CA GLY B 455 -34.00 -2.75 21.86
C GLY B 455 -33.73 -2.01 20.55
N ASP B 456 -34.69 -1.13 20.19
CA ASP B 456 -34.64 -0.24 19.03
C ASP B 456 -34.72 1.22 19.44
N PHE B 457 -34.58 2.14 18.46
CA PHE B 457 -34.30 3.57 18.71
C PHE B 457 -35.04 4.47 17.74
N ASP B 458 -35.20 5.73 18.12
CA ASP B 458 -35.85 6.77 17.30
C ASP B 458 -35.00 7.09 16.06
N SER B 459 -33.66 7.27 16.24
CA SER B 459 -32.70 7.46 15.16
C SER B 459 -31.51 6.59 15.40
N VAL B 460 -30.80 6.20 14.27
CA VAL B 460 -29.47 5.60 14.31
C VAL B 460 -28.53 6.60 13.66
N ILE B 461 -27.37 6.90 14.32
CA ILE B 461 -26.29 7.66 13.66
C ILE B 461 -25.09 6.77 13.51
N ASP B 462 -24.72 6.52 12.25
CA ASP B 462 -23.67 5.57 11.85
C ASP B 462 -22.39 6.24 11.27
N CYS B 463 -21.22 5.89 11.84
CA CYS B 463 -19.86 6.21 11.36
C CYS B 463 -19.43 5.48 10.08
N ASN B 464 -20.21 4.46 9.65
CA ASN B 464 -20.06 3.72 8.41
C ASN B 464 -18.74 2.97 8.30
N THR B 465 -18.07 2.80 9.44
CA THR B 465 -16.78 2.09 9.57
C THR B 465 -16.79 1.12 10.74
N CYS B 466 -15.94 0.09 10.63
CA CYS B 466 -15.80 -0.89 11.68
C CYS B 466 -14.36 -1.35 11.80
N VAL B 467 -13.96 -1.83 12.99
CA VAL B 467 -12.66 -2.47 13.20
C VAL B 467 -12.68 -3.93 12.70
N THR B 468 -11.70 -4.29 11.86
CA THR B 468 -11.52 -5.64 11.36
C THR B 468 -10.08 -6.16 11.63
N GLN B 469 -9.90 -7.49 11.48
CA GLN B 469 -8.60 -8.16 11.58
C GLN B 469 -8.20 -8.79 10.27
N THR B 470 -6.93 -8.72 9.95
CA THR B 470 -6.48 -9.09 8.61
C THR B 470 -5.16 -9.84 8.73
N VAL B 471 -5.05 -11.00 8.10
CA VAL B 471 -3.77 -11.73 8.07
C VAL B 471 -2.85 -11.07 7.04
N ASP B 472 -1.57 -11.09 7.31
CA ASP B 472 -0.58 -10.74 6.33
C ASP B 472 0.48 -11.81 6.42
N PHE B 473 0.78 -12.40 5.28
CA PHE B 473 1.76 -13.48 5.28
C PHE B 473 3.10 -12.84 5.12
N SER B 474 3.57 -12.18 6.19
CA SER B 474 4.62 -11.15 6.18
C SER B 474 6.05 -11.69 6.21
N LEU B 475 6.21 -12.99 6.58
CA LEU B 475 7.46 -13.76 6.59
C LEU B 475 8.56 -13.09 7.46
N ASP B 476 8.13 -12.40 8.54
CA ASP B 476 8.98 -11.64 9.47
C ASP B 476 8.88 -12.09 10.95
N PRO B 477 8.96 -13.40 11.31
CA PRO B 477 9.28 -14.60 10.52
C PRO B 477 8.13 -15.37 9.87
N THR B 478 6.90 -15.03 10.18
CA THR B 478 5.81 -15.94 9.83
C THR B 478 4.64 -15.13 9.28
N PHE B 479 3.64 -14.87 10.09
CA PHE B 479 2.46 -14.06 9.71
C PHE B 479 2.21 -12.96 10.77
N THR B 480 1.34 -11.98 10.37
CA THR B 480 0.83 -10.92 11.24
C THR B 480 -0.70 -10.95 11.24
N ILE B 481 -1.36 -10.79 12.42
CA ILE B 481 -2.77 -10.41 12.48
C ILE B 481 -2.75 -8.92 12.74
N GLU B 482 -3.25 -8.14 11.76
CA GLU B 482 -3.33 -6.68 11.73
C GLU B 482 -4.75 -6.27 12.10
N THR B 483 -4.90 -5.26 12.97
CA THR B 483 -6.19 -4.62 13.31
C THR B 483 -6.33 -3.33 12.48
N THR B 484 -7.45 -3.20 11.74
CA THR B 484 -7.70 -2.07 10.79
C THR B 484 -9.15 -1.52 10.77
N THR B 485 -9.29 -0.21 10.57
CA THR B 485 -10.56 0.46 10.31
C THR B 485 -10.90 0.37 8.83
N VAL B 486 -12.04 -0.30 8.53
CA VAL B 486 -12.50 -0.47 7.16
C VAL B 486 -13.89 0.18 6.95
N PRO B 487 -14.19 0.63 5.70
CA PRO B 487 -15.59 0.94 5.37
C PRO B 487 -16.51 -0.22 5.75
N GLN B 488 -17.72 0.08 6.23
CA GLN B 488 -18.74 -0.94 6.46
C GLN B 488 -19.15 -1.62 5.12
N ASP B 489 -19.87 -2.75 5.19
CA ASP B 489 -20.41 -3.45 4.01
C ASP B 489 -21.91 -3.44 4.12
N ALA B 490 -22.60 -3.93 3.08
CA ALA B 490 -24.06 -3.91 3.07
C ALA B 490 -24.72 -4.56 4.26
N VAL B 491 -24.08 -5.56 4.87
CA VAL B 491 -24.62 -6.37 5.96
C VAL B 491 -24.60 -5.50 7.20
N SER B 492 -23.43 -4.98 7.56
CA SER B 492 -23.22 -4.07 8.68
C SER B 492 -24.20 -2.90 8.62
N ARG B 493 -24.19 -2.13 7.48
CA ARG B 493 -25.05 -0.99 7.26
C ARG B 493 -26.50 -1.32 7.55
N SER B 494 -26.98 -2.44 7.00
CA SER B 494 -28.31 -3.03 7.24
C SER B 494 -28.59 -3.30 8.73
N GLN B 495 -27.72 -4.10 9.37
CA GLN B 495 -27.76 -4.43 10.78
C GLN B 495 -27.88 -3.18 11.67
N ARG B 496 -27.03 -2.14 11.42
CA ARG B 496 -27.01 -0.85 12.15
C ARG B 496 -28.27 -0.05 11.85
N ARG B 497 -28.66 0.05 10.57
CA ARG B 497 -29.85 0.83 10.20
C ARG B 497 -31.11 0.21 10.79
N GLY B 498 -31.13 -1.13 10.84
CA GLY B 498 -32.23 -1.97 11.32
C GLY B 498 -32.56 -1.82 12.78
N ARG B 499 -31.76 -1.03 13.51
CA ARG B 499 -32.03 -0.67 14.90
C ARG B 499 -32.99 0.53 15.03
N THR B 500 -33.36 1.13 13.90
CA THR B 500 -34.45 2.09 13.85
C THR B 500 -35.50 1.60 12.82
N GLY B 501 -36.69 2.19 12.83
CA GLY B 501 -37.75 1.87 11.89
C GLY B 501 -38.51 0.58 12.19
N ARG B 502 -38.25 -0.08 13.35
CA ARG B 502 -38.96 -1.34 13.67
C ARG B 502 -40.41 -1.06 14.14
N GLY B 503 -41.36 -1.26 13.22
CA GLY B 503 -42.78 -1.10 13.50
C GLY B 503 -43.21 0.33 13.78
N ARG B 504 -42.30 1.28 13.50
CA ARG B 504 -42.50 2.73 13.60
C ARG B 504 -41.49 3.53 12.71
N ARG B 505 -41.55 4.87 12.75
CA ARG B 505 -40.78 5.73 11.84
C ARG B 505 -39.42 6.04 12.44
N GLY B 506 -38.39 5.55 11.78
CA GLY B 506 -37.00 5.82 12.14
C GLY B 506 -36.38 6.91 11.32
N ILE B 507 -35.31 7.51 11.88
CA ILE B 507 -34.31 8.31 11.14
C ILE B 507 -32.95 7.53 11.10
N TYR B 508 -32.21 7.58 9.98
CA TYR B 508 -30.86 6.96 9.86
C TYR B 508 -29.88 8.00 9.31
N ARG B 509 -28.92 8.42 10.14
CA ARG B 509 -27.96 9.45 9.81
C ARG B 509 -26.63 8.84 9.58
N PHE B 510 -25.98 9.27 8.49
CA PHE B 510 -24.71 8.68 8.06
C PHE B 510 -23.66 9.70 7.66
N VAL B 511 -22.39 9.25 7.65
CA VAL B 511 -21.18 9.99 7.29
C VAL B 511 -20.87 9.82 5.80
N THR B 512 -21.16 8.64 5.24
CA THR B 512 -20.83 8.32 3.87
C THR B 512 -21.75 7.22 3.29
N PRO B 513 -22.21 7.35 2.01
CA PRO B 513 -23.06 6.29 1.41
C PRO B 513 -22.32 5.03 0.97
N GLY B 514 -20.99 5.12 0.86
CA GLY B 514 -20.09 3.99 0.61
C GLY B 514 -20.41 2.74 1.45
N GLU B 515 -20.42 1.55 0.78
CA GLU B 515 -20.62 0.26 1.41
C GLU B 515 -19.93 -0.87 0.60
N ARG B 516 -18.85 -1.46 1.16
CA ARG B 516 -18.07 -2.58 0.59
C ARG B 516 -18.96 -3.81 0.18
N PRO B 517 -18.54 -4.64 -0.80
CA PRO B 517 -19.28 -5.89 -1.04
C PRO B 517 -19.40 -6.81 0.19
N SER B 518 -20.63 -7.30 0.39
CA SER B 518 -21.04 -8.21 1.47
C SER B 518 -20.68 -9.67 1.16
N GLY B 519 -20.76 -10.50 2.20
CA GLY B 519 -20.61 -11.95 2.16
C GLY B 519 -19.20 -12.47 1.99
N MET B 520 -18.20 -11.68 2.39
CA MET B 520 -16.79 -12.10 2.30
C MET B 520 -16.14 -11.92 3.65
N PHE B 521 -15.20 -12.80 3.97
CA PHE B 521 -14.43 -12.57 5.20
C PHE B 521 -12.98 -12.95 5.02
N ASP B 522 -12.16 -12.55 5.96
CA ASP B 522 -10.70 -12.72 5.89
C ASP B 522 -10.21 -14.06 6.51
N SER B 523 -9.08 -14.53 6.00
CA SER B 523 -8.37 -15.70 6.48
C SER B 523 -8.08 -15.69 7.97
N SER B 524 -7.89 -14.52 8.57
CA SER B 524 -7.68 -14.47 10.02
C SER B 524 -8.89 -15.04 10.75
N VAL B 525 -10.12 -14.97 10.13
CA VAL B 525 -11.32 -15.59 10.73
C VAL B 525 -11.15 -17.10 10.73
N LEU B 526 -10.45 -17.66 9.76
CA LEU B 526 -10.25 -19.09 9.77
C LEU B 526 -9.32 -19.45 10.91
N CYS B 527 -8.24 -18.70 11.08
CA CYS B 527 -7.31 -18.77 12.21
C CYS B 527 -8.08 -18.74 13.52
N GLU B 528 -8.99 -17.79 13.67
CA GLU B 528 -9.86 -17.59 14.82
C GLU B 528 -10.64 -18.84 15.15
N CYS B 529 -11.17 -19.57 14.12
CA CYS B 529 -11.90 -20.83 14.26
C CYS B 529 -11.05 -21.92 14.91
N TYR B 530 -9.80 -22.20 14.40
CA TYR B 530 -8.84 -23.14 14.99
C TYR B 530 -8.49 -22.72 16.41
N ASP B 531 -8.29 -21.44 16.63
CA ASP B 531 -8.02 -20.92 17.96
C ASP B 531 -9.15 -21.25 18.95
N ALA B 532 -10.42 -20.92 18.59
CA ALA B 532 -11.62 -21.27 19.35
C ALA B 532 -11.82 -22.81 19.48
N GLY B 533 -11.47 -23.57 18.43
CA GLY B 533 -11.47 -25.01 18.46
C GLY B 533 -10.61 -25.52 19.60
N CYS B 534 -9.37 -25.02 19.69
CA CYS B 534 -8.38 -25.46 20.65
C CYS B 534 -8.64 -24.85 22.01
N ALA B 535 -8.99 -23.54 22.10
CA ALA B 535 -9.14 -22.91 23.41
C ALA B 535 -10.44 -23.29 24.13
N TRP B 536 -11.54 -23.45 23.37
CA TRP B 536 -12.89 -23.56 23.90
C TRP B 536 -13.52 -24.90 23.70
N TYR B 537 -13.35 -25.50 22.48
CA TYR B 537 -14.30 -26.51 22.04
C TYR B 537 -13.69 -27.88 22.00
N GLU B 538 -12.43 -27.99 22.49
CA GLU B 538 -11.73 -29.27 22.70
C GLU B 538 -11.63 -29.99 21.39
N LEU B 539 -11.37 -29.21 20.29
CA LEU B 539 -11.29 -29.70 18.90
C LEU B 539 -9.86 -29.80 18.45
N THR B 540 -9.47 -30.95 17.89
CA THR B 540 -8.17 -31.04 17.22
C THR B 540 -8.23 -30.16 15.96
N PRO B 541 -7.09 -29.59 15.47
CA PRO B 541 -7.13 -28.87 14.19
C PRO B 541 -7.72 -29.69 13.04
N ALA B 542 -7.50 -31.01 13.01
CA ALA B 542 -8.15 -31.87 11.98
C ALA B 542 -9.68 -31.90 12.08
N GLU B 543 -10.22 -31.83 13.31
CA GLU B 543 -11.65 -31.76 13.51
C GLU B 543 -12.24 -30.44 13.03
N THR B 544 -11.61 -29.27 13.40
CA THR B 544 -11.94 -27.93 12.88
C THR B 544 -11.88 -27.89 11.35
N SER B 545 -10.90 -28.53 10.72
CA SER B 545 -10.84 -28.59 9.25
C SER B 545 -12.05 -29.29 8.61
N VAL B 546 -12.51 -30.40 9.22
CA VAL B 546 -13.68 -31.15 8.73
C VAL B 546 -14.89 -30.19 8.69
N ARG B 547 -15.12 -29.51 9.85
CA ARG B 547 -16.23 -28.56 10.05
C ARG B 547 -16.12 -27.34 9.09
N LEU B 548 -14.97 -26.70 9.04
CA LEU B 548 -14.75 -25.51 8.21
C LEU B 548 -14.81 -25.83 6.71
N ARG B 549 -14.50 -27.09 6.35
CA ARG B 549 -14.59 -27.59 5.00
C ARG B 549 -16.05 -27.75 4.61
N ALA B 550 -16.91 -28.29 5.50
CA ALA B 550 -18.37 -28.33 5.30
C ALA B 550 -18.91 -26.93 5.04
N TYR B 551 -18.50 -25.94 5.87
CA TYR B 551 -18.91 -24.54 5.73
C TYR B 551 -18.44 -24.01 4.38
N LEU B 552 -17.15 -24.11 4.09
CA LEU B 552 -16.55 -23.61 2.84
C LEU B 552 -17.26 -24.19 1.60
N ASN B 553 -17.37 -25.53 1.56
CA ASN B 553 -17.94 -26.30 0.46
C ASN B 553 -19.43 -26.13 0.23
N THR B 554 -20.16 -25.55 1.21
CA THR B 554 -21.59 -25.30 1.04
C THR B 554 -21.73 -23.98 0.30
N PRO B 555 -22.46 -23.96 -0.87
CA PRO B 555 -22.74 -22.68 -1.55
C PRO B 555 -23.78 -21.77 -0.88
N GLY B 556 -23.67 -20.49 -1.15
CA GLY B 556 -24.61 -19.51 -0.64
C GLY B 556 -24.33 -18.96 0.74
N LEU B 557 -23.28 -19.43 1.41
CA LEU B 557 -22.81 -18.87 2.67
C LEU B 557 -21.78 -17.78 2.37
N PRO B 558 -21.41 -16.92 3.36
CA PRO B 558 -20.16 -16.13 3.20
C PRO B 558 -18.95 -16.89 2.65
N VAL B 559 -18.08 -16.21 1.94
CA VAL B 559 -16.94 -16.88 1.30
C VAL B 559 -15.61 -16.43 1.87
N CYS B 560 -14.61 -17.27 1.73
CA CYS B 560 -13.25 -17.08 2.19
C CYS B 560 -12.26 -17.82 1.28
N GLN B 561 -11.04 -17.26 1.19
CA GLN B 561 -9.86 -17.94 0.67
C GLN B 561 -9.64 -19.20 1.42
N ASP B 562 -9.46 -20.30 0.70
CA ASP B 562 -9.22 -21.58 1.35
C ASP B 562 -7.75 -21.70 1.87
N HIS B 563 -7.60 -21.48 3.17
CA HIS B 563 -6.31 -21.60 3.84
C HIS B 563 -6.45 -22.56 5.03
N LEU B 564 -7.42 -23.52 4.98
CA LEU B 564 -7.58 -24.56 5.99
C LEU B 564 -6.32 -25.42 6.14
N GLU B 565 -5.71 -25.90 5.04
CA GLU B 565 -4.50 -26.75 5.22
C GLU B 565 -3.36 -25.99 5.95
N PHE B 566 -3.19 -24.70 5.59
CA PHE B 566 -2.19 -23.86 6.22
C PHE B 566 -2.40 -23.69 7.73
N TRP B 567 -3.57 -23.18 8.16
CA TRP B 567 -3.85 -22.94 9.57
C TRP B 567 -3.83 -24.21 10.39
N GLU B 568 -4.39 -25.31 9.87
CA GLU B 568 -4.34 -26.62 10.51
C GLU B 568 -2.92 -27.02 10.75
N SER B 569 -2.05 -26.85 9.72
CA SER B 569 -0.62 -27.13 9.85
C SER B 569 0.02 -26.31 10.97
N VAL B 570 -0.28 -24.97 11.06
CA VAL B 570 0.37 -24.18 12.12
C VAL B 570 -0.17 -24.66 13.46
N PHE B 571 -1.51 -24.75 13.63
CA PHE B 571 -2.12 -25.10 14.92
C PHE B 571 -1.69 -26.49 15.47
N THR B 572 -1.62 -27.52 14.59
CA THR B 572 -1.07 -28.86 14.83
C THR B 572 0.29 -28.87 15.59
N GLY B 573 1.18 -27.92 15.28
CA GLY B 573 2.48 -27.85 15.95
C GLY B 573 2.50 -27.21 17.31
N LEU B 574 1.39 -26.59 17.75
CA LEU B 574 1.29 -25.80 18.98
C LEU B 574 0.92 -26.72 20.14
N THR B 575 1.86 -27.57 20.51
CA THR B 575 1.70 -28.66 21.46
C THR B 575 2.20 -28.28 22.85
N HIS B 576 1.62 -28.91 23.88
CA HIS B 576 1.92 -28.64 25.28
C HIS B 576 1.83 -27.15 25.58
N ILE B 577 0.60 -26.62 25.52
CA ILE B 577 0.19 -25.29 25.97
C ILE B 577 0.10 -25.27 27.52
N ASP B 578 0.56 -24.18 28.15
CA ASP B 578 0.41 -23.97 29.58
C ASP B 578 -1.01 -23.61 29.80
N ALA B 579 -1.67 -24.49 30.55
CA ALA B 579 -3.08 -24.43 30.87
C ALA B 579 -3.40 -23.18 31.69
N HIS B 580 -2.45 -22.76 32.56
CA HIS B 580 -2.68 -21.61 33.41
C HIS B 580 -2.73 -20.34 32.63
N PHE B 581 -1.82 -20.17 31.63
CA PHE B 581 -1.83 -19.04 30.69
C PHE B 581 -3.10 -19.03 29.82
N LEU B 582 -3.55 -20.21 29.37
CA LEU B 582 -4.76 -20.35 28.55
C LEU B 582 -6.00 -19.93 29.29
N SER B 583 -6.19 -20.41 30.55
CA SER B 583 -7.34 -20.04 31.38
C SER B 583 -7.38 -18.52 31.52
N GLN B 584 -6.20 -17.91 31.76
CA GLN B 584 -6.03 -16.46 31.81
C GLN B 584 -6.40 -15.71 30.51
N THR B 585 -5.95 -16.18 29.32
CA THR B 585 -6.28 -15.53 28.02
C THR B 585 -7.77 -15.69 27.65
N LYS B 586 -8.34 -16.85 28.05
CA LYS B 586 -9.79 -17.09 28.04
C LYS B 586 -10.52 -16.12 28.96
N GLN B 587 -10.34 -16.20 30.31
CA GLN B 587 -10.93 -15.23 31.27
C GLN B 587 -10.82 -13.75 30.80
N ALA B 588 -9.62 -13.32 30.34
CA ALA B 588 -9.40 -11.94 29.83
C ALA B 588 -10.29 -11.57 28.65
N GLY B 589 -10.79 -12.57 27.93
CA GLY B 589 -11.77 -12.43 26.86
C GLY B 589 -11.28 -11.80 25.56
N ASP B 590 -9.97 -11.64 25.37
CA ASP B 590 -9.51 -11.00 24.15
C ASP B 590 -9.27 -12.04 23.01
N ASN B 591 -8.96 -11.55 21.80
CA ASN B 591 -8.88 -12.38 20.60
C ASN B 591 -7.66 -13.26 20.61
N PHE B 592 -7.82 -14.43 19.99
CA PHE B 592 -6.76 -15.41 19.79
C PHE B 592 -6.19 -15.82 21.13
N PRO B 593 -7.05 -16.30 22.06
CA PRO B 593 -6.54 -16.74 23.37
C PRO B 593 -5.52 -17.86 23.25
N TYR B 594 -5.72 -18.77 22.26
CA TYR B 594 -4.80 -19.90 22.07
C TYR B 594 -3.47 -19.42 21.58
N LEU B 595 -3.43 -18.50 20.57
CA LEU B 595 -2.17 -17.96 20.05
C LEU B 595 -1.45 -17.15 21.08
N VAL B 596 -2.18 -16.33 21.81
CA VAL B 596 -1.60 -15.48 22.86
C VAL B 596 -0.96 -16.31 23.96
N ALA B 597 -1.76 -17.19 24.59
CA ALA B 597 -1.32 -18.13 25.62
C ALA B 597 -0.20 -19.03 25.12
N TYR B 598 -0.18 -19.40 23.79
CA TYR B 598 0.86 -20.27 23.29
C TYR B 598 2.19 -19.57 23.13
N GLN B 599 2.18 -18.27 22.68
CA GLN B 599 3.35 -17.41 22.63
C GLN B 599 3.91 -17.27 24.01
N ALA B 600 3.03 -17.05 25.02
CA ALA B 600 3.40 -16.90 26.43
C ALA B 600 4.09 -18.15 26.98
N THR B 601 3.52 -19.35 26.72
CA THR B 601 4.06 -20.66 27.07
C THR B 601 5.54 -20.80 26.65
N VAL B 602 5.88 -20.33 25.41
CA VAL B 602 7.22 -20.42 24.78
C VAL B 602 8.16 -19.44 25.44
N CYS B 603 7.68 -18.21 25.68
CA CYS B 603 8.39 -17.17 26.41
C CYS B 603 8.77 -17.65 27.78
N ALA B 604 7.79 -18.18 28.55
CA ALA B 604 8.03 -18.75 29.87
C ALA B 604 9.02 -19.95 29.83
N ARG B 605 8.78 -20.96 28.97
CA ARG B 605 9.62 -22.16 28.86
C ARG B 605 11.05 -21.88 28.41
N ALA B 606 11.22 -20.89 27.51
CA ALA B 606 12.54 -20.41 27.09
C ALA B 606 13.06 -19.31 28.04
N GLN B 607 12.30 -18.94 29.09
CA GLN B 607 12.68 -17.94 30.10
C GLN B 607 13.15 -16.62 29.44
N ALA B 608 12.29 -16.11 28.56
CA ALA B 608 12.47 -14.93 27.71
C ALA B 608 11.29 -13.93 27.82
N PRO B 609 11.48 -12.59 27.59
CA PRO B 609 10.36 -11.64 27.67
C PRO B 609 9.27 -11.81 26.59
N PRO B 610 8.00 -11.39 26.87
CA PRO B 610 7.00 -11.35 25.81
C PRO B 610 7.38 -10.34 24.71
N PRO B 611 6.70 -10.35 23.53
CA PRO B 611 7.07 -9.38 22.46
C PRO B 611 6.98 -7.92 22.91
N SER B 612 6.12 -7.67 23.91
CA SER B 612 5.99 -6.36 24.56
C SER B 612 5.34 -6.54 25.91
N TRP B 613 5.06 -5.44 26.58
CA TRP B 613 4.37 -5.47 27.86
C TRP B 613 3.08 -4.70 27.69
N ASP B 614 2.51 -4.80 26.50
CA ASP B 614 1.14 -4.44 26.14
C ASP B 614 0.18 -5.25 27.04
N GLN B 615 -1.04 -4.75 27.26
CA GLN B 615 -2.07 -5.48 28.03
C GLN B 615 -2.09 -6.99 27.67
N MET B 616 -1.90 -7.31 26.35
CA MET B 616 -2.00 -8.66 25.79
C MET B 616 -1.16 -9.68 26.53
N TRP B 617 0.01 -9.25 27.05
CA TRP B 617 1.00 -10.15 27.68
C TRP B 617 1.02 -10.08 29.21
N LYS B 618 -0.10 -9.68 29.84
CA LYS B 618 -0.36 -9.62 31.29
C LYS B 618 -0.09 -10.94 32.04
N CYS B 619 -0.41 -12.12 31.45
CA CYS B 619 -0.09 -13.45 31.99
C CYS B 619 1.37 -13.58 32.50
N LEU B 620 2.34 -12.92 31.82
CA LEU B 620 3.78 -13.04 32.10
C LEU B 620 4.30 -12.17 33.28
N ILE B 621 3.51 -11.19 33.78
CA ILE B 621 3.97 -10.19 34.78
C ILE B 621 4.53 -10.84 36.09
N ARG B 622 3.93 -11.95 36.58
CA ARG B 622 4.48 -12.64 37.76
C ARG B 622 5.93 -13.10 37.55
N LEU B 623 6.25 -13.42 36.29
CA LEU B 623 7.56 -13.88 35.88
C LEU B 623 8.50 -12.76 35.37
N LYS B 624 8.07 -11.47 35.37
CA LYS B 624 8.78 -10.37 34.70
C LYS B 624 10.28 -10.17 35.11
N PRO B 625 10.73 -10.22 36.39
CA PRO B 625 12.17 -10.01 36.64
C PRO B 625 13.05 -11.25 36.45
N THR B 626 12.45 -12.41 36.10
CA THR B 626 13.19 -13.64 35.82
C THR B 626 13.42 -13.79 34.28
N LEU B 627 12.62 -13.06 33.49
CA LEU B 627 12.50 -13.12 32.03
C LEU B 627 13.42 -12.07 31.44
N HIS B 628 14.43 -12.51 30.67
CA HIS B 628 15.39 -11.64 29.98
C HIS B 628 15.81 -12.21 28.59
N GLY B 629 16.36 -11.33 27.74
CA GLY B 629 16.88 -11.69 26.41
C GLY B 629 15.95 -11.41 25.24
N PRO B 630 16.26 -11.95 24.03
CA PRO B 630 15.31 -11.80 22.91
C PRO B 630 14.08 -12.68 23.05
N THR B 631 12.92 -12.15 22.57
CA THR B 631 11.64 -12.89 22.49
C THR B 631 11.77 -14.01 21.43
N PRO B 632 11.41 -15.27 21.74
CA PRO B 632 11.24 -16.23 20.64
C PRO B 632 9.85 -15.98 20.02
N LEU B 633 9.83 -15.12 18.99
CA LEU B 633 8.60 -14.73 18.26
C LEU B 633 8.12 -15.80 17.37
N LEU B 634 6.83 -16.10 17.46
CA LEU B 634 6.17 -17.18 16.69
C LEU B 634 5.36 -16.60 15.51
N TYR B 635 4.95 -15.35 15.66
CA TYR B 635 3.98 -14.63 14.85
C TYR B 635 3.76 -13.27 15.50
N ARG B 636 3.18 -12.34 14.75
CA ARG B 636 2.97 -11.03 15.32
C ARG B 636 1.47 -10.80 15.48
N LEU B 637 1.08 -10.47 16.73
CA LEU B 637 -0.30 -10.22 17.18
C LEU B 637 -0.53 -8.79 17.57
N GLY B 638 0.53 -8.01 17.47
CA GLY B 638 0.61 -6.56 17.65
C GLY B 638 2.08 -6.14 17.53
N ALA B 639 2.42 -4.93 18.03
CA ALA B 639 3.82 -4.45 17.97
C ALA B 639 4.72 -5.27 18.84
N VAL B 640 5.93 -5.47 18.32
CA VAL B 640 7.04 -6.19 18.96
C VAL B 640 8.07 -5.14 19.28
N GLN B 641 8.19 -4.81 20.55
CA GLN B 641 9.13 -3.81 21.04
C GLN B 641 10.46 -4.45 21.39
N ASN B 642 10.44 -5.65 21.99
CA ASN B 642 11.66 -6.34 22.38
C ASN B 642 12.41 -6.87 21.15
N GLU B 643 13.75 -7.05 21.29
CA GLU B 643 14.60 -7.76 20.33
C GLU B 643 14.06 -9.19 20.14
N VAL B 644 14.32 -9.80 18.95
CA VAL B 644 13.72 -11.11 18.70
C VAL B 644 14.79 -12.10 18.32
N THR B 645 14.59 -13.36 18.75
CA THR B 645 15.30 -14.56 18.29
C THR B 645 14.40 -15.50 17.46
N LEU B 646 14.97 -16.05 16.38
CA LEU B 646 14.30 -16.99 15.48
C LEU B 646 14.72 -18.47 15.77
N THR B 647 15.29 -18.73 16.97
CA THR B 647 15.97 -20.01 17.22
C THR B 647 15.05 -21.12 17.65
N HIS B 648 13.83 -20.78 18.13
CA HIS B 648 12.90 -21.75 18.72
C HIS B 648 12.35 -22.73 17.71
N PRO B 649 12.41 -24.04 18.05
CA PRO B 649 11.75 -25.07 17.23
C PRO B 649 10.35 -24.75 16.73
N ILE B 650 9.50 -24.18 17.59
CA ILE B 650 8.12 -23.76 17.23
C ILE B 650 8.14 -22.69 16.14
N THR B 651 9.00 -21.64 16.29
CA THR B 651 9.28 -20.59 15.29
C THR B 651 9.77 -21.21 13.96
N LYS B 652 10.73 -22.16 14.03
CA LYS B 652 11.23 -22.87 12.86
C LYS B 652 10.12 -23.72 12.21
N TYR B 653 9.28 -24.33 13.04
CA TYR B 653 8.10 -25.06 12.58
C TYR B 653 7.12 -24.16 11.78
N ILE B 654 6.68 -23.00 12.38
CA ILE B 654 5.67 -22.11 11.78
C ILE B 654 6.22 -21.55 10.48
N MET B 655 7.56 -21.30 10.42
CA MET B 655 8.30 -20.89 9.21
C MET B 655 8.21 -21.96 8.16
N ALA B 656 8.35 -23.23 8.57
CA ALA B 656 8.19 -24.32 7.58
C ALA B 656 6.77 -24.43 7.04
N CYS B 657 5.75 -24.09 7.90
CA CYS B 657 4.33 -24.04 7.52
C CYS B 657 4.02 -23.05 6.43
N MET B 658 4.76 -21.91 6.36
CA MET B 658 4.65 -20.80 5.38
C MET B 658 5.07 -21.20 3.97
N SER B 659 5.58 -22.39 3.76
CA SER B 659 5.99 -22.78 2.40
C SER B 659 4.83 -23.37 1.61
N ALA B 660 3.66 -23.50 2.27
CA ALA B 660 2.42 -24.06 1.74
C ALA B 660 1.87 -23.17 0.62
N ASP B 661 1.09 -23.75 -0.31
CA ASP B 661 0.31 -22.96 -1.29
C ASP B 661 -0.70 -22.04 -0.55
N LEU B 662 -0.53 -20.75 -0.75
CA LEU B 662 -1.44 -19.78 -0.18
C LEU B 662 -2.20 -19.06 -1.28
N GLU B 663 -3.51 -19.24 -1.30
CA GLU B 663 -4.19 -18.61 -2.40
C GLU B 663 -4.54 -17.20 -2.03
N VAL B 664 -3.98 -16.22 -2.75
CA VAL B 664 -4.26 -14.81 -2.49
C VAL B 664 -4.83 -14.08 -3.73
N VAL B 665 -5.74 -13.19 -3.52
CA VAL B 665 -6.22 -12.28 -4.56
C VAL B 665 -5.16 -11.20 -4.74
N THR B 666 -5.01 -10.71 -5.95
CA THR B 666 -4.05 -9.69 -6.31
C THR B 666 -4.83 -8.49 -6.87
N1 UP8 C . 23.56 22.53 -24.13
C2 UP8 C . 24.90 22.23 -24.00
C3 UP8 C . 25.42 21.10 -24.63
C4 UP8 C . 26.75 20.77 -24.56
C5 UP8 C . 27.62 21.56 -23.84
C6 UP8 C . 27.16 22.69 -23.17
C7 UP8 C . 28.19 23.48 -22.41
O8 UP8 C . 28.83 24.35 -23.05
O9 UP8 C . 28.35 23.23 -21.19
C10 UP8 C . 25.80 23.04 -23.23
C11 UP8 C . 25.31 24.30 -22.51
O12 UP8 C . 25.67 25.41 -22.97
O13 UP8 C . 24.57 24.15 -21.50
H3 UP8 C . 24.83 20.56 -25.14
H4 UP8 C . 27.09 20.01 -25.00
H5 UP8 C . 28.53 21.33 -23.78
H14 UP8 C . 23.32 23.19 -24.68
H15 UP8 C . 22.96 21.90 -23.91
N1 UP8 D . -37.05 -7.86 14.18
C2 UP8 D . -37.29 -8.97 15.00
C3 UP8 D . -37.11 -8.85 16.38
C4 UP8 D . -37.34 -9.93 17.22
C5 UP8 D . -37.76 -11.14 16.70
C6 UP8 D . -37.95 -11.31 15.33
C7 UP8 D . -38.43 -12.67 14.87
O8 UP8 D . -39.56 -13.04 15.24
O9 UP8 D . -37.66 -13.36 14.13
C10 UP8 D . -37.72 -10.23 14.46
C11 UP8 D . -37.92 -10.37 12.96
O12 UP8 D . -37.08 -9.83 12.20
O13 UP8 D . -38.92 -11.04 12.57
H3 UP8 D . -36.82 -8.03 16.75
H4 UP8 D . -37.22 -9.84 18.15
H5 UP8 D . -37.92 -11.87 17.28
H14 UP8 D . -37.72 -7.53 13.68
H15 UP8 D . -36.29 -7.40 14.28
#